data_2K0N
#
_entry.id   2K0N
#
_entity_poly.entity_id   1
_entity_poly.type   'polypeptide(L)'
_entity_poly.pdbx_seq_one_letter_code
;VQDKDTLSNAERAKNVNGLLQVLMDINTLNGGSSDTADKIRIHAKNFEAALFAKSSSKKEYMDSMNEKVAVMRNTYNTRK
NAVTA
;
_entity_poly.pdbx_strand_id   A
#
# COMPACT_ATOMS: atom_id res chain seq x y z
N VAL A 1 4.13 20.36 -3.86
CA VAL A 1 4.82 21.46 -3.20
C VAL A 1 6.07 21.86 -3.96
N GLN A 2 7.04 20.95 -4.03
CA GLN A 2 8.29 21.22 -4.73
C GLN A 2 8.83 19.94 -5.37
N ASP A 3 8.80 18.85 -4.62
CA ASP A 3 9.28 17.56 -5.11
C ASP A 3 8.15 16.57 -5.25
N LYS A 4 7.12 16.72 -4.42
CA LYS A 4 5.96 15.83 -4.46
C LYS A 4 5.02 16.22 -5.59
N ASP A 5 5.03 17.49 -5.96
CA ASP A 5 4.18 17.98 -7.04
C ASP A 5 4.84 17.76 -8.39
N THR A 6 6.16 17.65 -8.39
CA THR A 6 6.92 17.43 -9.63
C THR A 6 7.16 15.94 -9.86
N LEU A 7 6.49 15.10 -9.10
CA LEU A 7 6.63 13.66 -9.22
C LEU A 7 6.21 13.19 -10.61
N SER A 8 6.75 12.05 -11.04
CA SER A 8 6.43 11.50 -12.35
C SER A 8 5.40 10.38 -12.23
N ASN A 9 5.10 9.74 -13.35
CA ASN A 9 4.12 8.66 -13.37
C ASN A 9 4.72 7.38 -12.78
N ALA A 10 6.05 7.29 -12.78
CA ALA A 10 6.74 6.13 -12.25
C ALA A 10 6.31 5.85 -10.80
N GLU A 11 6.44 6.87 -9.96
CA GLU A 11 6.06 6.74 -8.55
C GLU A 11 4.62 6.24 -8.41
N ARG A 12 3.79 6.59 -9.39
CA ARG A 12 2.39 6.19 -9.37
C ARG A 12 2.26 4.68 -9.61
N ALA A 13 2.90 4.20 -10.67
CA ALA A 13 2.85 2.77 -11.00
C ALA A 13 3.54 1.93 -9.93
N LYS A 14 4.59 2.49 -9.33
CA LYS A 14 5.34 1.79 -8.30
C LYS A 14 4.57 1.79 -6.98
N ASN A 15 4.06 2.96 -6.60
CA ASN A 15 3.30 3.09 -5.36
C ASN A 15 2.14 2.11 -5.32
N VAL A 16 1.33 2.10 -6.38
CA VAL A 16 0.19 1.20 -6.47
C VAL A 16 0.63 -0.25 -6.53
N ASN A 17 1.62 -0.53 -7.37
CA ASN A 17 2.14 -1.89 -7.51
C ASN A 17 2.60 -2.44 -6.17
N GLY A 18 3.35 -1.64 -5.43
CA GLY A 18 3.84 -2.07 -4.12
C GLY A 18 2.71 -2.22 -3.11
N LEU A 19 1.81 -1.25 -3.07
CA LEU A 19 0.69 -1.28 -2.15
C LEU A 19 -0.21 -2.47 -2.43
N LEU A 20 -0.44 -2.75 -3.70
CA LEU A 20 -1.29 -3.86 -4.11
C LEU A 20 -0.70 -5.19 -3.64
N GLN A 21 0.59 -5.40 -3.92
CA GLN A 21 1.27 -6.62 -3.52
C GLN A 21 1.15 -6.85 -2.02
N VAL A 22 1.31 -5.78 -1.25
CA VAL A 22 1.22 -5.86 0.20
C VAL A 22 -0.22 -6.03 0.65
N LEU A 23 -1.06 -5.06 0.30
CA LEU A 23 -2.47 -5.10 0.68
C LEU A 23 -3.09 -6.44 0.32
N MET A 24 -2.83 -6.90 -0.90
CA MET A 24 -3.36 -8.18 -1.38
C MET A 24 -2.78 -9.34 -0.58
N ASP A 25 -1.55 -9.16 -0.10
CA ASP A 25 -0.89 -10.19 0.69
C ASP A 25 -1.65 -10.48 1.98
N ILE A 26 -1.97 -9.42 2.72
CA ILE A 26 -2.70 -9.56 3.97
C ILE A 26 -4.18 -9.85 3.72
N ASN A 27 -4.72 -9.26 2.64
CA ASN A 27 -6.12 -9.46 2.30
C ASN A 27 -6.36 -10.88 1.79
N THR A 28 -5.32 -11.50 1.25
CA THR A 28 -5.42 -12.86 0.73
C THR A 28 -5.19 -13.88 1.83
N LEU A 29 -4.37 -13.51 2.82
CA LEU A 29 -4.07 -14.40 3.93
C LEU A 29 -5.33 -14.77 4.70
N ASN A 30 -6.22 -13.80 4.87
CA ASN A 30 -7.47 -14.02 5.58
C ASN A 30 -8.38 -12.79 5.50
N GLY A 31 -8.19 -12.01 4.43
CA GLY A 31 -9.00 -10.82 4.24
C GLY A 31 -10.14 -11.03 3.28
N GLY A 32 -10.27 -12.26 2.78
CA GLY A 32 -11.33 -12.58 1.85
C GLY A 32 -10.85 -13.43 0.68
N SER A 33 -9.73 -13.04 0.10
CA SER A 33 -9.17 -13.77 -1.04
C SER A 33 -9.98 -13.51 -2.30
N SER A 34 -11.23 -13.94 -2.29
CA SER A 34 -12.11 -13.76 -3.43
C SER A 34 -12.44 -12.29 -3.66
N ASP A 35 -12.83 -11.61 -2.58
CA ASP A 35 -13.17 -10.19 -2.66
C ASP A 35 -11.92 -9.33 -2.56
N THR A 36 -10.77 -9.99 -2.43
CA THR A 36 -9.50 -9.28 -2.32
C THR A 36 -9.33 -8.28 -3.46
N ALA A 37 -9.42 -8.76 -4.68
CA ALA A 37 -9.28 -7.91 -5.86
C ALA A 37 -10.08 -6.62 -5.69
N ASP A 38 -11.25 -6.72 -5.07
CA ASP A 38 -12.10 -5.56 -4.84
C ASP A 38 -11.57 -4.72 -3.69
N LYS A 39 -11.18 -5.38 -2.61
CA LYS A 39 -10.65 -4.68 -1.43
C LYS A 39 -9.37 -3.93 -1.78
N ILE A 40 -8.40 -4.65 -2.33
CA ILE A 40 -7.12 -4.05 -2.71
C ILE A 40 -7.32 -2.97 -3.77
N ARG A 41 -8.33 -3.15 -4.61
CA ARG A 41 -8.62 -2.19 -5.67
C ARG A 41 -8.98 -0.83 -5.08
N ILE A 42 -9.96 -0.82 -4.20
CA ILE A 42 -10.41 0.42 -3.56
C ILE A 42 -9.42 0.86 -2.49
N HIS A 43 -8.85 -0.10 -1.78
CA HIS A 43 -7.88 0.20 -0.72
C HIS A 43 -6.63 0.86 -1.30
N ALA A 44 -6.02 0.22 -2.29
CA ALA A 44 -4.83 0.74 -2.92
C ALA A 44 -5.10 2.09 -3.58
N LYS A 45 -6.14 2.15 -4.40
CA LYS A 45 -6.49 3.39 -5.08
C LYS A 45 -6.73 4.52 -4.08
N ASN A 46 -7.53 4.23 -3.06
CA ASN A 46 -7.82 5.23 -2.03
C ASN A 46 -6.57 5.58 -1.23
N PHE A 47 -5.69 4.60 -1.07
CA PHE A 47 -4.46 4.81 -0.32
C PHE A 47 -3.52 5.76 -1.08
N GLU A 48 -3.23 5.41 -2.33
CA GLU A 48 -2.34 6.22 -3.15
C GLU A 48 -2.87 7.66 -3.26
N ALA A 49 -4.19 7.79 -3.28
CA ALA A 49 -4.82 9.10 -3.38
C ALA A 49 -4.70 9.88 -2.06
N ALA A 50 -4.66 9.14 -0.96
CA ALA A 50 -4.55 9.76 0.36
C ALA A 50 -3.12 10.22 0.63
N LEU A 51 -2.16 9.33 0.39
CA LEU A 51 -0.75 9.64 0.61
C LEU A 51 -0.27 10.70 -0.37
N PHE A 52 -0.83 10.67 -1.58
CA PHE A 52 -0.45 11.62 -2.62
C PHE A 52 -1.07 12.98 -2.35
N ALA A 53 -2.39 13.00 -2.12
CA ALA A 53 -3.09 14.23 -1.84
C ALA A 53 -2.62 14.88 -0.55
N LYS A 54 -2.24 14.04 0.41
CA LYS A 54 -1.77 14.52 1.71
C LYS A 54 -0.25 14.65 1.71
N SER A 55 0.38 14.17 0.64
CA SER A 55 1.83 14.22 0.53
C SER A 55 2.34 15.65 0.72
N SER A 56 3.22 15.83 1.70
CA SER A 56 3.78 17.15 2.00
C SER A 56 5.08 17.37 1.23
N SER A 57 5.69 16.28 0.78
CA SER A 57 6.94 16.35 0.04
C SER A 57 7.38 14.96 -0.42
N LYS A 58 8.40 14.92 -1.27
CA LYS A 58 8.92 13.66 -1.78
C LYS A 58 9.24 12.70 -0.64
N LYS A 59 9.64 13.25 0.49
CA LYS A 59 9.97 12.44 1.67
C LYS A 59 8.70 11.97 2.37
N GLU A 60 7.67 12.81 2.35
CA GLU A 60 6.40 12.47 2.98
C GLU A 60 5.63 11.45 2.16
N TYR A 61 5.80 11.50 0.84
CA TYR A 61 5.12 10.58 -0.06
C TYR A 61 5.67 9.17 0.09
N MET A 62 6.99 9.04 -0.02
CA MET A 62 7.65 7.75 0.11
C MET A 62 7.42 7.16 1.49
N ASP A 63 7.52 8.02 2.51
CA ASP A 63 7.33 7.57 3.89
C ASP A 63 5.88 7.17 4.14
N SER A 64 4.96 7.77 3.38
CA SER A 64 3.54 7.47 3.52
C SER A 64 3.22 6.07 3.02
N MET A 65 3.60 5.80 1.77
CA MET A 65 3.35 4.49 1.17
C MET A 65 4.20 3.42 1.84
N ASN A 66 5.47 3.73 2.10
CA ASN A 66 6.38 2.80 2.73
C ASN A 66 5.86 2.38 4.11
N GLU A 67 5.12 3.28 4.75
CA GLU A 67 4.56 3.01 6.08
C GLU A 67 3.33 2.13 5.97
N LYS A 68 2.47 2.42 4.99
CA LYS A 68 1.26 1.65 4.78
C LYS A 68 1.58 0.22 4.35
N VAL A 69 2.62 0.06 3.54
CA VAL A 69 3.04 -1.25 3.07
C VAL A 69 3.79 -2.01 4.14
N ALA A 70 4.59 -1.29 4.92
CA ALA A 70 5.37 -1.90 5.99
C ALA A 70 4.46 -2.45 7.09
N VAL A 71 3.39 -1.71 7.40
CA VAL A 71 2.45 -2.12 8.42
C VAL A 71 1.53 -3.22 7.91
N MET A 72 1.06 -3.07 6.67
CA MET A 72 0.17 -4.05 6.07
C MET A 72 0.91 -5.36 5.81
N ARG A 73 2.04 -5.27 5.13
CA ARG A 73 2.84 -6.45 4.82
C ARG A 73 3.27 -7.18 6.10
N ASN A 74 3.62 -6.40 7.12
CA ASN A 74 4.05 -6.97 8.39
C ASN A 74 2.93 -7.79 9.03
N THR A 75 1.72 -7.23 9.04
CA THR A 75 0.58 -7.91 9.61
C THR A 75 0.26 -9.20 8.85
N TYR A 76 0.67 -9.25 7.58
CA TYR A 76 0.43 -10.42 6.76
C TYR A 76 1.37 -11.56 7.13
N ASN A 77 2.64 -11.24 7.30
CA ASN A 77 3.64 -12.24 7.66
C ASN A 77 3.58 -12.55 9.15
N THR A 78 3.05 -11.60 9.92
CA THR A 78 2.94 -11.77 11.37
C THR A 78 1.71 -12.60 11.74
N ARG A 79 0.60 -12.33 11.06
CA ARG A 79 -0.64 -13.06 11.31
C ARG A 79 -0.57 -14.48 10.75
N LYS A 80 0.06 -14.61 9.57
CA LYS A 80 0.18 -15.91 8.93
C LYS A 80 1.28 -16.74 9.61
N ASN A 81 2.24 -16.05 10.22
CA ASN A 81 3.34 -16.71 10.90
C ASN A 81 2.83 -17.75 11.90
N ALA A 82 1.86 -17.35 12.70
CA ALA A 82 1.28 -18.24 13.70
C ALA A 82 0.48 -19.36 13.04
N VAL A 83 -0.19 -19.02 11.94
CA VAL A 83 -1.00 -19.99 11.21
C VAL A 83 -0.13 -21.12 10.66
N THR A 84 1.00 -20.74 10.06
CA THR A 84 1.90 -21.71 9.47
C THR A 84 2.74 -22.40 10.56
N ALA A 85 3.01 -21.68 11.64
CA ALA A 85 3.79 -22.21 12.74
C ALA A 85 2.94 -23.13 13.62
N VAL A 1 5.19 21.62 -4.97
CA VAL A 1 5.88 22.79 -4.43
C VAL A 1 7.36 22.78 -4.82
N GLN A 2 8.00 21.62 -4.67
CA GLN A 2 9.40 21.48 -5.02
C GLN A 2 9.71 20.05 -5.49
N ASP A 3 9.19 19.07 -4.75
CA ASP A 3 9.42 17.67 -5.09
C ASP A 3 8.08 16.96 -5.30
N LYS A 4 7.04 17.45 -4.63
CA LYS A 4 5.71 16.85 -4.75
C LYS A 4 5.03 17.28 -6.04
N ASP A 5 5.40 18.45 -6.53
CA ASP A 5 4.82 18.98 -7.77
C ASP A 5 5.55 18.41 -8.99
N THR A 6 6.78 17.95 -8.78
CA THR A 6 7.58 17.39 -9.85
C THR A 6 7.53 15.86 -9.84
N LEU A 7 6.51 15.31 -9.21
CA LEU A 7 6.34 13.86 -9.12
C LEU A 7 6.16 13.25 -10.50
N SER A 8 6.77 12.09 -10.72
CA SER A 8 6.68 11.40 -12.00
C SER A 8 5.65 10.28 -11.93
N ASN A 9 5.38 9.66 -13.09
CA ASN A 9 4.41 8.57 -13.16
C ASN A 9 4.98 7.30 -12.53
N ALA A 10 6.30 7.23 -12.44
CA ALA A 10 6.96 6.07 -11.85
C ALA A 10 6.48 5.82 -10.43
N GLU A 11 6.54 6.85 -9.60
CA GLU A 11 6.10 6.74 -8.21
C GLU A 11 4.66 6.24 -8.13
N ARG A 12 3.87 6.56 -9.16
CA ARG A 12 2.47 6.14 -9.20
C ARG A 12 2.37 4.63 -9.41
N ALA A 13 3.07 4.13 -10.42
CA ALA A 13 3.04 2.70 -10.73
C ALA A 13 3.67 1.90 -9.60
N LYS A 14 4.69 2.47 -8.96
CA LYS A 14 5.38 1.80 -7.87
C LYS A 14 4.53 1.83 -6.59
N ASN A 15 3.99 3.00 -6.28
CA ASN A 15 3.16 3.16 -5.08
C ASN A 15 2.02 2.16 -5.09
N VAL A 16 1.33 2.06 -6.21
CA VAL A 16 0.20 1.14 -6.34
C VAL A 16 0.68 -0.30 -6.42
N ASN A 17 1.84 -0.51 -7.05
CA ASN A 17 2.41 -1.84 -7.18
C ASN A 17 2.76 -2.43 -5.81
N GLY A 18 3.38 -1.62 -4.97
CA GLY A 18 3.76 -2.07 -3.64
C GLY A 18 2.57 -2.21 -2.72
N LEU A 19 1.57 -1.36 -2.91
CA LEU A 19 0.37 -1.39 -2.08
C LEU A 19 -0.55 -2.52 -2.49
N LEU A 20 -0.66 -2.75 -3.80
CA LEU A 20 -1.51 -3.82 -4.33
C LEU A 20 -0.96 -5.19 -3.95
N GLN A 21 0.37 -5.32 -4.01
CA GLN A 21 1.03 -6.58 -3.67
C GLN A 21 0.96 -6.85 -2.17
N VAL A 22 1.12 -5.79 -1.38
CA VAL A 22 1.07 -5.92 0.08
C VAL A 22 -0.36 -6.07 0.57
N LEU A 23 -1.21 -5.10 0.22
CA LEU A 23 -2.61 -5.14 0.63
C LEU A 23 -3.24 -6.47 0.29
N MET A 24 -2.97 -6.97 -0.91
CA MET A 24 -3.51 -8.25 -1.35
C MET A 24 -2.89 -9.40 -0.58
N ASP A 25 -1.65 -9.23 -0.15
CA ASP A 25 -0.94 -10.25 0.61
C ASP A 25 -1.67 -10.56 1.91
N ILE A 26 -2.02 -9.51 2.65
CA ILE A 26 -2.71 -9.67 3.92
C ILE A 26 -4.19 -9.99 3.70
N ASN A 27 -4.76 -9.42 2.65
CA ASN A 27 -6.17 -9.65 2.32
C ASN A 27 -6.39 -11.08 1.84
N THR A 28 -5.33 -11.67 1.27
CA THR A 28 -5.42 -13.04 0.77
C THR A 28 -5.15 -14.06 1.88
N LEU A 29 -4.34 -13.66 2.85
CA LEU A 29 -4.01 -14.55 3.97
C LEU A 29 -5.27 -14.92 4.74
N ASN A 30 -6.16 -13.97 4.92
CA ASN A 30 -7.41 -14.21 5.64
C ASN A 30 -8.33 -12.99 5.57
N GLY A 31 -8.17 -12.20 4.50
CA GLY A 31 -8.99 -11.02 4.34
C GLY A 31 -10.21 -11.28 3.46
N GLY A 32 -10.30 -12.49 2.93
CA GLY A 32 -11.43 -12.84 2.07
C GLY A 32 -11.00 -13.61 0.85
N SER A 33 -9.90 -13.19 0.22
CA SER A 33 -9.39 -13.84 -0.97
C SER A 33 -10.26 -13.50 -2.19
N SER A 34 -11.53 -13.89 -2.12
CA SER A 34 -12.47 -13.62 -3.21
C SER A 34 -12.74 -12.13 -3.36
N ASP A 35 -13.06 -11.49 -2.25
CA ASP A 35 -13.35 -10.06 -2.24
C ASP A 35 -12.05 -9.25 -2.25
N THR A 36 -10.92 -9.95 -2.20
CA THR A 36 -9.62 -9.29 -2.20
C THR A 36 -9.50 -8.29 -3.34
N ALA A 37 -9.65 -8.77 -4.57
CA ALA A 37 -9.57 -7.92 -5.75
C ALA A 37 -10.35 -6.63 -5.54
N ASP A 38 -11.49 -6.73 -4.87
CA ASP A 38 -12.34 -5.57 -4.62
C ASP A 38 -11.75 -4.72 -3.50
N LYS A 39 -11.32 -5.37 -2.41
CA LYS A 39 -10.75 -4.67 -1.28
C LYS A 39 -9.46 -3.95 -1.68
N ILE A 40 -8.53 -4.70 -2.25
CA ILE A 40 -7.25 -4.12 -2.68
C ILE A 40 -7.47 -3.04 -3.74
N ARG A 41 -8.53 -3.17 -4.52
CA ARG A 41 -8.85 -2.21 -5.56
C ARG A 41 -9.17 -0.84 -4.95
N ILE A 42 -10.11 -0.84 -4.01
CA ILE A 42 -10.51 0.40 -3.35
C ILE A 42 -9.48 0.83 -2.31
N HIS A 43 -8.82 -0.16 -1.71
CA HIS A 43 -7.81 0.11 -0.69
C HIS A 43 -6.57 0.75 -1.31
N ALA A 44 -6.02 0.10 -2.32
CA ALA A 44 -4.83 0.60 -3.01
C ALA A 44 -5.11 1.94 -3.67
N LYS A 45 -6.20 2.00 -4.43
CA LYS A 45 -6.58 3.22 -5.13
C LYS A 45 -6.76 4.38 -4.14
N ASN A 46 -7.60 4.17 -3.15
CA ASN A 46 -7.87 5.20 -2.14
C ASN A 46 -6.58 5.60 -1.43
N PHE A 47 -5.80 4.60 -1.02
CA PHE A 47 -4.54 4.83 -0.33
C PHE A 47 -3.65 5.77 -1.13
N GLU A 48 -3.40 5.43 -2.39
CA GLU A 48 -2.57 6.24 -3.26
C GLU A 48 -3.06 7.68 -3.29
N ALA A 49 -4.37 7.85 -3.45
CA ALA A 49 -4.97 9.19 -3.49
C ALA A 49 -4.84 9.89 -2.15
N ALA A 50 -4.82 9.11 -1.07
CA ALA A 50 -4.69 9.67 0.27
C ALA A 50 -3.25 10.11 0.55
N LEU A 51 -2.30 9.23 0.26
CA LEU A 51 -0.89 9.54 0.49
C LEU A 51 -0.40 10.59 -0.50
N PHE A 52 -0.98 10.59 -1.70
CA PHE A 52 -0.60 11.55 -2.73
C PHE A 52 -1.18 12.93 -2.43
N ALA A 53 -2.48 12.96 -2.12
CA ALA A 53 -3.16 14.21 -1.82
C ALA A 53 -2.67 14.80 -0.51
N LYS A 54 -2.32 13.92 0.44
CA LYS A 54 -1.84 14.36 1.74
C LYS A 54 -0.31 14.44 1.74
N SER A 55 0.31 14.08 0.62
CA SER A 55 1.76 14.12 0.50
C SER A 55 2.28 15.54 0.67
N SER A 56 3.13 15.73 1.67
CA SER A 56 3.72 17.05 1.94
C SER A 56 4.98 17.26 1.12
N SER A 57 5.52 16.18 0.58
CA SER A 57 6.74 16.26 -0.22
C SER A 57 7.11 14.89 -0.77
N LYS A 58 8.26 14.80 -1.43
CA LYS A 58 8.73 13.55 -2.01
C LYS A 58 8.98 12.50 -0.92
N LYS A 59 9.42 12.98 0.24
CA LYS A 59 9.71 12.09 1.37
C LYS A 59 8.41 11.65 2.05
N GLU A 60 7.49 12.58 2.21
CA GLU A 60 6.21 12.29 2.85
C GLU A 60 5.40 11.32 2.01
N TYR A 61 5.57 11.39 0.70
CA TYR A 61 4.85 10.50 -0.22
C TYR A 61 5.38 9.08 -0.13
N MET A 62 6.69 8.93 -0.26
CA MET A 62 7.33 7.62 -0.19
C MET A 62 7.23 7.04 1.21
N ASP A 63 7.42 7.89 2.22
CA ASP A 63 7.34 7.46 3.61
C ASP A 63 5.93 6.98 3.95
N SER A 64 4.94 7.57 3.30
CA SER A 64 3.55 7.21 3.54
C SER A 64 3.22 5.85 2.94
N MET A 65 3.56 5.67 1.66
CA MET A 65 3.31 4.42 0.96
C MET A 65 4.19 3.30 1.51
N ASN A 66 5.42 3.66 1.90
CA ASN A 66 6.36 2.69 2.45
C ASN A 66 5.92 2.22 3.83
N GLU A 67 5.18 3.07 4.54
CA GLU A 67 4.70 2.74 5.88
C GLU A 67 3.48 1.82 5.80
N LYS A 68 2.51 2.20 4.97
CA LYS A 68 1.29 1.41 4.82
C LYS A 68 1.62 0.01 4.30
N VAL A 69 2.61 -0.08 3.40
CA VAL A 69 3.01 -1.35 2.84
C VAL A 69 3.87 -2.15 3.83
N ALA A 70 4.67 -1.44 4.61
CA ALA A 70 5.52 -2.07 5.61
C ALA A 70 4.71 -2.62 6.76
N VAL A 71 3.66 -1.90 7.14
CA VAL A 71 2.81 -2.32 8.25
C VAL A 71 1.84 -3.42 7.80
N MET A 72 1.29 -3.26 6.60
CA MET A 72 0.36 -4.24 6.05
C MET A 72 1.06 -5.56 5.76
N ARG A 73 2.15 -5.48 5.01
CA ARG A 73 2.91 -6.68 4.65
C ARG A 73 3.48 -7.35 5.90
N ASN A 74 3.86 -6.55 6.88
CA ASN A 74 4.41 -7.08 8.12
C ASN A 74 3.38 -7.94 8.86
N THR A 75 2.23 -7.35 9.15
CA THR A 75 1.17 -8.07 9.85
C THR A 75 0.75 -9.32 9.09
N TYR A 76 0.99 -9.31 7.78
CA TYR A 76 0.64 -10.43 6.93
C TYR A 76 1.56 -11.63 7.19
N ASN A 77 2.86 -11.37 7.18
CA ASN A 77 3.85 -12.41 7.42
C ASN A 77 3.95 -12.74 8.90
N THR A 78 3.56 -11.79 9.74
CA THR A 78 3.61 -11.97 11.19
C THR A 78 2.42 -12.78 11.68
N ARG A 79 1.22 -12.42 11.20
CA ARG A 79 0.00 -13.12 11.59
C ARG A 79 -0.04 -14.52 10.99
N LYS A 80 0.45 -14.64 9.77
CA LYS A 80 0.46 -15.94 9.08
C LYS A 80 1.56 -16.83 9.64
N ASN A 81 2.59 -16.22 10.19
CA ASN A 81 3.71 -16.96 10.78
C ASN A 81 3.21 -17.91 11.87
N ALA A 82 2.31 -17.42 12.71
CA ALA A 82 1.76 -18.22 13.79
C ALA A 82 0.84 -19.31 13.27
N VAL A 83 0.16 -19.02 12.17
CA VAL A 83 -0.76 -19.97 11.56
C VAL A 83 0.00 -21.16 10.97
N THR A 84 0.99 -20.87 10.14
CA THR A 84 1.80 -21.91 9.51
C THR A 84 2.65 -22.64 10.54
N ALA A 85 2.98 -21.95 11.64
CA ALA A 85 3.78 -22.54 12.70
C ALA A 85 3.08 -23.75 13.31
N VAL A 1 7.18 22.71 -2.72
CA VAL A 1 8.52 23.20 -2.40
C VAL A 1 9.48 22.93 -3.55
N GLN A 2 9.64 21.65 -3.90
CA GLN A 2 10.54 21.26 -4.98
C GLN A 2 10.55 19.75 -5.15
N ASP A 3 10.40 19.03 -4.05
CA ASP A 3 10.39 17.57 -4.09
C ASP A 3 9.40 17.06 -5.13
N LYS A 4 8.23 17.69 -5.20
CA LYS A 4 7.22 17.31 -6.16
C LYS A 4 7.79 17.18 -7.56
N ASP A 5 8.86 17.92 -7.82
CA ASP A 5 9.51 17.89 -9.13
C ASP A 5 9.84 16.45 -9.54
N THR A 6 9.97 15.58 -8.55
CA THR A 6 10.28 14.18 -8.81
C THR A 6 9.03 13.31 -8.70
N LEU A 7 8.01 13.84 -8.05
CA LEU A 7 6.75 13.11 -7.86
C LEU A 7 5.94 13.12 -9.16
N SER A 8 6.30 12.23 -10.08
CA SER A 8 5.60 12.15 -11.36
C SER A 8 4.62 10.97 -11.36
N ASN A 9 4.08 10.66 -12.53
CA ASN A 9 3.12 9.56 -12.66
C ASN A 9 3.75 8.24 -12.25
N ALA A 10 5.08 8.18 -12.31
CA ALA A 10 5.81 6.98 -11.93
C ALA A 10 5.49 6.56 -10.50
N GLU A 11 5.63 7.49 -9.57
CA GLU A 11 5.36 7.22 -8.16
C GLU A 11 3.95 6.68 -7.98
N ARG A 12 3.04 7.08 -8.87
CA ARG A 12 1.66 6.65 -8.80
C ARG A 12 1.54 5.16 -9.14
N ALA A 13 2.14 4.77 -10.26
CA ALA A 13 2.11 3.38 -10.69
C ALA A 13 2.86 2.47 -9.71
N LYS A 14 3.94 2.99 -9.16
CA LYS A 14 4.75 2.24 -8.21
C LYS A 14 4.05 2.13 -6.86
N ASN A 15 3.52 3.26 -6.38
CA ASN A 15 2.83 3.30 -5.10
C ASN A 15 1.69 2.27 -5.07
N VAL A 16 0.84 2.32 -6.09
CA VAL A 16 -0.28 1.38 -6.18
C VAL A 16 0.20 -0.05 -6.28
N ASN A 17 1.15 -0.30 -7.17
CA ASN A 17 1.70 -1.64 -7.37
C ASN A 17 2.18 -2.22 -6.04
N GLY A 18 2.94 -1.43 -5.29
CA GLY A 18 3.45 -1.89 -4.00
C GLY A 18 2.34 -2.15 -3.00
N LEU A 19 1.37 -1.24 -2.94
CA LEU A 19 0.26 -1.37 -2.02
C LEU A 19 -0.62 -2.57 -2.39
N LEU A 20 -0.68 -2.87 -3.68
CA LEU A 20 -1.48 -4.00 -4.16
C LEU A 20 -0.88 -5.33 -3.70
N GLN A 21 0.41 -5.50 -3.97
CA GLN A 21 1.11 -6.73 -3.58
C GLN A 21 1.04 -6.94 -2.08
N VAL A 22 1.16 -5.85 -1.32
CA VAL A 22 1.12 -5.92 0.13
C VAL A 22 -0.31 -6.14 0.62
N LEU A 23 -1.20 -5.21 0.28
CA LEU A 23 -2.59 -5.30 0.69
C LEU A 23 -3.17 -6.68 0.34
N MET A 24 -2.91 -7.13 -0.88
CA MET A 24 -3.41 -8.42 -1.34
C MET A 24 -2.77 -9.55 -0.55
N ASP A 25 -1.53 -9.34 -0.10
CA ASP A 25 -0.81 -10.34 0.66
C ASP A 25 -1.53 -10.65 1.97
N ILE A 26 -1.84 -9.59 2.73
CA ILE A 26 -2.53 -9.76 4.00
C ILE A 26 -4.01 -10.07 3.79
N ASN A 27 -4.59 -9.50 2.75
CA ASN A 27 -6.00 -9.72 2.44
C ASN A 27 -6.23 -11.14 1.95
N THR A 28 -5.19 -11.75 1.37
CA THR A 28 -5.29 -13.11 0.87
C THR A 28 -4.97 -14.12 1.95
N LEU A 29 -4.12 -13.73 2.89
CA LEU A 29 -3.73 -14.61 3.99
C LEU A 29 -4.95 -15.01 4.82
N ASN A 30 -5.85 -14.05 5.04
CA ASN A 30 -7.06 -14.30 5.82
C ASN A 30 -8.00 -13.10 5.76
N GLY A 31 -7.90 -12.32 4.68
CA GLY A 31 -8.75 -11.16 4.52
C GLY A 31 -9.89 -11.39 3.55
N GLY A 32 -10.03 -12.63 3.09
CA GLY A 32 -11.08 -12.96 2.15
C GLY A 32 -10.57 -13.75 0.96
N SER A 33 -9.46 -13.32 0.39
CA SER A 33 -8.87 -13.99 -0.77
C SER A 33 -9.68 -13.70 -2.03
N SER A 34 -10.94 -14.13 -2.02
CA SER A 34 -11.82 -13.92 -3.17
C SER A 34 -12.15 -12.44 -3.35
N ASP A 35 -12.54 -11.79 -2.26
CA ASP A 35 -12.87 -10.37 -2.30
C ASP A 35 -11.61 -9.52 -2.25
N THR A 36 -10.47 -10.17 -2.07
CA THR A 36 -9.19 -9.47 -2.00
C THR A 36 -9.01 -8.51 -3.18
N ALA A 37 -9.45 -8.95 -4.35
CA ALA A 37 -9.35 -8.14 -5.56
C ALA A 37 -10.17 -6.86 -5.43
N ASP A 38 -11.35 -6.98 -4.82
CA ASP A 38 -12.23 -5.83 -4.63
C ASP A 38 -11.70 -4.92 -3.52
N LYS A 39 -11.21 -5.52 -2.45
CA LYS A 39 -10.68 -4.76 -1.32
C LYS A 39 -9.38 -4.04 -1.71
N ILE A 40 -8.47 -4.78 -2.33
CA ILE A 40 -7.20 -4.21 -2.75
C ILE A 40 -7.40 -3.13 -3.80
N ARG A 41 -8.45 -3.28 -4.61
CA ARG A 41 -8.75 -2.31 -5.64
C ARG A 41 -9.19 -0.98 -5.04
N ILE A 42 -10.17 -1.03 -4.14
CA ILE A 42 -10.67 0.16 -3.48
C ILE A 42 -9.67 0.69 -2.45
N HIS A 43 -8.94 -0.22 -1.83
CA HIS A 43 -7.94 0.15 -0.83
C HIS A 43 -6.74 0.83 -1.47
N ALA A 44 -6.15 0.16 -2.46
CA ALA A 44 -5.00 0.70 -3.16
C ALA A 44 -5.32 2.04 -3.80
N LYS A 45 -6.54 2.15 -4.34
CA LYS A 45 -6.97 3.38 -4.99
C LYS A 45 -7.25 4.47 -3.95
N ASN A 46 -8.08 4.16 -2.97
CA ASN A 46 -8.42 5.11 -1.92
C ASN A 46 -7.18 5.60 -1.19
N PHE A 47 -6.34 4.66 -0.77
CA PHE A 47 -5.11 4.99 -0.06
C PHE A 47 -4.22 5.88 -0.92
N GLU A 48 -3.96 5.44 -2.15
CA GLU A 48 -3.11 6.21 -3.07
C GLU A 48 -3.62 7.63 -3.21
N ALA A 49 -4.93 7.79 -3.37
CA ALA A 49 -5.53 9.10 -3.51
C ALA A 49 -5.40 9.92 -2.24
N ALA A 50 -5.38 9.22 -1.10
CA ALA A 50 -5.25 9.88 0.20
C ALA A 50 -3.83 10.35 0.44
N LEU A 51 -2.87 9.45 0.20
CA LEU A 51 -1.45 9.77 0.40
C LEU A 51 -0.97 10.75 -0.66
N PHE A 52 -1.55 10.65 -1.86
CA PHE A 52 -1.16 11.52 -2.96
C PHE A 52 -1.76 12.91 -2.78
N ALA A 53 -3.06 12.96 -2.51
CA ALA A 53 -3.75 14.23 -2.31
C ALA A 53 -3.24 14.94 -1.06
N LYS A 54 -2.90 14.16 -0.04
CA LYS A 54 -2.41 14.71 1.22
C LYS A 54 -0.88 14.79 1.21
N SER A 55 -0.28 14.32 0.12
CA SER A 55 1.17 14.35 0.00
C SER A 55 1.71 15.77 0.08
N SER A 56 2.61 16.01 1.03
CA SER A 56 3.19 17.33 1.22
C SER A 56 4.57 17.41 0.58
N SER A 57 5.17 16.24 0.34
CA SER A 57 6.50 16.18 -0.27
C SER A 57 6.93 14.74 -0.50
N LYS A 58 8.07 14.56 -1.16
CA LYS A 58 8.59 13.22 -1.43
C LYS A 58 8.66 12.39 -0.16
N LYS A 59 8.84 13.05 0.98
CA LYS A 59 8.92 12.38 2.26
C LYS A 59 7.53 11.95 2.74
N GLU A 60 6.61 12.91 2.77
CA GLU A 60 5.25 12.64 3.21
C GLU A 60 4.58 11.60 2.32
N TYR A 61 4.92 11.63 1.03
CA TYR A 61 4.36 10.69 0.07
C TYR A 61 4.97 9.30 0.24
N MET A 62 6.29 9.22 0.17
CA MET A 62 7.00 7.96 0.32
C MET A 62 6.71 7.33 1.67
N ASP A 63 6.84 8.12 2.72
CA ASP A 63 6.59 7.64 4.08
C ASP A 63 5.15 7.18 4.24
N SER A 64 4.26 7.81 3.48
CA SER A 64 2.84 7.46 3.54
C SER A 64 2.60 6.05 3.02
N MET A 65 3.01 5.80 1.78
CA MET A 65 2.85 4.49 1.17
C MET A 65 3.74 3.45 1.85
N ASN A 66 4.98 3.83 2.13
CA ASN A 66 5.93 2.94 2.79
C ASN A 66 5.40 2.48 4.14
N GLU A 67 4.59 3.33 4.76
CA GLU A 67 4.01 3.02 6.07
C GLU A 67 2.85 2.05 5.93
N LYS A 68 1.91 2.39 5.04
CA LYS A 68 0.74 1.55 4.81
C LYS A 68 1.15 0.14 4.37
N VAL A 69 2.19 0.06 3.55
CA VAL A 69 2.69 -1.22 3.07
C VAL A 69 3.49 -1.94 4.14
N ALA A 70 4.23 -1.18 4.92
CA ALA A 70 5.05 -1.74 5.99
C ALA A 70 4.18 -2.38 7.07
N VAL A 71 3.07 -1.73 7.39
CA VAL A 71 2.15 -2.22 8.41
C VAL A 71 1.31 -3.36 7.87
N MET A 72 0.84 -3.22 6.63
CA MET A 72 0.02 -4.25 6.00
C MET A 72 0.84 -5.51 5.72
N ARG A 73 1.97 -5.34 5.04
CA ARG A 73 2.84 -6.45 4.71
C ARG A 73 3.32 -7.15 5.98
N ASN A 74 3.63 -6.37 7.00
CA ASN A 74 4.12 -6.91 8.26
C ASN A 74 3.06 -7.82 8.89
N THR A 75 1.82 -7.36 8.93
CA THR A 75 0.73 -8.13 9.51
C THR A 75 0.49 -9.41 8.72
N TYR A 76 0.89 -9.40 7.46
CA TYR A 76 0.71 -10.58 6.60
C TYR A 76 1.72 -11.67 6.96
N ASN A 77 2.98 -11.27 7.12
CA ASN A 77 4.04 -12.21 7.46
C ASN A 77 4.02 -12.52 8.95
N THR A 78 3.45 -11.62 9.74
CA THR A 78 3.37 -11.80 11.18
C THR A 78 2.22 -12.72 11.56
N ARG A 79 1.08 -12.53 10.91
CA ARG A 79 -0.10 -13.34 11.18
C ARG A 79 0.04 -14.74 10.57
N LYS A 80 0.69 -14.80 9.41
CA LYS A 80 0.89 -16.08 8.72
C LYS A 80 2.03 -16.86 9.38
N ASN A 81 2.95 -16.14 10.01
CA ASN A 81 4.08 -16.76 10.69
C ASN A 81 3.61 -17.79 11.71
N ALA A 82 2.62 -17.42 12.51
CA ALA A 82 2.07 -18.31 13.52
C ALA A 82 1.31 -19.46 12.89
N VAL A 83 0.69 -19.20 11.75
CA VAL A 83 -0.08 -20.21 11.04
C VAL A 83 0.83 -21.30 10.47
N THR A 84 1.74 -20.89 9.59
CA THR A 84 2.67 -21.82 8.96
C THR A 84 3.47 -22.58 10.03
N ALA A 85 3.74 -21.93 11.14
CA ALA A 85 4.49 -22.53 12.23
C ALA A 85 3.59 -23.41 13.10
N VAL A 1 5.18 21.46 -5.15
CA VAL A 1 5.74 22.58 -4.40
C VAL A 1 7.23 22.75 -4.68
N GLN A 2 7.95 21.62 -4.69
CA GLN A 2 9.38 21.64 -4.95
C GLN A 2 9.95 20.23 -4.91
N ASP A 3 9.62 19.49 -3.86
CA ASP A 3 10.10 18.11 -3.70
C ASP A 3 9.41 17.19 -4.68
N LYS A 4 8.16 17.50 -5.02
CA LYS A 4 7.39 16.69 -5.95
C LYS A 4 8.16 16.44 -7.23
N ASP A 5 9.08 17.36 -7.56
CA ASP A 5 9.89 17.24 -8.76
C ASP A 5 10.64 15.91 -8.78
N THR A 6 10.86 15.35 -7.59
CA THR A 6 11.57 14.07 -7.47
C THR A 6 10.64 12.89 -7.71
N LEU A 7 9.34 13.11 -7.50
CA LEU A 7 8.34 12.07 -7.70
C LEU A 7 7.41 12.42 -8.85
N SER A 8 7.52 11.68 -9.95
CA SER A 8 6.69 11.93 -11.13
C SER A 8 5.54 10.92 -11.18
N ASN A 9 4.84 10.91 -12.31
CA ASN A 9 3.71 10.01 -12.49
C ASN A 9 4.14 8.55 -12.33
N ALA A 10 5.44 8.30 -12.52
CA ALA A 10 5.98 6.95 -12.40
C ALA A 10 5.80 6.42 -10.98
N GLU A 11 6.13 7.23 -10.00
CA GLU A 11 6.00 6.83 -8.61
C GLU A 11 4.58 6.37 -8.30
N ARG A 12 3.62 6.91 -9.04
CA ARG A 12 2.21 6.56 -8.84
C ARG A 12 1.97 5.10 -9.20
N ALA A 13 2.43 4.69 -10.38
CA ALA A 13 2.26 3.32 -10.83
C ALA A 13 3.01 2.35 -9.93
N LYS A 14 4.25 2.70 -9.58
CA LYS A 14 5.06 1.86 -8.72
C LYS A 14 4.46 1.76 -7.32
N ASN A 15 4.07 2.92 -6.77
CA ASN A 15 3.48 2.96 -5.44
C ASN A 15 2.29 2.01 -5.34
N VAL A 16 1.43 2.03 -6.35
CA VAL A 16 0.26 1.17 -6.36
C VAL A 16 0.65 -0.30 -6.45
N ASN A 17 1.72 -0.57 -7.19
CA ASN A 17 2.21 -1.94 -7.36
C ASN A 17 2.58 -2.55 -6.01
N GLY A 18 3.31 -1.79 -5.20
CA GLY A 18 3.72 -2.26 -3.90
C GLY A 18 2.56 -2.35 -2.92
N LEU A 19 1.56 -1.49 -3.11
CA LEU A 19 0.40 -1.48 -2.24
C LEU A 19 -0.55 -2.62 -2.58
N LEU A 20 -0.71 -2.88 -3.87
CA LEU A 20 -1.59 -3.94 -4.33
C LEU A 20 -1.04 -5.32 -3.94
N GLN A 21 0.27 -5.47 -4.04
CA GLN A 21 0.92 -6.73 -3.70
C GLN A 21 0.90 -6.95 -2.19
N VAL A 22 1.12 -5.87 -1.43
CA VAL A 22 1.12 -5.96 0.02
C VAL A 22 -0.30 -6.08 0.57
N LEU A 23 -1.14 -5.11 0.24
CA LEU A 23 -2.53 -5.11 0.69
C LEU A 23 -3.20 -6.45 0.41
N MET A 24 -2.97 -6.98 -0.78
CA MET A 24 -3.55 -8.26 -1.17
C MET A 24 -2.91 -9.41 -0.39
N ASP A 25 -1.65 -9.23 -0.02
CA ASP A 25 -0.92 -10.25 0.74
C ASP A 25 -1.60 -10.53 2.07
N ILE A 26 -1.89 -9.47 2.81
CA ILE A 26 -2.54 -9.60 4.11
C ILE A 26 -4.03 -9.88 3.96
N ASN A 27 -4.63 -9.30 2.91
CA ASN A 27 -6.05 -9.50 2.64
C ASN A 27 -6.33 -10.92 2.18
N THR A 28 -5.33 -11.54 1.56
CA THR A 28 -5.46 -12.90 1.06
C THR A 28 -5.16 -13.93 2.15
N LEU A 29 -4.28 -13.56 3.07
CA LEU A 29 -3.90 -14.45 4.17
C LEU A 29 -5.13 -14.81 5.02
N ASN A 30 -6.00 -13.83 5.23
CA ASN A 30 -7.21 -14.05 6.01
C ASN A 30 -8.11 -12.82 5.99
N GLY A 31 -8.00 -12.03 4.92
CA GLY A 31 -8.81 -10.84 4.80
C GLY A 31 -9.98 -11.02 3.86
N GLY A 32 -10.16 -12.25 3.36
CA GLY A 32 -11.25 -12.53 2.46
C GLY A 32 -10.81 -13.34 1.26
N SER A 33 -9.71 -12.93 0.64
CA SER A 33 -9.19 -13.62 -0.53
C SER A 33 -10.05 -13.35 -1.76
N SER A 34 -11.31 -13.76 -1.70
CA SER A 34 -12.24 -13.56 -2.80
C SER A 34 -12.55 -12.08 -2.98
N ASP A 35 -12.90 -11.42 -1.89
CA ASP A 35 -13.24 -9.99 -1.93
C ASP A 35 -11.97 -9.14 -1.88
N THR A 36 -10.82 -9.81 -1.86
CA THR A 36 -9.53 -9.11 -1.81
C THR A 36 -9.37 -8.16 -3.00
N ALA A 37 -9.45 -8.72 -4.20
CA ALA A 37 -9.31 -7.92 -5.41
C ALA A 37 -10.14 -6.64 -5.32
N ASP A 38 -11.31 -6.74 -4.71
CA ASP A 38 -12.20 -5.59 -4.56
C ASP A 38 -11.71 -4.68 -3.44
N LYS A 39 -11.36 -5.27 -2.31
CA LYS A 39 -10.88 -4.50 -1.16
C LYS A 39 -9.60 -3.76 -1.51
N ILE A 40 -8.61 -4.48 -2.00
CA ILE A 40 -7.33 -3.89 -2.38
C ILE A 40 -7.51 -2.87 -3.50
N ARG A 41 -8.51 -3.10 -4.34
CA ARG A 41 -8.79 -2.20 -5.46
C ARG A 41 -9.17 -0.81 -4.96
N ILE A 42 -10.15 -0.76 -4.07
CA ILE A 42 -10.61 0.51 -3.50
C ILE A 42 -9.66 1.01 -2.42
N HIS A 43 -9.09 0.08 -1.68
CA HIS A 43 -8.15 0.41 -0.61
C HIS A 43 -6.88 1.05 -1.18
N ALA A 44 -6.24 0.36 -2.11
CA ALA A 44 -5.03 0.86 -2.74
C ALA A 44 -5.30 2.15 -3.50
N LYS A 45 -6.30 2.12 -4.38
CA LYS A 45 -6.65 3.30 -5.17
C LYS A 45 -6.90 4.50 -4.27
N ASN A 46 -7.74 4.31 -3.27
CA ASN A 46 -8.07 5.39 -2.33
C ASN A 46 -6.84 5.83 -1.55
N PHE A 47 -6.07 4.85 -1.07
CA PHE A 47 -4.86 5.13 -0.32
C PHE A 47 -3.91 6.04 -1.11
N GLU A 48 -3.57 5.60 -2.32
CA GLU A 48 -2.68 6.36 -3.18
C GLU A 48 -3.18 7.79 -3.37
N ALA A 49 -4.47 7.92 -3.65
CA ALA A 49 -5.09 9.23 -3.85
C ALA A 49 -5.07 10.04 -2.56
N ALA A 50 -5.12 9.36 -1.43
CA ALA A 50 -5.11 10.03 -0.13
C ALA A 50 -3.70 10.51 0.22
N LEU A 51 -2.73 9.63 0.08
CA LEU A 51 -1.34 9.96 0.39
C LEU A 51 -0.78 10.93 -0.64
N PHE A 52 -1.25 10.82 -1.88
CA PHE A 52 -0.79 11.69 -2.95
C PHE A 52 -1.41 13.08 -2.83
N ALA A 53 -2.72 13.12 -2.65
CA ALA A 53 -3.43 14.39 -2.51
C ALA A 53 -3.05 15.10 -1.21
N LYS A 54 -2.77 14.31 -0.17
CA LYS A 54 -2.40 14.86 1.12
C LYS A 54 -0.88 14.95 1.25
N SER A 55 -0.17 14.45 0.24
CA SER A 55 1.28 14.46 0.24
C SER A 55 1.81 15.88 0.45
N SER A 56 2.60 16.06 1.50
CA SER A 56 3.17 17.37 1.81
C SER A 56 4.55 17.52 1.18
N SER A 57 5.18 16.40 0.85
CA SER A 57 6.50 16.41 0.24
C SER A 57 6.96 14.98 -0.10
N LYS A 58 8.03 14.88 -0.88
CA LYS A 58 8.57 13.59 -1.27
C LYS A 58 8.78 12.69 -0.05
N LYS A 59 9.05 13.31 1.09
CA LYS A 59 9.28 12.58 2.33
C LYS A 59 7.96 12.09 2.92
N GLU A 60 6.92 12.92 2.79
CA GLU A 60 5.60 12.58 3.32
C GLU A 60 4.91 11.56 2.42
N TYR A 61 5.20 11.63 1.13
CA TYR A 61 4.60 10.71 0.16
C TYR A 61 5.20 9.31 0.29
N MET A 62 6.52 9.23 0.22
CA MET A 62 7.22 7.96 0.33
C MET A 62 6.97 7.33 1.69
N ASP A 63 6.91 8.15 2.73
CA ASP A 63 6.69 7.67 4.08
C ASP A 63 5.25 7.18 4.25
N SER A 64 4.35 7.72 3.44
CA SER A 64 2.94 7.33 3.49
C SER A 64 2.74 5.94 2.90
N MET A 65 3.27 5.73 1.70
CA MET A 65 3.14 4.44 1.03
C MET A 65 4.02 3.39 1.70
N ASN A 66 5.24 3.77 2.07
CA ASN A 66 6.17 2.86 2.71
C ASN A 66 5.62 2.41 4.07
N GLU A 67 4.81 3.26 4.68
CA GLU A 67 4.23 2.95 5.99
C GLU A 67 3.05 2.00 5.85
N LYS A 68 2.14 2.32 4.93
CA LYS A 68 0.96 1.50 4.70
C LYS A 68 1.36 0.09 4.25
N VAL A 69 2.41 0.01 3.45
CA VAL A 69 2.91 -1.27 2.96
C VAL A 69 3.70 -2.00 4.03
N ALA A 70 4.44 -1.24 4.84
CA ALA A 70 5.24 -1.82 5.91
C ALA A 70 4.35 -2.45 6.98
N VAL A 71 3.24 -1.79 7.29
CA VAL A 71 2.31 -2.28 8.29
C VAL A 71 1.45 -3.42 7.74
N MET A 72 0.98 -3.25 6.51
CA MET A 72 0.15 -4.26 5.88
C MET A 72 0.96 -5.53 5.60
N ARG A 73 2.09 -5.38 4.96
CA ARG A 73 2.95 -6.52 4.64
C ARG A 73 3.45 -7.20 5.91
N ASN A 74 3.69 -6.40 6.95
CA ASN A 74 4.17 -6.93 8.22
C ASN A 74 3.13 -7.88 8.84
N THR A 75 1.92 -7.38 9.03
CA THR A 75 0.84 -8.18 9.61
C THR A 75 0.58 -9.42 8.77
N TYR A 76 0.93 -9.35 7.49
CA TYR A 76 0.72 -10.47 6.58
C TYR A 76 1.68 -11.62 6.89
N ASN A 77 2.96 -11.28 7.03
CA ASN A 77 3.98 -12.28 7.32
C ASN A 77 3.99 -12.62 8.81
N THR A 78 3.48 -11.71 9.63
CA THR A 78 3.42 -11.92 11.07
C THR A 78 2.25 -12.81 11.45
N ARG A 79 1.10 -12.56 10.84
CA ARG A 79 -0.09 -13.34 11.12
C ARG A 79 -0.01 -14.72 10.48
N LYS A 80 0.55 -14.77 9.28
CA LYS A 80 0.71 -16.03 8.56
C LYS A 80 1.83 -16.87 9.15
N ASN A 81 2.79 -16.20 9.78
CA ASN A 81 3.93 -16.89 10.40
C ASN A 81 3.46 -17.92 11.41
N ALA A 82 2.48 -17.54 12.24
CA ALA A 82 1.94 -18.44 13.24
C ALA A 82 1.19 -19.59 12.61
N VAL A 83 0.52 -19.32 11.50
CA VAL A 83 -0.23 -20.34 10.78
C VAL A 83 0.69 -21.36 10.14
N THR A 84 1.63 -20.89 9.33
CA THR A 84 2.58 -21.76 8.66
C THR A 84 3.45 -22.52 9.66
N ALA A 85 3.70 -21.89 10.80
CA ALA A 85 4.50 -22.50 11.85
C ALA A 85 3.72 -23.56 12.61
N VAL A 1 4.44 21.23 -4.15
CA VAL A 1 4.96 22.52 -3.70
C VAL A 1 6.40 22.71 -4.14
N GLN A 2 7.21 21.67 -3.98
CA GLN A 2 8.61 21.72 -4.36
C GLN A 2 9.11 20.34 -4.78
N ASP A 3 8.76 19.33 -3.99
CA ASP A 3 9.18 17.95 -4.27
C ASP A 3 7.98 17.09 -4.62
N LYS A 4 6.83 17.41 -4.03
CA LYS A 4 5.60 16.66 -4.27
C LYS A 4 4.98 17.06 -5.61
N ASP A 5 5.17 18.31 -6.01
CA ASP A 5 4.63 18.81 -7.26
C ASP A 5 5.44 18.29 -8.44
N THR A 6 6.69 17.93 -8.20
CA THR A 6 7.57 17.41 -9.24
C THR A 6 7.49 15.89 -9.34
N LEU A 7 6.50 15.32 -8.66
CA LEU A 7 6.31 13.88 -8.67
C LEU A 7 6.03 13.37 -10.08
N SER A 8 6.59 12.20 -10.40
CA SER A 8 6.41 11.61 -11.72
C SER A 8 5.34 10.52 -11.68
N ASN A 9 4.95 10.04 -12.85
CA ASN A 9 3.94 9.00 -12.96
C ASN A 9 4.50 7.66 -12.51
N ALA A 10 5.82 7.52 -12.55
CA ALA A 10 6.48 6.29 -12.15
C ALA A 10 6.14 5.93 -10.70
N GLU A 11 6.33 6.90 -9.80
CA GLU A 11 6.05 6.69 -8.38
C GLU A 11 4.61 6.21 -8.18
N ARG A 12 3.73 6.62 -9.07
CA ARG A 12 2.32 6.23 -9.00
C ARG A 12 2.16 4.74 -9.26
N ALA A 13 2.73 4.26 -10.35
CA ALA A 13 2.65 2.86 -10.71
C ALA A 13 3.36 1.98 -9.68
N LYS A 14 4.44 2.50 -9.11
CA LYS A 14 5.21 1.77 -8.11
C LYS A 14 4.46 1.72 -6.78
N ASN A 15 3.98 2.88 -6.33
CA ASN A 15 3.24 2.96 -5.07
C ASN A 15 2.06 1.98 -5.06
N VAL A 16 1.27 2.00 -6.13
CA VAL A 16 0.12 1.11 -6.25
C VAL A 16 0.56 -0.34 -6.28
N ASN A 17 1.51 -0.65 -7.15
CA ASN A 17 2.02 -2.01 -7.28
C ASN A 17 2.48 -2.55 -5.93
N GLY A 18 3.27 -1.77 -5.21
CA GLY A 18 3.75 -2.19 -3.91
C GLY A 18 2.64 -2.35 -2.90
N LEU A 19 1.72 -1.40 -2.86
CA LEU A 19 0.60 -1.44 -1.94
C LEU A 19 -0.29 -2.64 -2.22
N LEU A 20 -0.49 -2.94 -3.50
CA LEU A 20 -1.32 -4.06 -3.91
C LEU A 20 -0.74 -5.38 -3.40
N GLN A 21 0.54 -5.61 -3.70
CA GLN A 21 1.21 -6.83 -3.27
C GLN A 21 1.12 -7.00 -1.76
N VAL A 22 1.28 -5.91 -1.03
CA VAL A 22 1.22 -5.94 0.43
C VAL A 22 -0.22 -6.14 0.91
N LEU A 23 -1.09 -5.19 0.56
CA LEU A 23 -2.49 -5.26 0.96
C LEU A 23 -3.09 -6.62 0.61
N MET A 24 -2.86 -7.07 -0.63
CA MET A 24 -3.37 -8.36 -1.07
C MET A 24 -2.77 -9.50 -0.27
N ASP A 25 -1.55 -9.30 0.22
CA ASP A 25 -0.86 -10.31 1.01
C ASP A 25 -1.62 -10.59 2.31
N ILE A 26 -1.90 -9.54 3.06
CA ILE A 26 -2.61 -9.67 4.32
C ILE A 26 -4.10 -9.89 4.08
N ASN A 27 -4.63 -9.28 3.03
CA ASN A 27 -6.04 -9.43 2.69
C ASN A 27 -6.37 -10.87 2.32
N THR A 28 -5.35 -11.61 1.89
CA THR A 28 -5.54 -13.00 1.50
C THR A 28 -5.57 -13.92 2.72
N LEU A 29 -4.87 -13.51 3.77
CA LEU A 29 -4.80 -14.28 5.00
C LEU A 29 -6.19 -14.43 5.62
N ASN A 30 -6.91 -13.31 5.72
CA ASN A 30 -8.25 -13.31 6.29
C ASN A 30 -9.01 -12.04 5.92
N GLY A 31 -8.53 -11.37 4.87
CA GLY A 31 -9.17 -10.15 4.43
C GLY A 31 -10.37 -10.41 3.54
N GLY A 32 -10.52 -11.66 3.10
CA GLY A 32 -11.63 -12.01 2.24
C GLY A 32 -11.25 -13.03 1.18
N SER A 33 -10.08 -12.84 0.58
CA SER A 33 -9.60 -13.74 -0.45
C SER A 33 -10.37 -13.54 -1.76
N SER A 34 -11.65 -13.91 -1.74
CA SER A 34 -12.50 -13.77 -2.92
C SER A 34 -12.75 -12.29 -3.23
N ASP A 35 -13.11 -11.53 -2.21
CA ASP A 35 -13.38 -10.10 -2.37
C ASP A 35 -12.08 -9.30 -2.35
N THR A 36 -10.96 -10.00 -2.26
CA THR A 36 -9.65 -9.35 -2.23
C THR A 36 -9.51 -8.35 -3.37
N ALA A 37 -9.67 -8.84 -4.60
CA ALA A 37 -9.56 -7.98 -5.78
C ALA A 37 -10.31 -6.67 -5.58
N ASP A 38 -11.46 -6.75 -4.91
CA ASP A 38 -12.26 -5.57 -4.65
C ASP A 38 -11.68 -4.74 -3.51
N LYS A 39 -11.26 -5.41 -2.44
CA LYS A 39 -10.67 -4.74 -1.30
C LYS A 39 -9.38 -4.03 -1.68
N ILE A 40 -8.45 -4.76 -2.28
CA ILE A 40 -7.18 -4.20 -2.70
C ILE A 40 -7.38 -3.11 -3.75
N ARG A 41 -8.43 -3.27 -4.55
CA ARG A 41 -8.73 -2.30 -5.60
C ARG A 41 -9.05 -0.93 -5.01
N ILE A 42 -9.97 -0.90 -4.07
CA ILE A 42 -10.36 0.34 -3.42
C ILE A 42 -9.33 0.77 -2.38
N HIS A 43 -8.74 -0.21 -1.70
CA HIS A 43 -7.74 0.06 -0.68
C HIS A 43 -6.49 0.68 -1.29
N ALA A 44 -5.93 0.02 -2.30
CA ALA A 44 -4.74 0.51 -2.98
C ALA A 44 -5.01 1.83 -3.67
N LYS A 45 -6.08 1.87 -4.47
CA LYS A 45 -6.44 3.07 -5.20
C LYS A 45 -6.62 4.25 -4.24
N ASN A 46 -7.38 4.04 -3.17
CA ASN A 46 -7.63 5.09 -2.19
C ASN A 46 -6.34 5.46 -1.47
N PHE A 47 -5.56 4.45 -1.09
CA PHE A 47 -4.30 4.68 -0.39
C PHE A 47 -3.38 5.60 -1.20
N GLU A 48 -3.13 5.21 -2.45
CA GLU A 48 -2.26 5.99 -3.33
C GLU A 48 -2.77 7.43 -3.45
N ALA A 49 -4.08 7.57 -3.64
CA ALA A 49 -4.69 8.89 -3.77
C ALA A 49 -4.57 9.67 -2.47
N ALA A 50 -4.57 8.97 -1.35
CA ALA A 50 -4.46 9.59 -0.04
C ALA A 50 -3.04 10.05 0.24
N LEU A 51 -2.09 9.17 0.01
CA LEU A 51 -0.68 9.48 0.24
C LEU A 51 -0.18 10.49 -0.79
N PHE A 52 -0.73 10.42 -2.00
CA PHE A 52 -0.34 11.32 -3.08
C PHE A 52 -0.94 12.71 -2.86
N ALA A 53 -2.23 12.75 -2.56
CA ALA A 53 -2.93 14.01 -2.34
C ALA A 53 -2.45 14.68 -1.05
N LYS A 54 -2.19 13.87 -0.03
CA LYS A 54 -1.73 14.37 1.26
C LYS A 54 -0.21 14.55 1.26
N SER A 55 0.45 14.01 0.23
CA SER A 55 1.89 14.10 0.12
C SER A 55 2.35 15.55 0.26
N SER A 56 3.20 15.79 1.25
CA SER A 56 3.72 17.13 1.51
C SER A 56 5.05 17.34 0.77
N SER A 57 5.64 16.25 0.30
CA SER A 57 6.91 16.31 -0.40
C SER A 57 7.34 14.93 -0.89
N LYS A 58 8.57 14.83 -1.36
CA LYS A 58 9.10 13.56 -1.86
C LYS A 58 9.30 12.57 -0.72
N LYS A 59 9.69 13.10 0.44
CA LYS A 59 9.90 12.26 1.61
C LYS A 59 8.59 11.83 2.25
N GLU A 60 7.61 12.74 2.24
CA GLU A 60 6.30 12.46 2.81
C GLU A 60 5.55 11.44 1.97
N TYR A 61 5.80 11.45 0.66
CA TYR A 61 5.14 10.53 -0.26
C TYR A 61 5.72 9.13 -0.11
N MET A 62 7.04 9.02 -0.22
CA MET A 62 7.71 7.73 -0.10
C MET A 62 7.51 7.14 1.28
N ASP A 63 7.62 7.99 2.30
CA ASP A 63 7.46 7.54 3.69
C ASP A 63 6.01 7.15 3.96
N SER A 64 5.09 7.75 3.21
CA SER A 64 3.66 7.47 3.38
C SER A 64 3.32 6.06 2.88
N MET A 65 3.70 5.77 1.64
CA MET A 65 3.44 4.46 1.06
C MET A 65 4.31 3.39 1.71
N ASN A 66 5.57 3.71 1.93
CA ASN A 66 6.51 2.77 2.55
C ASN A 66 6.03 2.38 3.95
N GLU A 67 5.30 3.28 4.60
CA GLU A 67 4.79 3.03 5.93
C GLU A 67 3.55 2.13 5.88
N LYS A 68 2.60 2.49 5.02
CA LYS A 68 1.37 1.73 4.87
C LYS A 68 1.67 0.29 4.46
N VAL A 69 2.67 0.12 3.59
CA VAL A 69 3.06 -1.20 3.10
C VAL A 69 3.87 -1.95 4.16
N ALA A 70 4.70 -1.20 4.88
CA ALA A 70 5.55 -1.79 5.92
C ALA A 70 4.70 -2.36 7.06
N VAL A 71 3.65 -1.61 7.43
CA VAL A 71 2.77 -2.05 8.51
C VAL A 71 1.83 -3.15 8.04
N MET A 72 1.30 -3.00 6.84
CA MET A 72 0.39 -3.99 6.27
C MET A 72 1.12 -5.30 5.99
N ARG A 73 2.23 -5.21 5.26
CA ARG A 73 3.02 -6.38 4.92
C ARG A 73 3.49 -7.10 6.18
N ASN A 74 3.90 -6.33 7.18
CA ASN A 74 4.38 -6.90 8.44
C ASN A 74 3.30 -7.74 9.11
N THR A 75 2.09 -7.17 9.18
CA THR A 75 0.97 -7.87 9.80
C THR A 75 0.62 -9.14 9.04
N TYR A 76 1.00 -9.18 7.76
CA TYR A 76 0.72 -10.35 6.93
C TYR A 76 1.67 -11.50 7.27
N ASN A 77 2.95 -11.18 7.38
CA ASN A 77 3.96 -12.19 7.71
C ASN A 77 3.79 -12.68 9.15
N THR A 78 3.17 -11.85 9.98
CA THR A 78 2.95 -12.20 11.38
C THR A 78 1.68 -13.02 11.54
N ARG A 79 0.61 -12.59 10.87
CA ARG A 79 -0.67 -13.29 10.93
C ARG A 79 -0.57 -14.68 10.32
N LYS A 80 0.28 -14.81 9.30
CA LYS A 80 0.46 -16.09 8.62
C LYS A 80 1.51 -16.93 9.34
N ASN A 81 2.42 -16.27 10.04
CA ASN A 81 3.48 -16.97 10.77
C ASN A 81 2.90 -18.04 11.67
N ALA A 82 1.70 -17.78 12.21
CA ALA A 82 1.03 -18.73 13.08
C ALA A 82 0.20 -19.72 12.28
N VAL A 83 -0.28 -19.30 11.12
CA VAL A 83 -1.08 -20.15 10.26
C VAL A 83 -0.24 -21.24 9.62
N THR A 84 0.84 -20.84 8.95
CA THR A 84 1.73 -21.78 8.29
C THR A 84 2.41 -22.69 9.31
N ALA A 85 2.67 -22.16 10.49
CA ALA A 85 3.32 -22.92 11.56
C ALA A 85 2.31 -23.80 12.29
N VAL A 1 5.91 21.46 -4.36
CA VAL A 1 6.87 22.42 -3.82
C VAL A 1 8.18 22.38 -4.60
N GLN A 2 8.91 21.28 -4.48
CA GLN A 2 10.18 21.13 -5.17
C GLN A 2 10.40 19.68 -5.61
N ASP A 3 10.13 18.75 -4.70
CA ASP A 3 10.30 17.33 -4.98
C ASP A 3 9.16 16.82 -5.86
N LYS A 4 7.93 17.02 -5.39
CA LYS A 4 6.75 16.58 -6.13
C LYS A 4 6.78 17.11 -7.56
N ASP A 5 7.44 18.24 -7.76
CA ASP A 5 7.54 18.84 -9.08
C ASP A 5 8.07 17.83 -10.10
N THR A 6 8.76 16.81 -9.61
CA THR A 6 9.32 15.78 -10.48
C THR A 6 8.50 14.50 -10.41
N LEU A 7 7.68 14.40 -9.37
CA LEU A 7 6.84 13.21 -9.18
C LEU A 7 5.70 13.19 -10.20
N SER A 8 5.83 12.35 -11.22
CA SER A 8 4.81 12.23 -12.25
C SER A 8 3.94 11.02 -12.01
N ASN A 9 3.11 10.68 -13.01
CA ASN A 9 2.21 9.54 -12.90
C ASN A 9 3.00 8.26 -12.59
N ALA A 10 4.29 8.27 -12.92
CA ALA A 10 5.15 7.12 -12.68
C ALA A 10 5.12 6.71 -11.21
N GLU A 11 5.41 7.66 -10.33
CA GLU A 11 5.41 7.41 -8.90
C GLU A 11 4.08 6.81 -8.45
N ARG A 12 3.01 7.16 -9.15
CA ARG A 12 1.68 6.67 -8.82
C ARG A 12 1.55 5.20 -9.17
N ALA A 13 2.12 4.81 -10.30
CA ALA A 13 2.06 3.42 -10.75
C ALA A 13 2.86 2.51 -9.82
N LYS A 14 3.96 3.03 -9.31
CA LYS A 14 4.82 2.27 -8.40
C LYS A 14 4.15 2.10 -7.04
N ASN A 15 3.44 3.14 -6.60
CA ASN A 15 2.75 3.10 -5.31
C ASN A 15 1.63 2.06 -5.32
N VAL A 16 0.83 2.06 -6.38
CA VAL A 16 -0.26 1.12 -6.52
C VAL A 16 0.25 -0.31 -6.62
N ASN A 17 1.31 -0.50 -7.39
CA ASN A 17 1.90 -1.83 -7.58
C ASN A 17 2.40 -2.39 -6.25
N GLY A 18 3.16 -1.57 -5.51
CA GLY A 18 3.68 -2.01 -4.23
C GLY A 18 2.59 -2.26 -3.21
N LEU A 19 1.65 -1.33 -3.12
CA LEU A 19 0.54 -1.45 -2.17
C LEU A 19 -0.37 -2.62 -2.54
N LEU A 20 -0.50 -2.87 -3.83
CA LEU A 20 -1.33 -3.97 -4.31
C LEU A 20 -0.76 -5.32 -3.90
N GLN A 21 0.57 -5.42 -3.94
CA GLN A 21 1.24 -6.65 -3.57
C GLN A 21 1.15 -6.90 -2.08
N VAL A 22 1.34 -5.84 -1.29
CA VAL A 22 1.27 -5.94 0.17
C VAL A 22 -0.17 -6.09 0.64
N LEU A 23 -1.01 -5.13 0.26
CA LEU A 23 -2.42 -5.15 0.64
C LEU A 23 -3.05 -6.51 0.35
N MET A 24 -2.80 -7.02 -0.86
CA MET A 24 -3.33 -8.31 -1.27
C MET A 24 -2.70 -9.44 -0.45
N ASP A 25 -1.47 -9.23 -0.02
CA ASP A 25 -0.76 -10.24 0.76
C ASP A 25 -1.49 -10.53 2.07
N ILE A 26 -1.83 -9.47 2.80
CA ILE A 26 -2.54 -9.61 4.07
C ILE A 26 -4.01 -9.94 3.85
N ASN A 27 -4.58 -9.38 2.77
CA ASN A 27 -5.98 -9.61 2.45
C ASN A 27 -6.20 -11.05 1.97
N THR A 28 -5.15 -11.64 1.42
CA THR A 28 -5.23 -13.00 0.92
C THR A 28 -4.95 -14.02 2.03
N LEU A 29 -4.12 -13.62 2.99
CA LEU A 29 -3.78 -14.49 4.11
C LEU A 29 -5.03 -14.87 4.89
N ASN A 30 -5.94 -13.92 5.07
CA ASN A 30 -7.17 -14.16 5.80
C ASN A 30 -8.10 -12.95 5.73
N GLY A 31 -7.96 -12.17 4.66
CA GLY A 31 -8.79 -11.00 4.49
C GLY A 31 -9.99 -11.26 3.59
N GLY A 32 -10.09 -12.49 3.09
CA GLY A 32 -11.20 -12.84 2.22
C GLY A 32 -10.76 -13.64 1.02
N SER A 33 -9.67 -13.22 0.39
CA SER A 33 -9.15 -13.90 -0.79
C SER A 33 -10.02 -13.61 -2.02
N SER A 34 -11.28 -14.01 -1.94
CA SER A 34 -12.21 -13.79 -3.05
C SER A 34 -12.50 -12.30 -3.23
N ASP A 35 -12.84 -11.64 -2.14
CA ASP A 35 -13.14 -10.22 -2.17
C ASP A 35 -11.86 -9.38 -2.17
N THR A 36 -10.73 -10.06 -2.09
CA THR A 36 -9.44 -9.39 -2.08
C THR A 36 -9.31 -8.40 -3.23
N ALA A 37 -9.44 -8.91 -4.46
CA ALA A 37 -9.34 -8.08 -5.64
C ALA A 37 -10.15 -6.80 -5.47
N ASP A 38 -11.30 -6.90 -4.83
CA ASP A 38 -12.16 -5.75 -4.60
C ASP A 38 -11.60 -4.87 -3.49
N LYS A 39 -11.16 -5.51 -2.40
CA LYS A 39 -10.61 -4.78 -1.26
C LYS A 39 -9.33 -4.05 -1.66
N ILE A 40 -8.38 -4.79 -2.20
CA ILE A 40 -7.10 -4.20 -2.62
C ILE A 40 -7.31 -3.13 -3.69
N ARG A 41 -8.37 -3.31 -4.49
CA ARG A 41 -8.68 -2.36 -5.55
C ARG A 41 -9.05 -0.99 -4.97
N ILE A 42 -9.99 -0.99 -4.04
CA ILE A 42 -10.43 0.25 -3.41
C ILE A 42 -9.44 0.71 -2.35
N HIS A 43 -8.75 -0.25 -1.73
CA HIS A 43 -7.76 0.06 -0.70
C HIS A 43 -6.52 0.70 -1.32
N ALA A 44 -5.94 0.03 -2.31
CA ALA A 44 -4.74 0.54 -2.98
C ALA A 44 -5.04 1.84 -3.70
N LYS A 45 -6.18 1.91 -4.36
CA LYS A 45 -6.59 3.10 -5.10
C LYS A 45 -6.82 4.27 -4.16
N ASN A 46 -7.58 4.04 -3.10
CA ASN A 46 -7.88 5.07 -2.12
C ASN A 46 -6.61 5.50 -1.39
N PHE A 47 -5.85 4.53 -0.92
CA PHE A 47 -4.61 4.80 -0.20
C PHE A 47 -3.69 5.71 -1.02
N GLU A 48 -3.40 5.29 -2.25
CA GLU A 48 -2.54 6.06 -3.14
C GLU A 48 -3.05 7.49 -3.28
N ALA A 49 -4.35 7.63 -3.50
CA ALA A 49 -4.97 8.94 -3.65
C ALA A 49 -4.90 9.74 -2.36
N ALA A 50 -4.91 9.03 -1.23
CA ALA A 50 -4.85 9.68 0.07
C ALA A 50 -3.44 10.17 0.38
N LEU A 51 -2.46 9.30 0.19
CA LEU A 51 -1.06 9.65 0.44
C LEU A 51 -0.56 10.64 -0.60
N PHE A 52 -1.08 10.54 -1.81
CA PHE A 52 -0.68 11.43 -2.90
C PHE A 52 -1.31 12.81 -2.73
N ALA A 53 -2.61 12.83 -2.47
CA ALA A 53 -3.33 14.09 -2.28
C ALA A 53 -2.89 14.79 -1.00
N LYS A 54 -2.60 13.99 0.04
CA LYS A 54 -2.17 14.54 1.32
C LYS A 54 -0.66 14.67 1.36
N SER A 55 0.02 14.15 0.35
CA SER A 55 1.47 14.22 0.27
C SER A 55 1.95 15.66 0.46
N SER A 56 2.79 15.87 1.47
CA SER A 56 3.33 17.19 1.76
C SER A 56 4.73 17.35 1.17
N SER A 57 5.36 16.23 0.85
CA SER A 57 6.71 16.24 0.29
C SER A 57 7.18 14.83 -0.04
N LYS A 58 8.28 14.74 -0.77
CA LYS A 58 8.84 13.44 -1.15
C LYS A 58 9.00 12.53 0.07
N LYS A 59 9.29 13.14 1.22
CA LYS A 59 9.46 12.39 2.46
C LYS A 59 8.11 11.97 3.02
N GLU A 60 7.10 12.83 2.84
CA GLU A 60 5.76 12.54 3.35
C GLU A 60 5.07 11.49 2.48
N TYR A 61 5.37 11.51 1.18
CA TYR A 61 4.77 10.56 0.25
C TYR A 61 5.36 9.16 0.45
N MET A 62 6.69 9.07 0.39
CA MET A 62 7.38 7.80 0.57
C MET A 62 7.08 7.20 1.94
N ASP A 63 7.02 8.06 2.96
CA ASP A 63 6.74 7.62 4.31
C ASP A 63 5.29 7.16 4.45
N SER A 64 4.42 7.68 3.60
CA SER A 64 3.02 7.31 3.63
C SER A 64 2.80 5.91 3.08
N MET A 65 3.36 5.64 1.90
CA MET A 65 3.23 4.34 1.27
C MET A 65 4.07 3.30 1.99
N ASN A 66 5.29 3.69 2.37
CA ASN A 66 6.20 2.79 3.08
C ASN A 66 5.62 2.37 4.42
N GLU A 67 4.83 3.26 5.01
CA GLU A 67 4.21 2.98 6.31
C GLU A 67 2.99 2.08 6.15
N LYS A 68 2.24 2.29 5.08
CA LYS A 68 1.05 1.49 4.81
C LYS A 68 1.42 0.08 4.40
N VAL A 69 2.50 -0.04 3.63
CA VAL A 69 2.97 -1.35 3.17
C VAL A 69 3.72 -2.08 4.28
N ALA A 70 4.45 -1.33 5.09
CA ALA A 70 5.22 -1.91 6.18
C ALA A 70 4.29 -2.51 7.23
N VAL A 71 3.18 -1.83 7.50
CA VAL A 71 2.21 -2.29 8.49
C VAL A 71 1.36 -3.44 7.93
N MET A 72 0.94 -3.28 6.67
CA MET A 72 0.11 -4.29 6.02
C MET A 72 0.91 -5.57 5.78
N ARG A 73 2.07 -5.43 5.16
CA ARG A 73 2.93 -6.57 4.86
C ARG A 73 3.37 -7.26 6.15
N ASN A 74 3.59 -6.46 7.19
CA ASN A 74 4.02 -6.99 8.49
C ASN A 74 2.96 -7.91 9.08
N THR A 75 1.76 -7.38 9.25
CA THR A 75 0.66 -8.15 9.81
C THR A 75 0.39 -9.41 8.98
N TYR A 76 0.80 -9.38 7.72
CA TYR A 76 0.60 -10.52 6.83
C TYR A 76 1.56 -11.64 7.17
N ASN A 77 2.84 -11.31 7.32
CA ASN A 77 3.85 -12.29 7.65
C ASN A 77 3.80 -12.66 9.13
N THR A 78 3.25 -11.76 9.94
CA THR A 78 3.15 -11.98 11.38
C THR A 78 1.95 -12.86 11.70
N ARG A 79 0.82 -12.58 11.05
CA ARG A 79 -0.39 -13.36 11.27
C ARG A 79 -0.27 -14.75 10.68
N LYS A 80 0.33 -14.84 9.51
CA LYS A 80 0.52 -16.11 8.82
C LYS A 80 1.64 -16.92 9.48
N ASN A 81 2.58 -16.21 10.11
CA ASN A 81 3.70 -16.87 10.76
C ASN A 81 3.22 -17.96 11.71
N ALA A 82 2.23 -17.63 12.54
CA ALA A 82 1.68 -18.60 13.48
C ALA A 82 0.94 -19.72 12.77
N VAL A 83 0.33 -19.37 11.64
CA VAL A 83 -0.42 -20.35 10.84
C VAL A 83 0.51 -21.40 10.25
N THR A 84 1.44 -20.96 9.42
CA THR A 84 2.39 -21.86 8.78
C THR A 84 3.26 -22.56 9.81
N ALA A 85 3.50 -21.89 10.93
CA ALA A 85 4.32 -22.44 12.00
C ALA A 85 3.80 -23.81 12.43
N VAL A 1 5.63 20.73 -4.59
CA VAL A 1 6.15 21.96 -3.99
C VAL A 1 7.63 22.13 -4.31
N GLN A 2 8.38 21.03 -4.25
CA GLN A 2 9.81 21.07 -4.53
C GLN A 2 10.26 19.79 -5.21
N ASP A 3 9.77 18.65 -4.71
CA ASP A 3 10.12 17.36 -5.27
C ASP A 3 8.87 16.56 -5.64
N LYS A 4 7.82 16.73 -4.83
CA LYS A 4 6.56 16.02 -5.07
C LYS A 4 5.84 16.59 -6.29
N ASP A 5 6.09 17.87 -6.58
CA ASP A 5 5.47 18.52 -7.72
C ASP A 5 6.10 18.05 -9.03
N THR A 6 7.35 17.63 -8.96
CA THR A 6 8.07 17.16 -10.14
C THR A 6 7.96 15.64 -10.27
N LEU A 7 6.97 15.06 -9.60
CA LEU A 7 6.76 13.62 -9.65
C LEU A 7 6.07 13.20 -10.94
N SER A 8 6.49 12.07 -11.49
CA SER A 8 5.91 11.57 -12.73
C SER A 8 4.89 10.47 -12.45
N ASN A 9 4.43 9.80 -13.50
CA ASN A 9 3.46 8.73 -13.37
C ASN A 9 4.11 7.46 -12.84
N ALA A 10 5.43 7.36 -13.01
CA ALA A 10 6.17 6.20 -12.55
C ALA A 10 5.99 5.99 -11.04
N GLU A 11 6.22 7.05 -10.28
CA GLU A 11 6.08 6.98 -8.84
C GLU A 11 4.70 6.47 -8.43
N ARG A 12 3.71 6.75 -9.28
CA ARG A 12 2.34 6.32 -9.02
C ARG A 12 2.19 4.82 -9.21
N ALA A 13 2.84 4.29 -10.26
CA ALA A 13 2.79 2.87 -10.55
C ALA A 13 3.49 2.05 -9.45
N LYS A 14 4.54 2.62 -8.89
CA LYS A 14 5.29 1.95 -7.83
C LYS A 14 4.53 1.99 -6.51
N ASN A 15 3.87 3.11 -6.24
CA ASN A 15 3.10 3.27 -5.02
C ASN A 15 1.96 2.28 -4.95
N VAL A 16 1.20 2.18 -6.04
CA VAL A 16 0.07 1.26 -6.11
C VAL A 16 0.55 -0.19 -6.17
N ASN A 17 1.55 -0.44 -6.99
CA ASN A 17 2.10 -1.78 -7.14
C ASN A 17 2.56 -2.33 -5.80
N GLY A 18 3.30 -1.52 -5.04
CA GLY A 18 3.77 -1.95 -3.74
C GLY A 18 2.65 -2.17 -2.75
N LEU A 19 1.70 -1.26 -2.72
CA LEU A 19 0.56 -1.36 -1.81
C LEU A 19 -0.32 -2.55 -2.18
N LEU A 20 -0.38 -2.86 -3.47
CA LEU A 20 -1.19 -3.98 -3.95
C LEU A 20 -0.62 -5.30 -3.46
N GLN A 21 0.66 -5.55 -3.76
CA GLN A 21 1.31 -6.79 -3.35
C GLN A 21 1.24 -6.97 -1.84
N VAL A 22 1.40 -5.87 -1.11
CA VAL A 22 1.35 -5.90 0.35
C VAL A 22 -0.08 -6.10 0.84
N LEU A 23 -0.95 -5.16 0.51
CA LEU A 23 -2.36 -5.23 0.92
C LEU A 23 -2.95 -6.59 0.56
N MET A 24 -2.74 -7.01 -0.69
CA MET A 24 -3.26 -8.29 -1.15
C MET A 24 -2.66 -9.45 -0.37
N ASP A 25 -1.43 -9.26 0.12
CA ASP A 25 -0.74 -10.29 0.88
C ASP A 25 -1.48 -10.57 2.19
N ILE A 26 -1.75 -9.54 2.96
CA ILE A 26 -2.46 -9.68 4.22
C ILE A 26 -3.95 -9.91 3.99
N ASN A 27 -4.50 -9.29 2.96
CA ASN A 27 -5.90 -9.43 2.63
C ASN A 27 -6.23 -10.87 2.25
N THR A 28 -5.22 -11.60 1.79
CA THR A 28 -5.40 -12.99 1.39
C THR A 28 -5.40 -13.92 2.60
N LEU A 29 -4.67 -13.51 3.64
CA LEU A 29 -4.58 -14.31 4.86
C LEU A 29 -5.96 -14.48 5.50
N ASN A 30 -6.68 -13.38 5.62
CA ASN A 30 -8.02 -13.40 6.22
C ASN A 30 -8.79 -12.12 5.90
N GLY A 31 -8.35 -11.42 4.84
CA GLY A 31 -9.01 -10.19 4.45
C GLY A 31 -10.08 -10.41 3.41
N GLY A 32 -10.25 -11.66 2.99
CA GLY A 32 -11.25 -11.98 1.99
C GLY A 32 -10.80 -13.06 1.03
N SER A 33 -9.59 -12.90 0.50
CA SER A 33 -9.04 -13.88 -0.44
C SER A 33 -9.71 -13.73 -1.81
N SER A 34 -11.01 -13.97 -1.85
CA SER A 34 -11.77 -13.87 -3.09
C SER A 34 -12.07 -12.42 -3.45
N ASP A 35 -12.45 -11.64 -2.44
CA ASP A 35 -12.75 -10.23 -2.65
C ASP A 35 -11.48 -9.39 -2.62
N THR A 36 -10.33 -10.05 -2.59
CA THR A 36 -9.05 -9.37 -2.55
C THR A 36 -8.97 -8.29 -3.64
N ALA A 37 -9.01 -8.73 -4.90
CA ALA A 37 -8.95 -7.80 -6.01
C ALA A 37 -9.85 -6.60 -5.79
N ASP A 38 -10.99 -6.83 -5.13
CA ASP A 38 -11.94 -5.77 -4.85
C ASP A 38 -11.43 -4.86 -3.73
N LYS A 39 -11.04 -5.47 -2.62
CA LYS A 39 -10.54 -4.72 -1.47
C LYS A 39 -9.26 -3.98 -1.83
N ILE A 40 -8.28 -4.71 -2.35
CA ILE A 40 -7.00 -4.13 -2.74
C ILE A 40 -7.19 -3.02 -3.76
N ARG A 41 -8.24 -3.16 -4.59
CA ARG A 41 -8.53 -2.17 -5.61
C ARG A 41 -8.94 -0.83 -4.99
N ILE A 42 -9.92 -0.88 -4.09
CA ILE A 42 -10.40 0.32 -3.42
C ILE A 42 -9.43 0.77 -2.33
N HIS A 43 -8.71 -0.19 -1.76
CA HIS A 43 -7.74 0.09 -0.71
C HIS A 43 -6.50 0.77 -1.28
N ALA A 44 -5.88 0.13 -2.26
CA ALA A 44 -4.69 0.67 -2.90
C ALA A 44 -4.98 2.01 -3.57
N LYS A 45 -6.13 2.10 -4.22
CA LYS A 45 -6.53 3.33 -4.89
C LYS A 45 -6.78 4.45 -3.89
N ASN A 46 -7.61 4.17 -2.90
CA ASN A 46 -7.94 5.16 -1.87
C ASN A 46 -6.69 5.57 -1.10
N PHE A 47 -5.93 4.58 -0.63
CA PHE A 47 -4.71 4.85 0.12
C PHE A 47 -3.78 5.77 -0.67
N GLU A 48 -3.50 5.40 -1.91
CA GLU A 48 -2.62 6.20 -2.75
C GLU A 48 -3.09 7.65 -2.82
N ALA A 49 -4.40 7.83 -3.01
CA ALA A 49 -4.97 9.17 -3.08
C ALA A 49 -4.87 9.90 -1.74
N ALA A 50 -4.90 9.12 -0.66
CA ALA A 50 -4.81 9.69 0.67
C ALA A 50 -3.37 10.12 1.00
N LEU A 51 -2.43 9.21 0.76
CA LEU A 51 -1.02 9.51 1.02
C LEU A 51 -0.49 10.55 0.05
N PHE A 52 -0.92 10.46 -1.19
CA PHE A 52 -0.49 11.41 -2.22
C PHE A 52 -1.05 12.80 -1.96
N ALA A 53 -2.31 12.84 -1.52
CA ALA A 53 -2.97 14.11 -1.23
C ALA A 53 -2.45 14.71 0.08
N LYS A 54 -2.26 13.85 1.08
CA LYS A 54 -1.77 14.29 2.38
C LYS A 54 -0.24 14.37 2.39
N SER A 55 0.37 14.00 1.27
CA SER A 55 1.82 14.03 1.15
C SER A 55 2.34 15.46 1.16
N SER A 56 2.11 16.17 0.06
CA SER A 56 2.57 17.56 -0.05
C SER A 56 4.09 17.63 -0.02
N SER A 57 4.74 16.50 -0.22
CA SER A 57 6.20 16.43 -0.20
C SER A 57 6.69 15.06 -0.66
N LYS A 58 7.77 15.05 -1.42
CA LYS A 58 8.35 13.81 -1.93
C LYS A 58 8.70 12.87 -0.78
N LYS A 59 9.20 13.44 0.31
CA LYS A 59 9.58 12.66 1.49
C LYS A 59 8.35 12.24 2.28
N GLU A 60 7.34 13.11 2.29
CA GLU A 60 6.11 12.82 3.02
C GLU A 60 5.29 11.75 2.30
N TYR A 61 5.38 11.73 0.97
CA TYR A 61 4.65 10.76 0.17
C TYR A 61 5.24 9.36 0.32
N MET A 62 6.55 9.26 0.12
CA MET A 62 7.25 7.98 0.24
C MET A 62 7.09 7.41 1.65
N ASP A 63 7.15 8.28 2.65
CA ASP A 63 7.03 7.87 4.04
C ASP A 63 5.61 7.40 4.34
N SER A 64 4.63 7.96 3.62
CA SER A 64 3.24 7.59 3.81
C SER A 64 2.97 6.17 3.32
N MET A 65 3.30 5.92 2.05
CA MET A 65 3.09 4.60 1.46
C MET A 65 3.98 3.56 2.12
N ASN A 66 5.20 3.98 2.46
CA ASN A 66 6.15 3.08 3.10
C ASN A 66 5.64 2.62 4.47
N GLU A 67 4.87 3.49 5.12
CA GLU A 67 4.32 3.18 6.43
C GLU A 67 3.11 2.25 6.30
N LYS A 68 2.31 2.47 5.27
CA LYS A 68 1.13 1.66 5.03
C LYS A 68 1.51 0.25 4.57
N VAL A 69 2.55 0.17 3.75
CA VAL A 69 3.01 -1.12 3.25
C VAL A 69 3.82 -1.87 4.31
N ALA A 70 4.59 -1.12 5.09
CA ALA A 70 5.41 -1.71 6.15
C ALA A 70 4.54 -2.33 7.23
N VAL A 71 3.43 -1.67 7.56
CA VAL A 71 2.52 -2.15 8.59
C VAL A 71 1.65 -3.29 8.06
N MET A 72 1.17 -3.13 6.83
CA MET A 72 0.34 -4.15 6.19
C MET A 72 1.14 -5.40 5.89
N ARG A 73 2.26 -5.24 5.19
CA ARG A 73 3.12 -6.37 4.84
C ARG A 73 3.60 -7.09 6.09
N ASN A 74 3.96 -6.32 7.11
CA ASN A 74 4.45 -6.89 8.36
C ASN A 74 3.39 -7.80 9.00
N THR A 75 2.19 -7.26 9.15
CA THR A 75 1.09 -8.02 9.75
C THR A 75 0.82 -9.30 8.95
N TYR A 76 1.17 -9.28 7.67
CA TYR A 76 0.97 -10.44 6.82
C TYR A 76 1.98 -11.53 7.11
N ASN A 77 3.22 -11.13 7.39
CA ASN A 77 4.28 -12.08 7.69
C ASN A 77 4.09 -12.68 9.08
N THR A 78 3.36 -11.98 9.93
CA THR A 78 3.09 -12.45 11.29
C THR A 78 1.94 -13.45 11.31
N ARG A 79 0.85 -13.10 10.64
CA ARG A 79 -0.33 -13.97 10.59
C ARG A 79 -0.02 -15.25 9.83
N LYS A 80 0.55 -15.12 8.64
CA LYS A 80 0.91 -16.28 7.82
C LYS A 80 1.75 -17.27 8.62
N ASN A 81 2.53 -16.76 9.56
CA ASN A 81 3.38 -17.60 10.38
C ASN A 81 2.56 -18.32 11.46
N ALA A 82 1.53 -17.64 11.96
CA ALA A 82 0.67 -18.21 12.98
C ALA A 82 -0.32 -19.21 12.38
N VAL A 83 -0.77 -18.92 11.17
CA VAL A 83 -1.71 -19.81 10.48
C VAL A 83 -1.04 -21.09 10.03
N THR A 84 0.26 -21.00 9.73
CA THR A 84 1.02 -22.16 9.29
C THR A 84 1.20 -23.17 10.43
N ALA A 85 1.16 -22.68 11.66
CA ALA A 85 1.30 -23.54 12.83
C ALA A 85 -0.02 -24.19 13.20
N VAL A 1 4.35 21.24 -3.82
CA VAL A 1 4.88 22.51 -3.34
C VAL A 1 6.32 22.72 -3.82
N GLN A 2 7.13 21.67 -3.72
CA GLN A 2 8.52 21.76 -4.14
C GLN A 2 9.02 20.39 -4.61
N ASP A 3 8.70 19.35 -3.85
CA ASP A 3 9.12 17.99 -4.19
C ASP A 3 7.91 17.12 -4.53
N LYS A 4 6.78 17.42 -3.89
CA LYS A 4 5.55 16.67 -4.12
C LYS A 4 4.88 17.10 -5.42
N ASP A 5 5.07 18.37 -5.79
CA ASP A 5 4.49 18.90 -7.01
C ASP A 5 5.24 18.41 -8.24
N THR A 6 6.50 18.03 -8.04
CA THR A 6 7.33 17.55 -9.13
C THR A 6 7.25 16.02 -9.25
N LEU A 7 6.29 15.43 -8.54
CA LEU A 7 6.10 13.99 -8.58
C LEU A 7 5.82 13.51 -10.00
N SER A 8 6.41 12.37 -10.35
CA SER A 8 6.23 11.80 -11.69
C SER A 8 5.20 10.68 -11.65
N ASN A 9 4.91 10.12 -12.83
CA ASN A 9 3.94 9.03 -12.94
C ASN A 9 4.54 7.71 -12.46
N ALA A 10 5.87 7.64 -12.47
CA ALA A 10 6.56 6.43 -12.04
C ALA A 10 6.19 6.07 -10.60
N GLU A 11 6.33 7.03 -9.71
CA GLU A 11 6.00 6.81 -8.29
C GLU A 11 4.58 6.31 -8.14
N ARG A 12 3.70 6.69 -9.07
CA ARG A 12 2.31 6.28 -9.03
C ARG A 12 2.18 4.79 -9.33
N ALA A 13 2.80 4.35 -10.42
CA ALA A 13 2.76 2.94 -10.81
C ALA A 13 3.45 2.06 -9.78
N LYS A 14 4.56 2.56 -9.22
CA LYS A 14 5.32 1.83 -8.23
C LYS A 14 4.56 1.77 -6.90
N ASN A 15 4.05 2.92 -6.47
CA ASN A 15 3.30 3.00 -5.22
C ASN A 15 2.16 1.98 -5.20
N VAL A 16 1.34 2.02 -6.24
CA VAL A 16 0.21 1.10 -6.35
C VAL A 16 0.67 -0.35 -6.38
N ASN A 17 1.75 -0.60 -7.13
CA ASN A 17 2.29 -1.95 -7.25
C ASN A 17 2.71 -2.49 -5.88
N GLY A 18 3.40 -1.66 -5.10
CA GLY A 18 3.84 -2.08 -3.79
C GLY A 18 2.69 -2.21 -2.81
N LEU A 19 1.77 -1.26 -2.84
CA LEU A 19 0.62 -1.28 -1.95
C LEU A 19 -0.30 -2.46 -2.26
N LEU A 20 -0.50 -2.71 -3.55
CA LEU A 20 -1.35 -3.81 -3.99
C LEU A 20 -0.79 -5.15 -3.53
N GLN A 21 0.50 -5.37 -3.81
CA GLN A 21 1.16 -6.62 -3.44
C GLN A 21 1.05 -6.85 -1.93
N VAL A 22 1.21 -5.78 -1.16
CA VAL A 22 1.13 -5.87 0.29
C VAL A 22 -0.32 -6.05 0.76
N LEU A 23 -1.16 -5.08 0.42
CA LEU A 23 -2.57 -5.12 0.80
C LEU A 23 -3.20 -6.46 0.42
N MET A 24 -2.91 -6.92 -0.79
CA MET A 24 -3.43 -8.18 -1.27
C MET A 24 -2.84 -9.35 -0.50
N ASP A 25 -1.62 -9.18 -0.01
CA ASP A 25 -0.95 -10.22 0.75
C ASP A 25 -1.70 -10.52 2.04
N ILE A 26 -2.04 -9.48 2.79
CA ILE A 26 -2.76 -9.64 4.05
C ILE A 26 -4.23 -9.95 3.79
N ASN A 27 -4.78 -9.38 2.73
CA ASN A 27 -6.18 -9.60 2.37
C ASN A 27 -6.39 -11.02 1.84
N THR A 28 -5.33 -11.60 1.30
CA THR A 28 -5.39 -12.95 0.75
C THR A 28 -5.16 -14.00 1.83
N LEU A 29 -4.36 -13.63 2.83
CA LEU A 29 -4.06 -14.54 3.94
C LEU A 29 -5.33 -14.95 4.67
N ASN A 30 -6.25 -14.00 4.85
CA ASN A 30 -7.50 -14.26 5.53
C ASN A 30 -8.42 -13.05 5.47
N GLY A 31 -8.24 -12.22 4.45
CA GLY A 31 -9.06 -11.04 4.29
C GLY A 31 -10.23 -11.26 3.35
N GLY A 32 -10.31 -12.45 2.79
CA GLY A 32 -11.40 -12.78 1.88
C GLY A 32 -10.93 -13.52 0.64
N SER A 33 -9.82 -13.07 0.07
CA SER A 33 -9.27 -13.71 -1.13
C SER A 33 -10.11 -13.38 -2.36
N SER A 34 -11.37 -13.78 -2.33
CA SER A 34 -12.27 -13.54 -3.45
C SER A 34 -12.58 -12.05 -3.58
N ASP A 35 -12.95 -11.43 -2.47
CA ASP A 35 -13.27 -10.00 -2.46
C ASP A 35 -12.00 -9.16 -2.36
N THR A 36 -10.85 -9.83 -2.29
CA THR A 36 -9.57 -9.16 -2.20
C THR A 36 -9.39 -8.16 -3.34
N ALA A 37 -9.44 -8.66 -4.57
CA ALA A 37 -9.29 -7.82 -5.76
C ALA A 37 -10.09 -6.53 -5.61
N ASP A 38 -11.27 -6.64 -5.02
CA ASP A 38 -12.14 -5.48 -4.82
C ASP A 38 -11.65 -4.62 -3.66
N LYS A 39 -11.29 -5.27 -2.56
CA LYS A 39 -10.81 -4.58 -1.37
C LYS A 39 -9.51 -3.83 -1.68
N ILE A 40 -8.53 -4.55 -2.21
CA ILE A 40 -7.25 -3.95 -2.54
C ILE A 40 -7.40 -2.88 -3.61
N ARG A 41 -8.40 -3.06 -4.48
CA ARG A 41 -8.66 -2.11 -5.55
C ARG A 41 -9.04 -0.74 -4.99
N ILE A 42 -10.03 -0.72 -4.10
CA ILE A 42 -10.48 0.52 -3.49
C ILE A 42 -9.53 0.97 -2.38
N HIS A 43 -8.94 -0.01 -1.68
CA HIS A 43 -8.02 0.28 -0.60
C HIS A 43 -6.74 0.93 -1.14
N ALA A 44 -6.12 0.28 -2.10
CA ALA A 44 -4.89 0.80 -2.70
C ALA A 44 -5.13 2.12 -3.41
N LYS A 45 -6.14 2.15 -4.28
CA LYS A 45 -6.49 3.35 -5.02
C LYS A 45 -6.74 4.52 -4.07
N ASN A 46 -7.60 4.30 -3.09
CA ASN A 46 -7.93 5.34 -2.11
C ASN A 46 -6.71 5.70 -1.28
N PHE A 47 -5.81 4.74 -1.10
CA PHE A 47 -4.59 4.97 -0.33
C PHE A 47 -3.62 5.86 -1.07
N GLU A 48 -3.28 5.46 -2.31
CA GLU A 48 -2.36 6.22 -3.12
C GLU A 48 -2.84 7.66 -3.30
N ALA A 49 -4.16 7.83 -3.35
CA ALA A 49 -4.76 9.15 -3.52
C ALA A 49 -4.66 9.96 -2.23
N ALA A 50 -4.68 9.26 -1.10
CA ALA A 50 -4.59 9.91 0.21
C ALA A 50 -3.16 10.33 0.51
N LEU A 51 -2.22 9.41 0.33
CA LEU A 51 -0.82 9.70 0.59
C LEU A 51 -0.26 10.71 -0.40
N PHE A 52 -0.78 10.66 -1.62
CA PHE A 52 -0.34 11.58 -2.67
C PHE A 52 -0.94 12.97 -2.46
N ALA A 53 -2.25 13.01 -2.26
CA ALA A 53 -2.94 14.29 -2.04
C ALA A 53 -2.49 14.93 -0.75
N LYS A 54 -2.16 14.11 0.24
CA LYS A 54 -1.73 14.60 1.54
C LYS A 54 -0.21 14.64 1.62
N SER A 55 0.45 14.19 0.56
CA SER A 55 1.91 14.18 0.51
C SER A 55 2.46 15.58 0.72
N SER A 56 3.30 15.74 1.75
CA SER A 56 3.90 17.03 2.06
C SER A 56 5.19 17.22 1.27
N SER A 57 5.76 16.12 0.80
CA SER A 57 7.01 16.17 0.03
C SER A 57 7.41 14.78 -0.44
N LYS A 58 8.41 14.72 -1.31
CA LYS A 58 8.90 13.46 -1.84
C LYS A 58 9.20 12.48 -0.72
N LYS A 59 9.64 13.01 0.43
CA LYS A 59 9.97 12.19 1.58
C LYS A 59 8.70 11.73 2.30
N GLU A 60 7.69 12.59 2.30
CA GLU A 60 6.42 12.27 2.96
C GLU A 60 5.62 11.27 2.13
N TYR A 61 5.78 11.34 0.81
CA TYR A 61 5.06 10.44 -0.09
C TYR A 61 5.60 9.02 0.03
N MET A 62 6.91 8.86 -0.13
CA MET A 62 7.54 7.56 -0.05
C MET A 62 7.40 6.98 1.35
N ASP A 63 7.60 7.82 2.36
CA ASP A 63 7.49 7.39 3.75
C ASP A 63 6.06 6.99 4.08
N SER A 64 5.10 7.56 3.36
CA SER A 64 3.70 7.27 3.59
C SER A 64 3.34 5.87 3.06
N MET A 65 3.70 5.61 1.81
CA MET A 65 3.42 4.33 1.19
C MET A 65 4.31 3.23 1.78
N ASN A 66 5.58 3.56 1.97
CA ASN A 66 6.53 2.61 2.53
C ASN A 66 6.13 2.20 3.94
N GLU A 67 5.47 3.11 4.65
CA GLU A 67 5.03 2.84 6.02
C GLU A 67 3.77 1.98 6.02
N LYS A 68 2.89 2.24 5.06
CA LYS A 68 1.63 1.49 4.95
C LYS A 68 1.89 0.06 4.47
N VAL A 69 2.85 -0.08 3.55
CA VAL A 69 3.20 -1.40 3.01
C VAL A 69 4.04 -2.19 4.00
N ALA A 70 4.93 -1.49 4.71
CA ALA A 70 5.80 -2.13 5.68
C ALA A 70 4.99 -2.68 6.87
N VAL A 71 3.99 -1.91 7.28
CA VAL A 71 3.14 -2.31 8.40
C VAL A 71 2.13 -3.37 7.97
N MET A 72 1.53 -3.18 6.80
CA MET A 72 0.55 -4.12 6.27
C MET A 72 1.21 -5.46 5.95
N ARG A 73 2.27 -5.42 5.16
CA ARG A 73 2.98 -6.63 4.77
C ARG A 73 3.56 -7.34 6.00
N ASN A 74 3.98 -6.56 6.98
CA ASN A 74 4.54 -7.11 8.21
C ASN A 74 3.53 -7.97 8.95
N THR A 75 2.38 -7.37 9.27
CA THR A 75 1.32 -8.08 9.97
C THR A 75 0.86 -9.31 9.18
N TYR A 76 1.06 -9.27 7.87
CA TYR A 76 0.67 -10.38 7.01
C TYR A 76 1.57 -11.59 7.23
N ASN A 77 2.88 -11.36 7.20
CA ASN A 77 3.85 -12.44 7.39
C ASN A 77 3.94 -12.82 8.87
N THR A 78 3.57 -11.90 9.73
CA THR A 78 3.59 -12.14 11.18
C THR A 78 2.37 -12.93 11.63
N ARG A 79 1.19 -12.47 11.22
CA ARG A 79 -0.05 -13.13 11.58
C ARG A 79 -0.12 -14.53 10.97
N LYS A 80 0.31 -14.65 9.72
CA LYS A 80 0.29 -15.93 9.03
C LYS A 80 1.35 -16.88 9.60
N ASN A 81 2.40 -16.30 10.17
CA ASN A 81 3.47 -17.08 10.76
C ASN A 81 2.96 -17.96 11.89
N ALA A 82 2.06 -17.40 12.70
CA ALA A 82 1.49 -18.13 13.82
C ALA A 82 0.52 -19.20 13.35
N VAL A 83 -0.23 -18.89 12.29
CA VAL A 83 -1.20 -19.83 11.73
C VAL A 83 -0.51 -21.08 11.21
N THR A 84 0.55 -20.89 10.42
CA THR A 84 1.29 -22.01 9.86
C THR A 84 2.07 -22.75 10.93
N ALA A 85 2.39 -22.05 12.02
CA ALA A 85 3.14 -22.63 13.13
C ALA A 85 2.19 -23.32 14.11
N VAL A 1 5.52 22.39 -4.98
CA VAL A 1 6.33 23.27 -4.14
C VAL A 1 7.80 23.17 -4.51
N GLN A 2 8.28 21.94 -4.70
CA GLN A 2 9.68 21.71 -5.05
C GLN A 2 9.96 20.23 -5.21
N ASP A 3 9.53 19.44 -4.23
CA ASP A 3 9.73 17.99 -4.26
C ASP A 3 8.84 17.34 -5.31
N LYS A 4 7.66 17.92 -5.52
CA LYS A 4 6.70 17.40 -6.48
C LYS A 4 7.38 17.18 -7.84
N ASP A 5 8.42 17.96 -8.11
CA ASP A 5 9.15 17.85 -9.37
C ASP A 5 9.62 16.42 -9.61
N THR A 6 9.77 15.66 -8.53
CA THR A 6 10.21 14.27 -8.63
C THR A 6 9.02 13.32 -8.61
N LEU A 7 7.87 13.83 -8.18
CA LEU A 7 6.65 13.02 -8.12
C LEU A 7 6.00 12.93 -9.49
N SER A 8 6.49 12.02 -10.33
CA SER A 8 5.95 11.83 -11.67
C SER A 8 5.02 10.62 -11.71
N ASN A 9 4.62 10.23 -12.92
CA ASN A 9 3.73 9.09 -13.11
C ASN A 9 4.36 7.81 -12.58
N ALA A 10 5.69 7.81 -12.50
CA ALA A 10 6.42 6.64 -12.02
C ALA A 10 6.02 6.31 -10.58
N GLU A 11 6.07 7.30 -9.70
CA GLU A 11 5.72 7.11 -8.30
C GLU A 11 4.31 6.54 -8.18
N ARG A 12 3.46 6.87 -9.14
CA ARG A 12 2.07 6.39 -9.14
C ARG A 12 2.03 4.87 -9.34
N ALA A 13 2.71 4.40 -10.37
CA ALA A 13 2.75 2.97 -10.67
C ALA A 13 3.46 2.20 -9.57
N LYS A 14 4.47 2.81 -8.97
CA LYS A 14 5.22 2.18 -7.90
C LYS A 14 4.41 2.14 -6.61
N ASN A 15 3.85 3.28 -6.23
CA ASN A 15 3.05 3.37 -5.02
C ASN A 15 1.94 2.33 -5.02
N VAL A 16 1.17 2.30 -6.11
CA VAL A 16 0.07 1.35 -6.24
C VAL A 16 0.59 -0.09 -6.32
N ASN A 17 1.75 -0.26 -6.95
CA ASN A 17 2.35 -1.57 -7.10
C ASN A 17 2.72 -2.16 -5.74
N GLY A 18 3.34 -1.34 -4.90
CA GLY A 18 3.72 -1.80 -3.57
C GLY A 18 2.53 -2.00 -2.65
N LEU A 19 1.51 -1.18 -2.82
CA LEU A 19 0.31 -1.27 -2.00
C LEU A 19 -0.58 -2.42 -2.46
N LEU A 20 -0.61 -2.65 -3.77
CA LEU A 20 -1.42 -3.72 -4.34
C LEU A 20 -0.88 -5.08 -3.94
N GLN A 21 0.45 -5.23 -4.01
CA GLN A 21 1.10 -6.48 -3.66
C GLN A 21 1.03 -6.73 -2.16
N VAL A 22 1.14 -5.65 -1.38
CA VAL A 22 1.09 -5.75 0.07
C VAL A 22 -0.33 -5.95 0.56
N LEU A 23 -1.20 -5.00 0.25
CA LEU A 23 -2.60 -5.08 0.65
C LEU A 23 -3.20 -6.43 0.29
N MET A 24 -2.91 -6.91 -0.91
CA MET A 24 -3.41 -8.19 -1.37
C MET A 24 -2.78 -9.34 -0.59
N ASP A 25 -1.53 -9.14 -0.17
CA ASP A 25 -0.81 -10.16 0.59
C ASP A 25 -1.54 -10.49 1.88
N ILE A 26 -1.93 -9.45 2.63
CA ILE A 26 -2.64 -9.64 3.88
C ILE A 26 -4.10 -10.02 3.64
N ASN A 27 -4.68 -9.47 2.58
CA ASN A 27 -6.07 -9.75 2.25
C ASN A 27 -6.23 -11.18 1.75
N THR A 28 -5.15 -11.74 1.21
CA THR A 28 -5.17 -13.10 0.70
C THR A 28 -4.90 -14.11 1.81
N LEU A 29 -4.12 -13.70 2.80
CA LEU A 29 -3.78 -14.57 3.93
C LEU A 29 -5.04 -14.99 4.68
N ASN A 30 -5.97 -14.06 4.86
CA ASN A 30 -7.21 -14.34 5.55
C ASN A 30 -8.17 -13.16 5.45
N GLY A 31 -8.02 -12.36 4.39
CA GLY A 31 -8.88 -11.21 4.19
C GLY A 31 -10.11 -11.54 3.37
N GLY A 32 -10.15 -12.76 2.83
CA GLY A 32 -11.28 -13.18 2.02
C GLY A 32 -10.86 -13.87 0.74
N SER A 33 -9.79 -13.36 0.13
CA SER A 33 -9.28 -13.93 -1.12
C SER A 33 -10.18 -13.55 -2.29
N SER A 34 -11.44 -13.96 -2.22
CA SER A 34 -12.40 -13.66 -3.27
C SER A 34 -12.68 -12.16 -3.35
N ASP A 35 -12.93 -11.56 -2.19
CA ASP A 35 -13.21 -10.13 -2.12
C ASP A 35 -11.93 -9.32 -2.11
N THR A 36 -10.79 -10.01 -2.24
CA THR A 36 -9.49 -9.35 -2.24
C THR A 36 -9.40 -8.33 -3.37
N ALA A 37 -9.50 -8.81 -4.61
CA ALA A 37 -9.43 -7.95 -5.78
C ALA A 37 -10.25 -6.68 -5.58
N ASP A 38 -11.39 -6.83 -4.91
CA ASP A 38 -12.27 -5.69 -4.65
C ASP A 38 -11.71 -4.81 -3.54
N LYS A 39 -11.27 -5.44 -2.45
CA LYS A 39 -10.72 -4.71 -1.31
C LYS A 39 -9.43 -3.99 -1.71
N ILE A 40 -8.49 -4.74 -2.28
CA ILE A 40 -7.21 -4.17 -2.71
C ILE A 40 -7.42 -3.07 -3.75
N ARG A 41 -8.48 -3.21 -4.54
CA ARG A 41 -8.81 -2.24 -5.58
C ARG A 41 -9.16 -0.89 -4.97
N ILE A 42 -10.12 -0.91 -4.04
CA ILE A 42 -10.56 0.32 -3.39
C ILE A 42 -9.55 0.77 -2.33
N HIS A 43 -8.85 -0.19 -1.75
CA HIS A 43 -7.85 0.10 -0.73
C HIS A 43 -6.62 0.75 -1.35
N ALA A 44 -6.03 0.10 -2.34
CA ALA A 44 -4.85 0.61 -3.02
C ALA A 44 -5.14 1.96 -3.68
N LYS A 45 -6.31 2.06 -4.31
CA LYS A 45 -6.71 3.28 -4.99
C LYS A 45 -6.92 4.41 -3.98
N ASN A 46 -7.74 4.15 -2.97
CA ASN A 46 -8.02 5.14 -1.94
C ASN A 46 -6.74 5.56 -1.22
N PHE A 47 -5.97 4.58 -0.78
CA PHE A 47 -4.73 4.85 -0.07
C PHE A 47 -3.82 5.77 -0.89
N GLU A 48 -3.61 5.40 -2.15
CA GLU A 48 -2.77 6.20 -3.04
C GLU A 48 -3.23 7.64 -3.08
N ALA A 49 -4.53 7.84 -3.20
CA ALA A 49 -5.11 9.19 -3.24
C ALA A 49 -4.94 9.90 -1.91
N ALA A 50 -4.92 9.12 -0.82
CA ALA A 50 -4.77 9.68 0.51
C ALA A 50 -3.33 10.10 0.76
N LEU A 51 -2.40 9.20 0.47
CA LEU A 51 -0.97 9.47 0.67
C LEU A 51 -0.48 10.53 -0.32
N PHE A 52 -1.04 10.51 -1.52
CA PHE A 52 -0.66 11.46 -2.56
C PHE A 52 -1.22 12.84 -2.27
N ALA A 53 -2.46 12.88 -1.81
CA ALA A 53 -3.13 14.15 -1.48
C ALA A 53 -2.57 14.73 -0.18
N LYS A 54 -2.27 13.86 0.77
CA LYS A 54 -1.73 14.29 2.05
C LYS A 54 -0.20 14.33 2.03
N SER A 55 0.37 13.93 0.89
CA SER A 55 1.82 13.91 0.74
C SER A 55 2.40 15.31 0.90
N SER A 56 2.18 16.16 -0.09
CA SER A 56 2.69 17.53 -0.06
C SER A 56 4.21 17.55 -0.08
N SER A 57 4.81 16.39 -0.39
CA SER A 57 6.26 16.27 -0.45
C SER A 57 6.68 14.87 -0.87
N LYS A 58 7.91 14.75 -1.37
CA LYS A 58 8.42 13.45 -1.81
C LYS A 58 8.80 12.58 -0.62
N LYS A 59 9.24 13.21 0.46
CA LYS A 59 9.63 12.49 1.67
C LYS A 59 8.41 11.95 2.39
N GLU A 60 7.34 12.74 2.44
CA GLU A 60 6.11 12.34 3.09
C GLU A 60 5.33 11.34 2.23
N TYR A 61 5.47 11.48 0.92
CA TYR A 61 4.78 10.60 -0.01
C TYR A 61 5.32 9.17 0.08
N MET A 62 6.63 9.04 -0.06
CA MET A 62 7.29 7.73 0.01
C MET A 62 7.23 7.17 1.42
N ASP A 63 7.13 8.07 2.41
CA ASP A 63 7.06 7.66 3.81
C ASP A 63 5.67 7.12 4.15
N SER A 64 4.65 7.68 3.50
CA SER A 64 3.28 7.27 3.75
C SER A 64 2.99 5.93 3.08
N MET A 65 3.48 5.76 1.86
CA MET A 65 3.28 4.52 1.12
C MET A 65 4.14 3.40 1.68
N ASN A 66 5.36 3.75 2.08
CA ASN A 66 6.29 2.76 2.64
C ASN A 66 5.82 2.30 4.02
N GLU A 67 5.09 3.17 4.71
CA GLU A 67 4.58 2.84 6.04
C GLU A 67 3.36 1.93 5.96
N LYS A 68 2.40 2.31 5.13
CA LYS A 68 1.18 1.53 4.95
C LYS A 68 1.51 0.13 4.45
N VAL A 69 2.50 0.03 3.56
CA VAL A 69 2.91 -1.25 3.01
C VAL A 69 3.75 -2.03 4.02
N ALA A 70 4.56 -1.32 4.79
CA ALA A 70 5.42 -1.95 5.79
C ALA A 70 4.59 -2.55 6.92
N VAL A 71 3.52 -1.84 7.31
CA VAL A 71 2.65 -2.30 8.38
C VAL A 71 1.71 -3.40 7.89
N MET A 72 1.18 -3.23 6.68
CA MET A 72 0.27 -4.21 6.11
C MET A 72 1.01 -5.50 5.78
N ARG A 73 2.11 -5.39 5.06
CA ARG A 73 2.90 -6.56 4.68
C ARG A 73 3.44 -7.27 5.92
N ASN A 74 3.79 -6.48 6.93
CA ASN A 74 4.34 -7.03 8.17
C ASN A 74 3.31 -7.92 8.87
N THR A 75 2.15 -7.36 9.16
CA THR A 75 1.09 -8.11 9.82
C THR A 75 0.70 -9.34 9.02
N TYR A 76 0.96 -9.30 7.72
CA TYR A 76 0.63 -10.41 6.84
C TYR A 76 1.58 -11.59 7.09
N ASN A 77 2.87 -11.31 7.11
CA ASN A 77 3.88 -12.35 7.33
C ASN A 77 3.96 -12.71 8.80
N THR A 78 3.53 -11.78 9.66
CA THR A 78 3.56 -12.00 11.10
C THR A 78 2.38 -12.85 11.56
N ARG A 79 1.19 -12.50 11.07
CA ARG A 79 -0.02 -13.23 11.42
C ARG A 79 -0.03 -14.62 10.79
N LYS A 80 0.47 -14.71 9.56
CA LYS A 80 0.52 -15.98 8.86
C LYS A 80 1.62 -16.87 9.42
N ASN A 81 2.64 -16.25 10.01
CA ASN A 81 3.75 -16.99 10.59
C ASN A 81 3.26 -17.95 11.67
N ALA A 82 2.33 -17.48 12.49
CA ALA A 82 1.77 -18.30 13.57
C ALA A 82 0.87 -19.40 13.00
N VAL A 83 0.13 -19.07 11.96
CA VAL A 83 -0.78 -20.02 11.33
C VAL A 83 0.00 -21.20 10.72
N THR A 84 0.86 -20.89 9.76
CA THR A 84 1.66 -21.91 9.10
C THR A 84 2.45 -22.73 10.11
N ALA A 85 2.84 -22.08 11.21
CA ALA A 85 3.60 -22.76 12.25
C ALA A 85 2.77 -23.83 12.95
N VAL A 1 6.62 19.86 -0.71
CA VAL A 1 6.87 21.28 -0.95
C VAL A 1 6.86 21.58 -2.45
N GLN A 2 7.95 21.20 -3.13
CA GLN A 2 8.06 21.43 -4.57
C GLN A 2 8.37 20.12 -5.30
N ASP A 3 8.61 19.07 -4.54
CA ASP A 3 8.93 17.77 -5.11
C ASP A 3 7.68 16.89 -5.20
N LYS A 4 6.70 17.19 -4.36
CA LYS A 4 5.45 16.43 -4.33
C LYS A 4 4.52 16.89 -5.45
N ASP A 5 4.69 18.14 -5.87
CA ASP A 5 3.86 18.70 -6.94
C ASP A 5 4.45 18.37 -8.31
N THR A 6 5.75 18.08 -8.33
CA THR A 6 6.43 17.76 -9.58
C THR A 6 6.76 16.27 -9.65
N LEU A 7 5.97 15.46 -8.96
CA LEU A 7 6.17 14.02 -8.94
C LEU A 7 5.97 13.42 -10.33
N SER A 8 6.60 12.28 -10.58
CA SER A 8 6.49 11.61 -11.87
C SER A 8 5.48 10.47 -11.81
N ASN A 9 5.12 9.95 -12.97
CA ASN A 9 4.15 8.86 -13.06
C ASN A 9 4.74 7.57 -12.50
N ALA A 10 6.07 7.49 -12.47
CA ALA A 10 6.76 6.31 -11.96
C ALA A 10 6.33 6.01 -10.53
N GLU A 11 6.45 7.01 -9.66
CA GLU A 11 6.07 6.83 -8.26
C GLU A 11 4.63 6.35 -8.14
N ARG A 12 3.80 6.70 -9.11
CA ARG A 12 2.40 6.30 -9.11
C ARG A 12 2.27 4.81 -9.38
N ALA A 13 2.92 4.34 -10.44
CA ALA A 13 2.88 2.94 -10.81
C ALA A 13 3.56 2.07 -9.76
N LYS A 14 4.61 2.61 -9.15
CA LYS A 14 5.35 1.89 -8.13
C LYS A 14 4.58 1.85 -6.81
N ASN A 15 4.07 3.00 -6.40
CA ASN A 15 3.30 3.10 -5.16
C ASN A 15 2.14 2.12 -5.16
N VAL A 16 1.33 2.16 -6.21
CA VAL A 16 0.18 1.26 -6.33
C VAL A 16 0.63 -0.19 -6.42
N ASN A 17 1.67 -0.44 -7.21
CA ASN A 17 2.19 -1.80 -7.37
C ASN A 17 2.61 -2.38 -6.02
N GLY A 18 3.34 -1.60 -5.24
CA GLY A 18 3.78 -2.05 -3.95
C GLY A 18 2.64 -2.28 -2.97
N LEU A 19 1.66 -1.37 -3.00
CA LEU A 19 0.51 -1.46 -2.11
C LEU A 19 -0.38 -2.63 -2.51
N LEU A 20 -0.47 -2.88 -3.82
CA LEU A 20 -1.30 -3.97 -4.33
C LEU A 20 -0.74 -5.32 -3.90
N GLN A 21 0.59 -5.43 -3.91
CA GLN A 21 1.26 -6.68 -3.53
C GLN A 21 1.11 -6.92 -2.03
N VAL A 22 1.26 -5.86 -1.24
CA VAL A 22 1.16 -5.96 0.21
C VAL A 22 -0.30 -6.10 0.64
N LEU A 23 -1.12 -5.14 0.25
CA LEU A 23 -2.54 -5.16 0.60
C LEU A 23 -3.17 -6.51 0.28
N MET A 24 -2.85 -7.04 -0.90
CA MET A 24 -3.38 -8.33 -1.33
C MET A 24 -2.77 -9.46 -0.52
N ASP A 25 -1.54 -9.25 -0.05
CA ASP A 25 -0.85 -10.26 0.74
C ASP A 25 -1.62 -10.56 2.03
N ILE A 26 -1.99 -9.51 2.75
CA ILE A 26 -2.72 -9.67 3.99
C ILE A 26 -4.18 -10.01 3.74
N ASN A 27 -4.73 -9.47 2.65
CA ASN A 27 -6.12 -9.73 2.28
C ASN A 27 -6.30 -11.16 1.81
N THR A 28 -5.22 -11.75 1.30
CA THR A 28 -5.26 -13.13 0.81
C THR A 28 -5.03 -14.13 1.94
N LEU A 29 -4.26 -13.71 2.94
CA LEU A 29 -3.97 -14.56 4.08
C LEU A 29 -5.23 -14.95 4.81
N ASN A 30 -6.15 -14.00 4.96
CA ASN A 30 -7.42 -14.25 5.63
C ASN A 30 -8.36 -13.06 5.49
N GLY A 31 -8.16 -12.28 4.42
CA GLY A 31 -9.00 -11.12 4.18
C GLY A 31 -10.22 -11.45 3.34
N GLY A 32 -10.27 -12.67 2.82
CA GLY A 32 -11.39 -13.09 2.00
C GLY A 32 -10.95 -13.81 0.74
N SER A 33 -9.86 -13.34 0.14
CA SER A 33 -9.34 -13.94 -1.08
C SER A 33 -10.21 -13.57 -2.28
N SER A 34 -11.47 -13.96 -2.22
CA SER A 34 -12.41 -13.69 -3.31
C SER A 34 -12.67 -12.18 -3.42
N ASP A 35 -12.94 -11.55 -2.28
CA ASP A 35 -13.21 -10.12 -2.25
C ASP A 35 -11.92 -9.32 -2.22
N THR A 36 -10.79 -10.03 -2.32
CA THR A 36 -9.48 -9.38 -2.30
C THR A 36 -9.33 -8.40 -3.45
N ALA A 37 -9.42 -8.91 -4.67
CA ALA A 37 -9.30 -8.07 -5.86
C ALA A 37 -10.11 -6.79 -5.71
N ASP A 38 -11.27 -6.89 -5.07
CA ASP A 38 -12.13 -5.75 -4.86
C ASP A 38 -11.59 -4.84 -3.75
N LYS A 39 -11.19 -5.46 -2.64
CA LYS A 39 -10.65 -4.73 -1.51
C LYS A 39 -9.35 -4.02 -1.89
N ILE A 40 -8.40 -4.79 -2.40
CA ILE A 40 -7.11 -4.24 -2.81
C ILE A 40 -7.28 -3.18 -3.90
N ARG A 41 -8.31 -3.33 -4.71
CA ARG A 41 -8.59 -2.38 -5.78
C ARG A 41 -8.95 -1.01 -5.21
N ILE A 42 -9.93 -0.98 -4.33
CA ILE A 42 -10.38 0.27 -3.71
C ILE A 42 -9.38 0.73 -2.64
N HIS A 43 -8.72 -0.22 -2.01
CA HIS A 43 -7.75 0.09 -0.97
C HIS A 43 -6.50 0.72 -1.57
N ALA A 44 -5.91 0.03 -2.56
CA ALA A 44 -4.71 0.53 -3.22
C ALA A 44 -4.97 1.88 -3.89
N LYS A 45 -6.11 1.99 -4.56
CA LYS A 45 -6.47 3.23 -5.23
C LYS A 45 -6.70 4.36 -4.24
N ASN A 46 -7.57 4.11 -3.26
CA ASN A 46 -7.87 5.10 -2.23
C ASN A 46 -6.61 5.51 -1.48
N PHE A 47 -5.84 4.52 -1.03
CA PHE A 47 -4.61 4.79 -0.30
C PHE A 47 -3.70 5.73 -1.08
N GLU A 48 -3.44 5.38 -2.34
CA GLU A 48 -2.57 6.19 -3.20
C GLU A 48 -3.06 7.64 -3.23
N ALA A 49 -4.37 7.82 -3.38
CA ALA A 49 -4.96 9.15 -3.44
C ALA A 49 -4.84 9.86 -2.09
N ALA A 50 -4.84 9.08 -1.02
CA ALA A 50 -4.72 9.63 0.33
C ALA A 50 -3.29 10.07 0.61
N LEU A 51 -2.33 9.19 0.33
CA LEU A 51 -0.92 9.48 0.56
C LEU A 51 -0.42 10.54 -0.42
N PHE A 52 -0.99 10.54 -1.62
CA PHE A 52 -0.60 11.50 -2.65
C PHE A 52 -1.19 12.88 -2.35
N ALA A 53 -2.48 12.91 -2.05
CA ALA A 53 -3.16 14.16 -1.75
C ALA A 53 -2.66 14.75 -0.44
N LYS A 54 -2.39 13.89 0.54
CA LYS A 54 -1.90 14.33 1.84
C LYS A 54 -0.39 14.48 1.83
N SER A 55 0.24 14.00 0.76
CA SER A 55 1.69 14.07 0.64
C SER A 55 2.19 15.49 0.86
N SER A 56 3.07 15.67 1.84
CA SER A 56 3.62 16.98 2.16
C SER A 56 4.93 17.21 1.43
N SER A 57 5.55 16.13 0.97
CA SER A 57 6.82 16.21 0.25
C SER A 57 7.25 14.83 -0.23
N LYS A 58 8.28 14.81 -1.07
CA LYS A 58 8.82 13.55 -1.60
C LYS A 58 9.11 12.57 -0.47
N LYS A 59 9.51 13.09 0.67
CA LYS A 59 9.82 12.26 1.83
C LYS A 59 8.54 11.78 2.52
N GLU A 60 7.51 12.62 2.50
CA GLU A 60 6.24 12.29 3.12
C GLU A 60 5.48 11.26 2.27
N TYR A 61 5.59 11.39 0.95
CA TYR A 61 4.91 10.49 0.03
C TYR A 61 5.49 9.09 0.13
N MET A 62 6.81 8.98 0.00
CA MET A 62 7.48 7.69 0.07
C MET A 62 7.31 7.06 1.45
N ASP A 63 7.37 7.89 2.48
CA ASP A 63 7.21 7.41 3.86
C ASP A 63 5.77 6.97 4.12
N SER A 64 4.83 7.55 3.37
CA SER A 64 3.43 7.23 3.53
C SER A 64 3.12 5.84 2.96
N MET A 65 3.54 5.61 1.72
CA MET A 65 3.32 4.32 1.07
C MET A 65 4.20 3.23 1.68
N ASN A 66 5.45 3.58 1.97
CA ASN A 66 6.39 2.63 2.56
C ASN A 66 5.92 2.20 3.95
N GLU A 67 5.18 3.08 4.61
CA GLU A 67 4.67 2.78 5.95
C GLU A 67 3.45 1.87 5.88
N LYS A 68 2.51 2.23 5.02
CA LYS A 68 1.29 1.44 4.85
C LYS A 68 1.62 0.03 4.39
N VAL A 69 2.60 -0.09 3.51
CA VAL A 69 3.02 -1.39 2.98
C VAL A 69 3.84 -2.16 4.01
N ALA A 70 4.65 -1.43 4.77
CA ALA A 70 5.49 -2.05 5.79
C ALA A 70 4.65 -2.60 6.93
N VAL A 71 3.60 -1.88 7.30
CA VAL A 71 2.72 -2.30 8.38
C VAL A 71 1.77 -3.39 7.92
N MET A 72 1.24 -3.23 6.70
CA MET A 72 0.32 -4.20 6.14
C MET A 72 1.02 -5.52 5.86
N ARG A 73 2.15 -5.45 5.16
CA ARG A 73 2.92 -6.64 4.82
C ARG A 73 3.44 -7.33 6.08
N ASN A 74 3.79 -6.53 7.08
CA ASN A 74 4.30 -7.07 8.34
C ASN A 74 3.25 -7.93 9.03
N THR A 75 2.08 -7.34 9.29
CA THR A 75 1.00 -8.05 9.95
C THR A 75 0.60 -9.28 9.16
N TYR A 76 0.87 -9.28 7.86
CA TYR A 76 0.53 -10.40 7.00
C TYR A 76 1.45 -11.59 7.28
N ASN A 77 2.75 -11.34 7.35
CA ASN A 77 3.72 -12.38 7.61
C ASN A 77 3.77 -12.72 9.10
N THR A 78 3.35 -11.77 9.93
CA THR A 78 3.35 -11.96 11.38
C THR A 78 2.15 -12.78 11.82
N ARG A 79 0.98 -12.45 11.28
CA ARG A 79 -0.25 -13.17 11.62
C ARG A 79 -0.26 -14.56 11.01
N LYS A 80 0.20 -14.65 9.76
CA LYS A 80 0.26 -15.92 9.05
C LYS A 80 1.32 -16.84 9.64
N ASN A 81 2.33 -16.24 10.27
CA ASN A 81 3.41 -17.00 10.88
C ASN A 81 2.89 -17.90 11.98
N ALA A 82 1.96 -17.37 12.78
CA ALA A 82 1.37 -18.12 13.88
C ALA A 82 0.46 -19.23 13.36
N VAL A 83 -0.27 -18.92 12.29
CA VAL A 83 -1.19 -19.89 11.70
C VAL A 83 -0.44 -21.10 11.16
N THR A 84 0.49 -20.86 10.23
CA THR A 84 1.27 -21.93 9.65
C THR A 84 2.05 -22.70 10.71
N ALA A 85 2.42 -22.01 11.78
CA ALA A 85 3.16 -22.63 12.87
C ALA A 85 2.23 -23.43 13.78
N VAL A 1 5.83 21.49 -4.92
CA VAL A 1 6.68 22.31 -4.07
C VAL A 1 8.12 22.29 -4.56
N GLN A 2 8.77 21.12 -4.44
CA GLN A 2 10.15 20.97 -4.87
C GLN A 2 10.39 19.57 -5.43
N ASP A 3 9.89 18.56 -4.73
CA ASP A 3 10.05 17.17 -5.16
C ASP A 3 8.69 16.51 -5.37
N LYS A 4 7.69 16.98 -4.63
CA LYS A 4 6.34 16.43 -4.73
C LYS A 4 5.65 16.92 -6.01
N ASP A 5 6.05 18.09 -6.48
CA ASP A 5 5.47 18.67 -7.69
C ASP A 5 6.16 18.11 -8.93
N THR A 6 7.38 17.62 -8.76
CA THR A 6 8.14 17.04 -9.87
C THR A 6 8.11 15.53 -9.84
N LEU A 7 7.10 14.97 -9.20
CA LEU A 7 6.96 13.52 -9.09
C LEU A 7 6.72 12.89 -10.46
N SER A 8 7.23 11.68 -10.64
CA SER A 8 7.07 10.97 -11.91
C SER A 8 5.95 9.95 -11.83
N ASN A 9 5.63 9.34 -12.97
CA ASN A 9 4.57 8.34 -13.02
C ASN A 9 5.04 7.01 -12.43
N ALA A 10 6.36 6.83 -12.38
CA ALA A 10 6.93 5.61 -11.82
C ALA A 10 6.47 5.39 -10.38
N GLU A 11 6.64 6.41 -9.55
CA GLU A 11 6.25 6.34 -8.15
C GLU A 11 4.78 5.95 -8.02
N ARG A 12 3.98 6.33 -9.01
CA ARG A 12 2.56 6.03 -9.01
C ARG A 12 2.32 4.53 -9.19
N ALA A 13 2.95 3.96 -10.22
CA ALA A 13 2.81 2.54 -10.50
C ALA A 13 3.37 1.70 -9.37
N LYS A 14 4.49 2.14 -8.81
CA LYS A 14 5.14 1.43 -7.71
C LYS A 14 4.32 1.55 -6.43
N ASN A 15 3.87 2.77 -6.13
CA ASN A 15 3.08 3.02 -4.93
C ASN A 15 1.88 2.09 -4.88
N VAL A 16 1.10 2.06 -5.97
CA VAL A 16 -0.08 1.22 -6.04
C VAL A 16 0.29 -0.25 -6.08
N ASN A 17 1.31 -0.58 -6.89
CA ASN A 17 1.76 -1.96 -7.02
C ASN A 17 2.16 -2.53 -5.66
N GLY A 18 2.86 -1.72 -4.86
CA GLY A 18 3.29 -2.17 -3.55
C GLY A 18 2.14 -2.26 -2.57
N LEU A 19 1.25 -1.28 -2.59
CA LEU A 19 0.11 -1.25 -1.70
C LEU A 19 -0.84 -2.40 -2.00
N LEU A 20 -1.03 -2.68 -3.28
CA LEU A 20 -1.93 -3.76 -3.70
C LEU A 20 -1.34 -5.12 -3.33
N GLN A 21 -0.11 -5.37 -3.76
CA GLN A 21 0.56 -6.63 -3.47
C GLN A 21 0.62 -6.88 -1.97
N VAL A 22 0.83 -5.82 -1.21
CA VAL A 22 0.91 -5.92 0.25
C VAL A 22 -0.47 -6.08 0.87
N LEU A 23 -1.33 -5.10 0.63
CA LEU A 23 -2.69 -5.14 1.16
C LEU A 23 -3.39 -6.46 0.81
N MET A 24 -3.13 -6.94 -0.40
CA MET A 24 -3.72 -8.19 -0.86
C MET A 24 -3.03 -9.39 -0.21
N ASP A 25 -1.77 -9.20 0.16
CA ASP A 25 -0.99 -10.26 0.79
C ASP A 25 -1.58 -10.64 2.15
N ILE A 26 -1.83 -9.64 2.98
CA ILE A 26 -2.40 -9.88 4.30
C ILE A 26 -3.89 -10.21 4.21
N ASN A 27 -4.56 -9.60 3.25
CA ASN A 27 -6.00 -9.83 3.06
C ASN A 27 -6.25 -11.23 2.51
N THR A 28 -5.33 -11.70 1.67
CA THR A 28 -5.46 -13.02 1.06
C THR A 28 -4.86 -14.09 1.97
N LEU A 29 -3.83 -13.73 2.71
CA LEU A 29 -3.17 -14.66 3.63
C LEU A 29 -4.19 -15.34 4.54
N ASN A 30 -5.16 -14.57 5.01
CA ASN A 30 -6.20 -15.10 5.89
C ASN A 30 -7.25 -14.03 6.20
N GLY A 31 -7.40 -13.08 5.29
CA GLY A 31 -8.37 -12.01 5.49
C GLY A 31 -9.80 -12.51 5.42
N GLY A 32 -10.00 -13.66 4.77
CA GLY A 32 -11.33 -14.22 4.65
C GLY A 32 -12.20 -13.44 3.69
N SER A 33 -11.57 -12.69 2.79
CA SER A 33 -12.30 -11.88 1.82
C SER A 33 -11.81 -12.17 0.40
N SER A 34 -12.40 -13.18 -0.23
CA SER A 34 -12.02 -13.56 -1.58
C SER A 34 -12.14 -12.38 -2.54
N ASP A 35 -12.96 -11.41 -2.16
CA ASP A 35 -13.17 -10.21 -2.98
C ASP A 35 -12.07 -9.18 -2.72
N THR A 36 -11.03 -9.60 -2.02
CA THR A 36 -9.92 -8.71 -1.69
C THR A 36 -9.52 -7.88 -2.90
N ALA A 37 -9.37 -8.53 -4.05
CA ALA A 37 -8.99 -7.85 -5.28
C ALA A 37 -9.79 -6.57 -5.47
N ASP A 38 -11.08 -6.63 -5.13
CA ASP A 38 -11.96 -5.47 -5.27
C ASP A 38 -11.71 -4.47 -4.14
N LYS A 39 -11.64 -4.97 -2.91
CA LYS A 39 -11.41 -4.12 -1.76
C LYS A 39 -10.09 -3.38 -1.87
N ILE A 40 -9.01 -4.15 -2.07
CA ILE A 40 -7.68 -3.56 -2.20
C ILE A 40 -7.60 -2.64 -3.42
N ARG A 41 -8.39 -2.95 -4.44
CA ARG A 41 -8.40 -2.14 -5.66
C ARG A 41 -8.87 -0.72 -5.36
N ILE A 42 -10.02 -0.60 -4.71
CA ILE A 42 -10.58 0.71 -4.37
C ILE A 42 -9.87 1.29 -3.15
N HIS A 43 -9.49 0.43 -2.22
CA HIS A 43 -8.80 0.86 -1.01
C HIS A 43 -7.44 1.45 -1.34
N ALA A 44 -6.63 0.69 -2.07
CA ALA A 44 -5.30 1.14 -2.46
C ALA A 44 -5.37 2.37 -3.36
N LYS A 45 -6.24 2.32 -4.35
CA LYS A 45 -6.41 3.43 -5.28
C LYS A 45 -6.80 4.69 -4.54
N ASN A 46 -7.89 4.63 -3.78
CA ASN A 46 -8.38 5.77 -3.02
C ASN A 46 -7.32 6.26 -2.04
N PHE A 47 -6.56 5.32 -1.47
CA PHE A 47 -5.52 5.66 -0.51
C PHE A 47 -4.39 6.40 -1.19
N GLU A 48 -3.90 5.85 -2.30
CA GLU A 48 -2.81 6.48 -3.05
C GLU A 48 -3.13 7.93 -3.38
N ALA A 49 -4.35 8.15 -3.87
CA ALA A 49 -4.79 9.50 -4.23
C ALA A 49 -4.86 10.40 -3.00
N ALA A 50 -5.16 9.80 -1.86
CA ALA A 50 -5.25 10.56 -0.61
C ALA A 50 -3.87 10.92 -0.08
N LEU A 51 -2.98 9.93 -0.02
CA LEU A 51 -1.62 10.15 0.47
C LEU A 51 -0.83 11.00 -0.52
N PHE A 52 -1.13 10.86 -1.79
CA PHE A 52 -0.44 11.62 -2.83
C PHE A 52 -0.91 13.07 -2.86
N ALA A 53 -2.23 13.25 -2.82
CA ALA A 53 -2.81 14.59 -2.83
C ALA A 53 -2.53 15.33 -1.52
N LYS A 54 -2.55 14.58 -0.42
CA LYS A 54 -2.30 15.16 0.90
C LYS A 54 -0.81 15.17 1.22
N SER A 55 -0.02 14.48 0.38
CA SER A 55 1.42 14.40 0.58
C SER A 55 2.01 15.79 0.75
N SER A 56 2.67 16.01 1.89
CA SER A 56 3.28 17.30 2.17
C SER A 56 4.59 17.47 1.39
N SER A 57 5.17 16.35 0.98
CA SER A 57 6.42 16.37 0.23
C SER A 57 6.85 14.96 -0.15
N LYS A 58 7.88 14.86 -0.97
CA LYS A 58 8.40 13.57 -1.42
C LYS A 58 8.66 12.66 -0.23
N LYS A 59 9.02 13.25 0.89
CA LYS A 59 9.31 12.50 2.11
C LYS A 59 8.02 12.03 2.78
N GLU A 60 6.99 12.87 2.73
CA GLU A 60 5.70 12.54 3.33
C GLU A 60 4.95 11.53 2.48
N TYR A 61 5.17 11.58 1.17
CA TYR A 61 4.51 10.67 0.24
C TYR A 61 5.07 9.25 0.37
N MET A 62 6.38 9.13 0.24
CA MET A 62 7.03 7.82 0.36
C MET A 62 6.83 7.23 1.75
N ASP A 63 6.95 8.08 2.77
CA ASP A 63 6.79 7.64 4.15
C ASP A 63 5.35 7.19 4.40
N SER A 64 4.41 7.76 3.65
CA SER A 64 3.00 7.42 3.80
C SER A 64 2.73 6.01 3.27
N MET A 65 3.09 5.79 2.02
CA MET A 65 2.88 4.49 1.38
C MET A 65 3.78 3.42 2.00
N ASN A 66 5.04 3.79 2.25
CA ASN A 66 6.00 2.87 2.83
C ASN A 66 5.54 2.42 4.21
N GLU A 67 4.77 3.27 4.89
CA GLU A 67 4.26 2.96 6.22
C GLU A 67 3.07 2.01 6.14
N LYS A 68 2.10 2.35 5.29
CA LYS A 68 0.92 1.52 5.12
C LYS A 68 1.29 0.12 4.65
N VAL A 69 2.28 0.03 3.77
CA VAL A 69 2.74 -1.25 3.25
C VAL A 69 3.62 -1.98 4.27
N ALA A 70 4.39 -1.21 5.03
CA ALA A 70 5.26 -1.77 6.05
C ALA A 70 4.46 -2.49 7.13
N VAL A 71 3.34 -1.88 7.53
CA VAL A 71 2.49 -2.46 8.57
C VAL A 71 1.65 -3.60 8.01
N MET A 72 1.09 -3.39 6.82
CA MET A 72 0.26 -4.41 6.18
C MET A 72 1.10 -5.63 5.81
N ARG A 73 2.20 -5.42 5.11
CA ARG A 73 3.07 -6.50 4.70
C ARG A 73 3.65 -7.23 5.91
N ASN A 74 3.88 -6.47 6.99
CA ASN A 74 4.43 -7.05 8.21
C ASN A 74 3.48 -8.07 8.81
N THR A 75 2.25 -7.64 9.09
CA THR A 75 1.24 -8.52 9.67
C THR A 75 1.00 -9.73 8.76
N TYR A 76 1.30 -9.58 7.48
CA TYR A 76 1.11 -10.66 6.51
C TYR A 76 2.15 -11.76 6.72
N ASN A 77 3.41 -11.37 6.80
CA ASN A 77 4.50 -12.32 7.00
C ASN A 77 4.49 -12.86 8.42
N THR A 78 3.92 -12.09 9.35
CA THR A 78 3.85 -12.49 10.74
C THR A 78 2.70 -13.47 10.97
N ARG A 79 1.53 -13.14 10.44
CA ARG A 79 0.35 -13.99 10.59
C ARG A 79 0.54 -15.32 9.88
N LYS A 80 1.27 -15.29 8.78
CA LYS A 80 1.54 -16.51 8.01
C LYS A 80 2.66 -17.32 8.63
N ASN A 81 3.54 -16.63 9.37
CA ASN A 81 4.66 -17.30 10.02
C ASN A 81 4.18 -18.16 11.19
N ALA A 82 3.04 -17.79 11.75
CA ALA A 82 2.48 -18.53 12.88
C ALA A 82 1.60 -19.68 12.39
N VAL A 83 0.94 -19.48 11.26
CA VAL A 83 0.06 -20.49 10.69
C VAL A 83 0.88 -21.65 10.11
N THR A 84 2.08 -21.34 9.63
CA THR A 84 2.97 -22.35 9.06
C THR A 84 3.53 -23.27 10.14
N ALA A 85 3.69 -22.73 11.34
CA ALA A 85 4.22 -23.51 12.46
C ALA A 85 3.24 -24.60 12.89
N VAL A 1 4.02 20.53 -4.14
CA VAL A 1 4.35 21.84 -3.61
C VAL A 1 5.79 22.22 -3.95
N GLN A 2 6.71 21.27 -3.79
CA GLN A 2 8.11 21.51 -4.08
C GLN A 2 8.81 20.22 -4.50
N ASP A 3 8.53 19.14 -3.77
CA ASP A 3 9.14 17.84 -4.07
C ASP A 3 8.07 16.85 -4.52
N LYS A 4 6.85 17.01 -4.01
CA LYS A 4 5.75 16.12 -4.36
C LYS A 4 5.16 16.51 -5.71
N ASP A 5 5.26 17.78 -6.06
CA ASP A 5 4.74 18.28 -7.32
C ASP A 5 5.67 17.92 -8.48
N THR A 6 6.94 17.72 -8.16
CA THR A 6 7.93 17.37 -9.17
C THR A 6 8.00 15.86 -9.38
N LEU A 7 7.07 15.13 -8.76
CA LEU A 7 7.03 13.68 -8.88
C LEU A 7 6.70 13.27 -10.30
N SER A 8 7.08 12.05 -10.66
CA SER A 8 6.82 11.52 -12.00
C SER A 8 5.61 10.60 -12.00
N ASN A 9 5.09 10.33 -13.20
CA ASN A 9 3.93 9.46 -13.33
C ASN A 9 4.32 7.99 -13.16
N ALA A 10 5.59 7.70 -13.40
CA ALA A 10 6.09 6.34 -13.28
C ALA A 10 5.98 5.84 -11.84
N GLU A 11 6.41 6.68 -10.89
CA GLU A 11 6.36 6.33 -9.48
C GLU A 11 4.94 5.91 -9.07
N ARG A 12 3.95 6.48 -9.74
CA ARG A 12 2.55 6.17 -9.45
C ARG A 12 2.26 4.70 -9.70
N ALA A 13 2.63 4.22 -10.88
CA ALA A 13 2.41 2.83 -11.26
C ALA A 13 3.18 1.89 -10.35
N LYS A 14 4.42 2.27 -10.03
CA LYS A 14 5.27 1.45 -9.17
C LYS A 14 4.71 1.40 -7.75
N ASN A 15 4.36 2.56 -7.22
CA ASN A 15 3.81 2.65 -5.86
C ASN A 15 2.61 1.72 -5.71
N VAL A 16 1.64 1.85 -6.61
CA VAL A 16 0.44 1.02 -6.56
C VAL A 16 0.79 -0.46 -6.64
N ASN A 17 1.81 -0.78 -7.43
CA ASN A 17 2.25 -2.16 -7.59
C ASN A 17 2.65 -2.77 -6.24
N GLY A 18 3.45 -2.02 -5.48
CA GLY A 18 3.88 -2.49 -4.19
C GLY A 18 2.75 -2.61 -3.20
N LEU A 19 1.76 -1.73 -3.31
CA LEU A 19 0.61 -1.73 -2.42
C LEU A 19 -0.36 -2.84 -2.79
N LEU A 20 -0.46 -3.13 -4.09
CA LEU A 20 -1.35 -4.18 -4.57
C LEU A 20 -0.87 -5.55 -4.13
N GLN A 21 0.43 -5.78 -4.22
CA GLN A 21 1.01 -7.06 -3.82
C GLN A 21 1.00 -7.21 -2.31
N VAL A 22 1.22 -6.11 -1.60
CA VAL A 22 1.22 -6.13 -0.14
C VAL A 22 -0.19 -6.21 0.42
N LEU A 23 -1.03 -5.23 0.06
CA LEU A 23 -2.41 -5.20 0.53
C LEU A 23 -3.10 -6.53 0.26
N MET A 24 -2.91 -7.07 -0.94
CA MET A 24 -3.51 -8.34 -1.31
C MET A 24 -2.93 -9.49 -0.49
N ASP A 25 -1.65 -9.35 -0.12
CA ASP A 25 -0.98 -10.38 0.66
C ASP A 25 -1.68 -10.59 2.00
N ILE A 26 -1.93 -9.50 2.71
CA ILE A 26 -2.59 -9.56 4.01
C ILE A 26 -4.10 -9.78 3.84
N ASN A 27 -4.67 -9.19 2.79
CA ASN A 27 -6.09 -9.33 2.52
C ASN A 27 -6.44 -10.76 2.09
N THR A 28 -5.44 -11.45 1.52
CA THR A 28 -5.64 -12.82 1.07
C THR A 28 -5.43 -13.81 2.22
N LEU A 29 -4.55 -13.45 3.14
CA LEU A 29 -4.25 -14.30 4.29
C LEU A 29 -5.51 -14.57 5.12
N ASN A 30 -6.33 -13.54 5.27
CA ASN A 30 -7.57 -13.65 6.04
C ASN A 30 -8.40 -12.38 5.95
N GLY A 31 -8.21 -11.64 4.85
CA GLY A 31 -8.94 -10.41 4.66
C GLY A 31 -10.06 -10.54 3.64
N GLY A 32 -10.30 -11.76 3.19
CA GLY A 32 -11.34 -12.01 2.21
C GLY A 32 -10.92 -12.99 1.14
N SER A 33 -9.76 -12.74 0.54
CA SER A 33 -9.25 -13.60 -0.51
C SER A 33 -10.03 -13.41 -1.82
N SER A 34 -11.29 -13.83 -1.80
CA SER A 34 -12.15 -13.71 -2.97
C SER A 34 -12.44 -12.25 -3.28
N ASP A 35 -12.83 -11.51 -2.25
CA ASP A 35 -13.15 -10.09 -2.41
C ASP A 35 -11.88 -9.24 -2.37
N THR A 36 -10.73 -9.91 -2.27
CA THR A 36 -9.44 -9.22 -2.22
C THR A 36 -9.31 -8.22 -3.36
N ALA A 37 -9.45 -8.69 -4.59
CA ALA A 37 -9.34 -7.83 -5.76
C ALA A 37 -10.12 -6.55 -5.55
N ASP A 38 -11.27 -6.65 -4.91
CA ASP A 38 -12.12 -5.48 -4.65
C ASP A 38 -11.56 -4.65 -3.51
N LYS A 39 -11.16 -5.31 -2.43
CA LYS A 39 -10.60 -4.62 -1.27
C LYS A 39 -9.32 -3.88 -1.64
N ILE A 40 -8.37 -4.60 -2.22
CA ILE A 40 -7.10 -4.01 -2.63
C ILE A 40 -7.31 -2.92 -3.67
N ARG A 41 -8.36 -3.09 -4.49
CA ARG A 41 -8.67 -2.12 -5.53
C ARG A 41 -9.00 -0.75 -4.93
N ILE A 42 -9.93 -0.73 -3.98
CA ILE A 42 -10.33 0.50 -3.33
C ILE A 42 -9.32 0.92 -2.26
N HIS A 43 -8.72 -0.07 -1.60
CA HIS A 43 -7.74 0.18 -0.56
C HIS A 43 -6.49 0.83 -1.16
N ALA A 44 -5.91 0.19 -2.17
CA ALA A 44 -4.72 0.71 -2.82
C ALA A 44 -5.00 2.04 -3.50
N LYS A 45 -6.03 2.06 -4.34
CA LYS A 45 -6.40 3.28 -5.06
C LYS A 45 -6.59 4.45 -4.10
N ASN A 46 -7.35 4.21 -3.03
CA ASN A 46 -7.62 5.24 -2.04
C ASN A 46 -6.35 5.58 -1.26
N PHE A 47 -5.56 4.55 -0.93
CA PHE A 47 -4.32 4.75 -0.19
C PHE A 47 -3.37 5.68 -0.94
N GLU A 48 -3.08 5.33 -2.19
CA GLU A 48 -2.19 6.13 -3.02
C GLU A 48 -2.70 7.56 -3.15
N ALA A 49 -3.99 7.68 -3.43
CA ALA A 49 -4.61 8.99 -3.59
C ALA A 49 -4.58 9.77 -2.27
N ALA A 50 -4.63 9.05 -1.16
CA ALA A 50 -4.61 9.67 0.16
C ALA A 50 -3.21 10.16 0.51
N LEU A 51 -2.22 9.29 0.34
CA LEU A 51 -0.84 9.65 0.64
C LEU A 51 -0.30 10.64 -0.37
N PHE A 52 -0.78 10.56 -1.60
CA PHE A 52 -0.35 11.46 -2.66
C PHE A 52 -0.97 12.84 -2.49
N ALA A 53 -2.29 12.87 -2.34
CA ALA A 53 -3.02 14.13 -2.17
C ALA A 53 -2.62 14.81 -0.88
N LYS A 54 -2.30 14.01 0.14
CA LYS A 54 -1.90 14.54 1.44
C LYS A 54 -0.38 14.63 1.55
N SER A 55 0.31 14.15 0.52
CA SER A 55 1.77 14.17 0.50
C SER A 55 2.29 15.59 0.73
N SER A 56 3.13 15.75 1.75
CA SER A 56 3.69 17.04 2.09
C SER A 56 5.01 17.26 1.36
N SER A 57 5.65 16.16 0.96
CA SER A 57 6.93 16.23 0.25
C SER A 57 7.40 14.84 -0.14
N LYS A 58 8.49 14.79 -0.91
CA LYS A 58 9.05 13.51 -1.35
C LYS A 58 9.28 12.58 -0.18
N LYS A 59 9.56 13.16 0.99
CA LYS A 59 9.80 12.39 2.19
C LYS A 59 8.50 11.87 2.79
N GLU A 60 7.45 12.68 2.70
CA GLU A 60 6.15 12.30 3.22
C GLU A 60 5.47 11.29 2.30
N TYR A 61 5.69 11.45 1.00
CA TYR A 61 5.09 10.55 0.01
C TYR A 61 5.66 9.14 0.14
N MET A 62 6.98 9.04 0.08
CA MET A 62 7.66 7.75 0.19
C MET A 62 7.44 7.14 1.56
N ASP A 63 7.35 7.99 2.58
CA ASP A 63 7.13 7.53 3.95
C ASP A 63 5.81 6.78 4.07
N SER A 64 4.74 7.40 3.57
CA SER A 64 3.41 6.81 3.63
C SER A 64 3.37 5.51 2.83
N MET A 65 4.01 5.52 1.67
CA MET A 65 4.05 4.34 0.80
C MET A 65 4.81 3.19 1.48
N ASN A 66 6.02 3.47 1.91
CA ASN A 66 6.85 2.46 2.58
C ASN A 66 6.22 2.04 3.90
N GLU A 67 5.44 2.93 4.49
CA GLU A 67 4.79 2.65 5.76
C GLU A 67 3.57 1.75 5.57
N LYS A 68 2.66 2.19 4.71
CA LYS A 68 1.45 1.42 4.43
C LYS A 68 1.79 0.01 3.98
N VAL A 69 2.87 -0.12 3.21
CA VAL A 69 3.30 -1.43 2.72
C VAL A 69 4.03 -2.21 3.81
N ALA A 70 4.77 -1.49 4.65
CA ALA A 70 5.50 -2.13 5.74
C ALA A 70 4.56 -2.64 6.83
N VAL A 71 3.49 -1.89 7.08
CA VAL A 71 2.50 -2.28 8.08
C VAL A 71 1.60 -3.39 7.57
N MET A 72 1.20 -3.28 6.30
CA MET A 72 0.33 -4.28 5.69
C MET A 72 1.09 -5.59 5.46
N ARG A 73 2.22 -5.49 4.77
CA ARG A 73 3.04 -6.67 4.48
C ARG A 73 3.45 -7.38 5.76
N ASN A 74 3.82 -6.59 6.77
CA ASN A 74 4.24 -7.14 8.06
C ASN A 74 3.11 -7.94 8.70
N THR A 75 1.95 -7.31 8.83
CA THR A 75 0.79 -7.94 9.44
C THR A 75 0.46 -9.26 8.74
N TYR A 76 0.84 -9.36 7.47
CA TYR A 76 0.59 -10.56 6.68
C TYR A 76 1.54 -11.68 7.07
N ASN A 77 2.82 -11.34 7.21
CA ASN A 77 3.84 -12.32 7.58
C ASN A 77 3.76 -12.63 9.07
N THR A 78 3.21 -11.71 9.84
CA THR A 78 3.08 -11.89 11.28
C THR A 78 1.85 -12.72 11.62
N ARG A 79 0.72 -12.39 10.99
CA ARG A 79 -0.53 -13.10 11.23
C ARG A 79 -0.45 -14.52 10.68
N LYS A 80 0.29 -14.70 9.60
CA LYS A 80 0.44 -16.00 8.97
C LYS A 80 1.50 -16.83 9.70
N ASN A 81 2.43 -16.15 10.35
CA ASN A 81 3.50 -16.83 11.08
C ASN A 81 2.92 -17.75 12.14
N ALA A 82 1.86 -17.31 12.80
CA ALA A 82 1.20 -18.11 13.83
C ALA A 82 0.44 -19.28 13.23
N VAL A 83 -0.20 -19.04 12.08
CA VAL A 83 -0.96 -20.07 11.40
C VAL A 83 -0.05 -21.19 10.89
N THR A 84 1.04 -20.79 10.25
CA THR A 84 2.00 -21.76 9.71
C THR A 84 2.82 -22.39 10.82
N ALA A 85 3.02 -21.66 11.90
CA ALA A 85 3.79 -22.16 13.04
C ALA A 85 3.28 -23.51 13.49
N VAL A 1 5.69 21.49 -1.75
CA VAL A 1 7.01 22.08 -1.69
C VAL A 1 7.57 22.34 -3.08
N GLN A 2 7.86 21.28 -3.82
CA GLN A 2 8.39 21.41 -5.17
C GLN A 2 8.64 20.04 -5.79
N ASP A 3 9.01 19.07 -4.95
CA ASP A 3 9.28 17.72 -5.41
C ASP A 3 8.00 16.88 -5.41
N LYS A 4 7.07 17.24 -4.54
CA LYS A 4 5.80 16.52 -4.43
C LYS A 4 4.86 16.93 -5.56
N ASP A 5 5.05 18.13 -6.09
CA ASP A 5 4.21 18.64 -7.17
C ASP A 5 4.77 18.22 -8.53
N THR A 6 6.07 17.93 -8.56
CA THR A 6 6.73 17.52 -9.79
C THR A 6 6.98 16.02 -9.81
N LEU A 7 6.15 15.28 -9.09
CA LEU A 7 6.29 13.82 -9.02
C LEU A 7 6.12 13.19 -10.40
N SER A 8 6.75 12.05 -10.60
CA SER A 8 6.67 11.34 -11.88
C SER A 8 5.65 10.20 -11.81
N ASN A 9 5.39 9.58 -12.95
CA ASN A 9 4.45 8.47 -13.02
C ASN A 9 5.02 7.23 -12.38
N ALA A 10 6.35 7.17 -12.28
CA ALA A 10 7.03 6.03 -11.69
C ALA A 10 6.53 5.78 -10.26
N GLU A 11 6.59 6.82 -9.43
CA GLU A 11 6.15 6.73 -8.04
C GLU A 11 4.72 6.22 -7.96
N ARG A 12 3.93 6.52 -9.00
CA ARG A 12 2.53 6.11 -9.04
C ARG A 12 2.43 4.59 -9.25
N ALA A 13 3.13 4.09 -10.26
CA ALA A 13 3.11 2.66 -10.55
C ALA A 13 3.73 1.85 -9.42
N LYS A 14 4.74 2.43 -8.77
CA LYS A 14 5.43 1.77 -7.67
C LYS A 14 4.57 1.81 -6.40
N ASN A 15 4.04 2.99 -6.09
CA ASN A 15 3.20 3.15 -4.91
C ASN A 15 2.06 2.16 -4.90
N VAL A 16 1.36 2.05 -6.03
CA VAL A 16 0.23 1.13 -6.15
C VAL A 16 0.71 -0.31 -6.20
N ASN A 17 1.87 -0.52 -6.82
CA ASN A 17 2.44 -1.86 -6.94
C ASN A 17 2.78 -2.43 -5.56
N GLY A 18 3.40 -1.60 -4.72
CA GLY A 18 3.77 -2.03 -3.40
C GLY A 18 2.58 -2.17 -2.46
N LEU A 19 1.57 -1.34 -2.68
CA LEU A 19 0.37 -1.37 -1.86
C LEU A 19 -0.54 -2.53 -2.27
N LEU A 20 -0.64 -2.76 -3.57
CA LEU A 20 -1.47 -3.84 -4.09
C LEU A 20 -0.90 -5.21 -3.69
N GLN A 21 0.42 -5.33 -3.76
CA GLN A 21 1.08 -6.57 -3.41
C GLN A 21 1.02 -6.83 -1.90
N VAL A 22 1.18 -5.76 -1.13
CA VAL A 22 1.14 -5.87 0.32
C VAL A 22 -0.29 -6.05 0.82
N LEU A 23 -1.15 -5.10 0.48
CA LEU A 23 -2.55 -5.15 0.90
C LEU A 23 -3.16 -6.51 0.58
N MET A 24 -2.94 -6.98 -0.65
CA MET A 24 -3.47 -8.27 -1.08
C MET A 24 -2.81 -9.40 -0.30
N ASP A 25 -1.57 -9.20 0.11
CA ASP A 25 -0.84 -10.21 0.88
C ASP A 25 -1.57 -10.55 2.18
N ILE A 26 -1.87 -9.52 2.96
CA ILE A 26 -2.56 -9.71 4.24
C ILE A 26 -4.05 -9.95 4.01
N ASN A 27 -4.61 -9.30 2.99
CA ASN A 27 -6.02 -9.44 2.68
C ASN A 27 -6.34 -10.88 2.25
N THR A 28 -5.32 -11.59 1.78
CA THR A 28 -5.49 -12.97 1.34
C THR A 28 -5.49 -13.92 2.52
N LEU A 29 -4.78 -13.54 3.58
CA LEU A 29 -4.69 -14.38 4.78
C LEU A 29 -6.06 -14.56 5.41
N ASN A 30 -6.78 -13.45 5.58
CA ASN A 30 -8.12 -13.49 6.17
C ASN A 30 -8.90 -12.21 5.85
N GLY A 31 -8.45 -11.51 4.82
CA GLY A 31 -9.11 -10.27 4.43
C GLY A 31 -10.29 -10.52 3.50
N GLY A 32 -10.43 -11.76 3.03
CA GLY A 32 -11.51 -12.10 2.14
C GLY A 32 -11.10 -13.08 1.07
N SER A 33 -9.92 -12.87 0.49
CA SER A 33 -9.41 -13.74 -0.56
C SER A 33 -10.16 -13.53 -1.87
N SER A 34 -11.44 -13.93 -1.87
CA SER A 34 -12.28 -13.78 -3.06
C SER A 34 -12.56 -12.31 -3.35
N ASP A 35 -12.94 -11.58 -2.31
CA ASP A 35 -13.24 -10.15 -2.45
C ASP A 35 -11.97 -9.32 -2.41
N THR A 36 -10.82 -10.00 -2.32
CA THR A 36 -9.54 -9.32 -2.27
C THR A 36 -9.41 -8.31 -3.40
N ALA A 37 -9.54 -8.78 -4.63
CA ALA A 37 -9.44 -7.92 -5.80
C ALA A 37 -10.24 -6.63 -5.59
N ASP A 38 -11.39 -6.74 -4.94
CA ASP A 38 -12.23 -5.59 -4.68
C ASP A 38 -11.68 -4.75 -3.53
N LYS A 39 -11.28 -5.42 -2.46
CA LYS A 39 -10.73 -4.74 -1.29
C LYS A 39 -9.46 -3.99 -1.64
N ILE A 40 -8.51 -4.71 -2.23
CA ILE A 40 -7.23 -4.11 -2.63
C ILE A 40 -7.44 -3.02 -3.67
N ARG A 41 -8.48 -3.19 -4.49
CA ARG A 41 -8.78 -2.22 -5.54
C ARG A 41 -9.12 -0.86 -4.94
N ILE A 42 -10.07 -0.86 -4.00
CA ILE A 42 -10.49 0.38 -3.35
C ILE A 42 -9.48 0.80 -2.28
N HIS A 43 -8.89 -0.17 -1.60
CA HIS A 43 -7.91 0.10 -0.57
C HIS A 43 -6.67 0.76 -1.16
N ALA A 44 -6.08 0.12 -2.16
CA ALA A 44 -4.88 0.64 -2.81
C ALA A 44 -5.17 1.97 -3.49
N LYS A 45 -6.21 1.99 -4.33
CA LYS A 45 -6.60 3.20 -5.06
C LYS A 45 -6.80 4.37 -4.09
N ASN A 46 -7.64 4.15 -3.08
CA ASN A 46 -7.93 5.19 -2.09
C ASN A 46 -6.65 5.61 -1.37
N PHE A 47 -5.85 4.62 -0.98
CA PHE A 47 -4.60 4.89 -0.27
C PHE A 47 -3.71 5.83 -1.08
N GLU A 48 -3.44 5.45 -2.33
CA GLU A 48 -2.60 6.25 -3.20
C GLU A 48 -3.11 7.69 -3.29
N ALA A 49 -4.42 7.84 -3.45
CA ALA A 49 -5.03 9.16 -3.54
C ALA A 49 -4.93 9.91 -2.22
N ALA A 50 -4.92 9.16 -1.12
CA ALA A 50 -4.82 9.75 0.20
C ALA A 50 -3.40 10.21 0.50
N LEU A 51 -2.43 9.35 0.25
CA LEU A 51 -1.03 9.67 0.48
C LEU A 51 -0.54 10.70 -0.53
N PHE A 52 -1.10 10.67 -1.73
CA PHE A 52 -0.72 11.61 -2.78
C PHE A 52 -1.33 12.98 -2.53
N ALA A 53 -2.62 13.00 -2.23
CA ALA A 53 -3.33 14.24 -1.96
C ALA A 53 -2.86 14.88 -0.65
N LYS A 54 -2.59 14.04 0.34
CA LYS A 54 -2.13 14.51 1.64
C LYS A 54 -0.61 14.67 1.66
N SER A 55 0.04 14.20 0.61
CA SER A 55 1.49 14.28 0.50
C SER A 55 1.97 15.71 0.74
N SER A 56 2.81 15.88 1.74
CA SER A 56 3.35 17.19 2.08
C SER A 56 4.69 17.44 1.38
N SER A 57 5.30 16.36 0.90
CA SER A 57 6.59 16.45 0.21
C SER A 57 7.04 15.08 -0.28
N LYS A 58 8.06 15.07 -1.12
CA LYS A 58 8.59 13.83 -1.67
C LYS A 58 8.88 12.83 -0.56
N LYS A 59 9.30 13.33 0.59
CA LYS A 59 9.61 12.47 1.73
C LYS A 59 8.33 12.00 2.42
N GLU A 60 7.31 12.85 2.40
CA GLU A 60 6.03 12.52 3.02
C GLU A 60 5.27 11.49 2.19
N TYR A 61 5.40 11.60 0.87
CA TYR A 61 4.72 10.68 -0.04
C TYR A 61 5.26 9.27 0.12
N MET A 62 6.58 9.12 0.03
CA MET A 62 7.23 7.82 0.16
C MET A 62 7.05 7.27 1.57
N ASP A 63 7.19 8.14 2.57
CA ASP A 63 7.05 7.74 3.96
C ASP A 63 5.63 7.27 4.25
N SER A 64 4.66 7.83 3.52
CA SER A 64 3.26 7.48 3.70
C SER A 64 2.98 6.09 3.13
N MET A 65 3.37 5.88 1.88
CA MET A 65 3.15 4.60 1.22
C MET A 65 4.02 3.51 1.85
N ASN A 66 5.22 3.89 2.26
CA ASN A 66 6.15 2.95 2.88
C ASN A 66 5.65 2.51 4.25
N GLU A 67 4.87 3.36 4.89
CA GLU A 67 4.32 3.07 6.21
C GLU A 67 3.12 2.12 6.10
N LYS A 68 2.18 2.48 5.23
CA LYS A 68 0.99 1.67 5.02
C LYS A 68 1.36 0.25 4.57
N VAL A 69 2.39 0.15 3.73
CA VAL A 69 2.85 -1.13 3.23
C VAL A 69 3.65 -1.88 4.28
N ALA A 70 4.43 -1.13 5.06
CA ALA A 70 5.26 -1.72 6.10
C ALA A 70 4.40 -2.34 7.20
N VAL A 71 3.31 -1.66 7.55
CA VAL A 71 2.41 -2.15 8.57
C VAL A 71 1.53 -3.28 8.06
N MET A 72 1.03 -3.13 6.83
CA MET A 72 0.19 -4.14 6.21
C MET A 72 0.98 -5.41 5.91
N ARG A 73 2.10 -5.25 5.22
CA ARG A 73 2.95 -6.39 4.88
C ARG A 73 3.43 -7.11 6.14
N ASN A 74 3.78 -6.33 7.16
CA ASN A 74 4.26 -6.90 8.41
C ASN A 74 3.20 -7.80 9.04
N THR A 75 1.99 -7.29 9.13
CA THR A 75 0.88 -8.05 9.72
C THR A 75 0.61 -9.32 8.92
N TYR A 76 0.99 -9.31 7.64
CA TYR A 76 0.78 -10.46 6.78
C TYR A 76 1.77 -11.57 7.10
N ASN A 77 3.04 -11.21 7.24
CA ASN A 77 4.09 -12.18 7.55
C ASN A 77 3.92 -12.72 8.97
N THR A 78 3.26 -11.94 9.82
CA THR A 78 3.03 -12.34 11.20
C THR A 78 1.78 -13.21 11.33
N ARG A 79 0.71 -12.81 10.65
CA ARG A 79 -0.54 -13.56 10.69
C ARG A 79 -0.39 -14.91 9.99
N LYS A 80 0.45 -14.95 8.97
CA LYS A 80 0.68 -16.17 8.22
C LYS A 80 1.77 -17.01 8.88
N ASN A 81 2.65 -16.35 9.63
CA ASN A 81 3.74 -17.04 10.32
C ASN A 81 3.20 -18.18 11.18
N ALA A 82 2.00 -17.99 11.71
CA ALA A 82 1.38 -19.00 12.56
C ALA A 82 0.59 -20.00 11.72
N VAL A 83 0.06 -19.53 10.60
CA VAL A 83 -0.72 -20.39 9.70
C VAL A 83 0.16 -21.45 9.05
N THR A 84 1.31 -21.02 8.53
CA THR A 84 2.24 -21.93 7.88
C THR A 84 2.90 -22.85 8.89
N ALA A 85 3.02 -22.39 10.12
CA ALA A 85 3.63 -23.17 11.19
C ALA A 85 2.70 -24.28 11.65
N VAL A 1 5.51 21.75 -4.35
CA VAL A 1 6.35 22.81 -3.82
C VAL A 1 7.77 22.70 -4.36
N GLN A 2 8.32 21.49 -4.34
CA GLN A 2 9.67 21.25 -4.83
C GLN A 2 9.79 19.85 -5.41
N ASP A 3 9.26 18.86 -4.69
CA ASP A 3 9.32 17.47 -5.14
C ASP A 3 7.92 16.89 -5.27
N LYS A 4 6.98 17.42 -4.47
CA LYS A 4 5.60 16.95 -4.48
C LYS A 4 4.85 17.52 -5.68
N ASP A 5 5.27 18.69 -6.13
CA ASP A 5 4.63 19.35 -7.27
C ASP A 5 5.22 18.84 -8.59
N THR A 6 6.43 18.28 -8.51
CA THR A 6 7.10 17.75 -9.70
C THR A 6 7.10 16.23 -9.71
N LEU A 7 6.12 15.64 -9.02
CA LEU A 7 5.99 14.19 -8.95
C LEU A 7 5.77 13.60 -10.35
N SER A 8 6.38 12.44 -10.59
CA SER A 8 6.25 11.76 -11.88
C SER A 8 5.21 10.64 -11.81
N ASN A 9 4.91 10.05 -12.96
CA ASN A 9 3.93 8.97 -13.03
C ASN A 9 4.52 7.67 -12.48
N ALA A 10 5.85 7.59 -12.48
CA ALA A 10 6.54 6.40 -11.98
C ALA A 10 6.14 6.10 -10.54
N GLU A 11 6.27 7.10 -9.67
CA GLU A 11 5.92 6.94 -8.27
C GLU A 11 4.49 6.44 -8.12
N ARG A 12 3.63 6.80 -9.07
CA ARG A 12 2.23 6.39 -9.04
C ARG A 12 2.10 4.90 -9.29
N ALA A 13 2.74 4.42 -10.36
CA ALA A 13 2.68 3.01 -10.72
C ALA A 13 3.33 2.14 -9.63
N LYS A 14 4.41 2.67 -9.05
CA LYS A 14 5.12 1.95 -8.00
C LYS A 14 4.35 1.98 -6.68
N ASN A 15 3.82 3.15 -6.35
CA ASN A 15 3.05 3.31 -5.11
C ASN A 15 1.90 2.30 -5.05
N VAL A 16 1.14 2.22 -6.14
CA VAL A 16 0.02 1.29 -6.21
C VAL A 16 0.50 -0.15 -6.29
N ASN A 17 1.57 -0.37 -7.05
CA ASN A 17 2.13 -1.71 -7.21
C ASN A 17 2.55 -2.29 -5.87
N GLY A 18 3.25 -1.48 -5.08
CA GLY A 18 3.70 -1.94 -3.77
C GLY A 18 2.56 -2.12 -2.79
N LEU A 19 1.61 -1.19 -2.81
CA LEU A 19 0.46 -1.26 -1.93
C LEU A 19 -0.44 -2.43 -2.28
N LEU A 20 -0.58 -2.70 -3.58
CA LEU A 20 -1.40 -3.79 -4.05
C LEU A 20 -0.84 -5.14 -3.61
N GLN A 21 0.43 -5.36 -3.92
CA GLN A 21 1.09 -6.62 -3.56
C GLN A 21 1.02 -6.85 -2.05
N VAL A 22 1.14 -5.76 -1.29
CA VAL A 22 1.10 -5.85 0.17
C VAL A 22 -0.33 -6.08 0.66
N LEU A 23 -1.21 -5.14 0.35
CA LEU A 23 -2.61 -5.23 0.76
C LEU A 23 -3.20 -6.57 0.33
N MET A 24 -2.94 -6.97 -0.90
CA MET A 24 -3.46 -8.23 -1.42
C MET A 24 -2.86 -9.42 -0.65
N ASP A 25 -1.62 -9.25 -0.19
CA ASP A 25 -0.95 -10.30 0.56
C ASP A 25 -1.68 -10.60 1.86
N ILE A 26 -2.01 -9.55 2.61
CA ILE A 26 -2.72 -9.71 3.88
C ILE A 26 -4.19 -10.01 3.65
N ASN A 27 -4.75 -9.43 2.60
CA ASN A 27 -6.16 -9.64 2.28
C ASN A 27 -6.39 -11.06 1.75
N THR A 28 -5.35 -11.65 1.17
CA THR A 28 -5.43 -12.98 0.62
C THR A 28 -5.17 -14.04 1.70
N LEU A 29 -4.36 -13.68 2.68
CA LEU A 29 -4.03 -14.59 3.78
C LEU A 29 -5.28 -14.99 4.55
N ASN A 30 -6.17 -14.03 4.77
CA ASN A 30 -7.40 -14.28 5.50
C ASN A 30 -8.32 -13.06 5.44
N GLY A 31 -8.17 -12.26 4.39
CA GLY A 31 -9.00 -11.08 4.23
C GLY A 31 -10.21 -11.32 3.34
N GLY A 32 -10.30 -12.54 2.80
CA GLY A 32 -11.41 -12.88 1.94
C GLY A 32 -10.97 -13.66 0.70
N SER A 33 -9.87 -13.22 0.10
CA SER A 33 -9.35 -13.88 -1.09
C SER A 33 -10.20 -13.53 -2.31
N SER A 34 -11.47 -13.90 -2.26
CA SER A 34 -12.39 -13.64 -3.37
C SER A 34 -12.64 -12.15 -3.52
N ASP A 35 -12.98 -11.48 -2.43
CA ASP A 35 -13.23 -10.05 -2.44
C ASP A 35 -11.93 -9.26 -2.33
N THR A 36 -10.83 -9.98 -2.12
CA THR A 36 -9.53 -9.35 -2.00
C THR A 36 -9.29 -8.34 -3.13
N ALA A 37 -9.32 -8.84 -4.37
CA ALA A 37 -9.11 -7.98 -5.52
C ALA A 37 -9.88 -6.67 -5.39
N ASP A 38 -11.18 -6.78 -5.14
CA ASP A 38 -12.03 -5.60 -4.99
C ASP A 38 -11.50 -4.69 -3.89
N LYS A 39 -11.12 -5.29 -2.76
CA LYS A 39 -10.59 -4.53 -1.63
C LYS A 39 -9.30 -3.81 -2.00
N ILE A 40 -8.40 -4.53 -2.68
CA ILE A 40 -7.13 -3.96 -3.10
C ILE A 40 -7.34 -2.81 -4.08
N ARG A 41 -8.43 -2.89 -4.85
CA ARG A 41 -8.74 -1.86 -5.82
C ARG A 41 -9.13 -0.55 -5.13
N ILE A 42 -10.07 -0.64 -4.20
CA ILE A 42 -10.53 0.53 -3.46
C ILE A 42 -9.51 0.95 -2.41
N HIS A 43 -8.74 -0.01 -1.92
CA HIS A 43 -7.72 0.26 -0.91
C HIS A 43 -6.51 0.94 -1.54
N ALA A 44 -5.93 0.31 -2.55
CA ALA A 44 -4.76 0.85 -3.23
C ALA A 44 -5.09 2.19 -3.88
N LYS A 45 -6.31 2.33 -4.37
CA LYS A 45 -6.74 3.57 -5.01
C LYS A 45 -6.96 4.67 -3.98
N ASN A 46 -7.70 4.34 -2.93
CA ASN A 46 -7.99 5.31 -1.87
C ASN A 46 -6.71 5.71 -1.14
N PHE A 47 -5.94 4.72 -0.72
CA PHE A 47 -4.68 4.98 -0.02
C PHE A 47 -3.76 5.89 -0.84
N GLU A 48 -3.52 5.49 -2.09
CA GLU A 48 -2.66 6.26 -2.98
C GLU A 48 -3.12 7.71 -3.05
N ALA A 49 -4.43 7.90 -3.24
CA ALA A 49 -5.00 9.25 -3.32
C ALA A 49 -4.85 10.00 -2.00
N ALA A 50 -4.85 9.25 -0.90
CA ALA A 50 -4.72 9.84 0.42
C ALA A 50 -3.29 10.27 0.68
N LEU A 51 -2.34 9.37 0.43
CA LEU A 51 -0.93 9.65 0.65
C LEU A 51 -0.42 10.66 -0.38
N PHE A 52 -1.00 10.62 -1.58
CA PHE A 52 -0.59 11.52 -2.65
C PHE A 52 -1.15 12.92 -2.41
N ALA A 53 -2.45 13.00 -2.13
CA ALA A 53 -3.10 14.28 -1.88
C ALA A 53 -2.58 14.91 -0.59
N LYS A 54 -2.26 14.08 0.39
CA LYS A 54 -1.76 14.56 1.67
C LYS A 54 -0.23 14.64 1.65
N SER A 55 0.37 14.15 0.57
CA SER A 55 1.82 14.16 0.44
C SER A 55 2.37 15.58 0.56
N SER A 56 3.26 15.79 1.53
CA SER A 56 3.85 17.10 1.76
C SER A 56 5.14 17.26 0.96
N SER A 57 5.72 16.13 0.55
CA SER A 57 6.96 16.14 -0.20
C SER A 57 7.37 14.72 -0.61
N LYS A 58 8.38 14.63 -1.46
CA LYS A 58 8.86 13.33 -1.93
C LYS A 58 9.15 12.40 -0.75
N LYS A 59 9.58 12.98 0.36
CA LYS A 59 9.90 12.22 1.56
C LYS A 59 8.62 11.80 2.29
N GLU A 60 7.62 12.67 2.25
CA GLU A 60 6.34 12.39 2.91
C GLU A 60 5.53 11.37 2.11
N TYR A 61 5.69 11.39 0.80
CA TYR A 61 4.98 10.47 -0.08
C TYR A 61 5.49 9.03 0.11
N MET A 62 6.79 8.86 0.00
CA MET A 62 7.41 7.55 0.15
C MET A 62 7.22 7.02 1.57
N ASP A 63 7.34 7.92 2.55
CA ASP A 63 7.18 7.55 3.95
C ASP A 63 5.74 7.12 4.24
N SER A 64 4.79 7.70 3.51
CA SER A 64 3.38 7.38 3.69
C SER A 64 3.07 5.99 3.16
N MET A 65 3.51 5.71 1.94
CA MET A 65 3.28 4.41 1.32
C MET A 65 4.12 3.33 1.98
N ASN A 66 5.38 3.66 2.27
CA ASN A 66 6.30 2.72 2.90
C ASN A 66 5.78 2.29 4.27
N GLU A 67 5.06 3.21 4.94
CA GLU A 67 4.51 2.93 6.26
C GLU A 67 3.26 2.08 6.15
N LYS A 68 2.45 2.34 5.13
CA LYS A 68 1.21 1.60 4.91
C LYS A 68 1.51 0.17 4.45
N VAL A 69 2.54 0.02 3.62
CA VAL A 69 2.92 -1.28 3.10
C VAL A 69 3.70 -2.07 4.15
N ALA A 70 4.52 -1.37 4.93
CA ALA A 70 5.32 -2.01 5.98
C ALA A 70 4.42 -2.59 7.07
N VAL A 71 3.37 -1.85 7.42
CA VAL A 71 2.45 -2.29 8.46
C VAL A 71 1.52 -3.39 7.94
N MET A 72 1.04 -3.22 6.71
CA MET A 72 0.14 -4.20 6.10
C MET A 72 0.89 -5.49 5.80
N ARG A 73 2.00 -5.38 5.07
CA ARG A 73 2.80 -6.54 4.72
C ARG A 73 3.25 -7.30 5.96
N ASN A 74 3.62 -6.55 7.00
CA ASN A 74 4.08 -7.15 8.24
C ASN A 74 2.98 -7.99 8.88
N THR A 75 1.78 -7.42 8.97
CA THR A 75 0.64 -8.11 9.56
C THR A 75 0.32 -9.39 8.79
N TYR A 76 0.70 -9.42 7.52
CA TYR A 76 0.47 -10.58 6.68
C TYR A 76 1.43 -11.72 7.02
N ASN A 77 2.71 -11.38 7.12
CA ASN A 77 3.73 -12.36 7.45
C ASN A 77 3.70 -12.73 8.93
N THR A 78 3.15 -11.82 9.74
CA THR A 78 3.05 -12.05 11.18
C THR A 78 1.83 -12.90 11.52
N ARG A 79 0.71 -12.58 10.90
CA ARG A 79 -0.53 -13.32 11.14
C ARG A 79 -0.45 -14.73 10.56
N LYS A 80 0.23 -14.86 9.43
CA LYS A 80 0.38 -16.15 8.76
C LYS A 80 1.50 -16.96 9.42
N ASN A 81 2.44 -16.27 10.04
CA ASN A 81 3.55 -16.92 10.71
C ASN A 81 3.06 -17.87 11.80
N ALA A 82 2.05 -17.43 12.55
CA ALA A 82 1.48 -18.24 13.61
C ALA A 82 0.71 -19.42 13.05
N VAL A 83 0.01 -19.20 11.94
CA VAL A 83 -0.77 -20.24 11.29
C VAL A 83 0.12 -21.36 10.75
N THR A 84 1.14 -20.96 9.99
CA THR A 84 2.08 -21.92 9.41
C THR A 84 2.94 -22.56 10.49
N ALA A 85 3.19 -21.82 11.57
CA ALA A 85 4.02 -22.31 12.67
C ALA A 85 3.46 -23.63 13.20
N VAL A 1 4.58 20.47 -5.00
CA VAL A 1 4.58 21.87 -4.58
C VAL A 1 5.97 22.47 -4.69
N GLN A 2 6.97 21.72 -4.23
CA GLN A 2 8.36 22.18 -4.28
C GLN A 2 9.32 21.01 -4.44
N ASP A 3 9.09 19.96 -3.65
CA ASP A 3 9.93 18.77 -3.71
C ASP A 3 9.14 17.56 -4.21
N LYS A 4 7.85 17.55 -3.94
CA LYS A 4 6.98 16.46 -4.37
C LYS A 4 6.61 16.61 -5.84
N ASP A 5 6.59 17.84 -6.32
CA ASP A 5 6.25 18.13 -7.71
C ASP A 5 7.16 17.36 -8.66
N THR A 6 8.38 17.06 -8.19
CA THR A 6 9.35 16.34 -8.99
C THR A 6 8.93 14.87 -9.17
N LEU A 7 8.00 14.44 -8.35
CA LEU A 7 7.51 13.06 -8.42
C LEU A 7 7.03 12.72 -9.82
N SER A 8 7.42 11.54 -10.30
CA SER A 8 7.03 11.09 -11.64
C SER A 8 5.86 10.10 -11.56
N ASN A 9 5.48 9.56 -12.71
CA ASN A 9 4.38 8.61 -12.78
C ASN A 9 4.82 7.24 -12.29
N ALA A 10 6.13 6.99 -12.32
CA ALA A 10 6.68 5.72 -11.88
C ALA A 10 6.29 5.42 -10.44
N GLU A 11 6.58 6.37 -9.55
CA GLU A 11 6.26 6.21 -8.14
C GLU A 11 4.77 5.89 -7.95
N ARG A 12 3.95 6.39 -8.85
CA ARG A 12 2.51 6.16 -8.79
C ARG A 12 2.17 4.71 -9.07
N ALA A 13 2.70 4.18 -10.17
CA ALA A 13 2.47 2.79 -10.56
C ALA A 13 3.08 1.83 -9.54
N LYS A 14 4.23 2.21 -9.00
CA LYS A 14 4.92 1.38 -8.02
C LYS A 14 4.20 1.42 -6.67
N ASN A 15 3.86 2.62 -6.23
CA ASN A 15 3.16 2.81 -4.96
C ASN A 15 1.90 1.97 -4.90
N VAL A 16 1.06 2.11 -5.92
CA VAL A 16 -0.20 1.36 -6.00
C VAL A 16 0.07 -0.14 -6.06
N ASN A 17 1.09 -0.53 -6.83
CA ASN A 17 1.43 -1.93 -6.97
C ASN A 17 1.87 -2.53 -5.64
N GLY A 18 2.64 -1.75 -4.87
CA GLY A 18 3.11 -2.22 -3.58
C GLY A 18 2.00 -2.28 -2.55
N LEU A 19 1.13 -1.28 -2.57
CA LEU A 19 0.01 -1.22 -1.62
C LEU A 19 -0.99 -2.34 -1.90
N LEU A 20 -1.26 -2.59 -3.17
CA LEU A 20 -2.20 -3.64 -3.56
C LEU A 20 -1.65 -5.01 -3.23
N GLN A 21 -0.44 -5.30 -3.70
CA GLN A 21 0.19 -6.58 -3.46
C GLN A 21 0.31 -6.86 -1.96
N VAL A 22 0.61 -5.80 -1.20
CA VAL A 22 0.75 -5.93 0.24
C VAL A 22 -0.61 -6.06 0.92
N LEU A 23 -1.46 -5.05 0.73
CA LEU A 23 -2.79 -5.05 1.33
C LEU A 23 -3.54 -6.34 0.99
N MET A 24 -3.39 -6.79 -0.25
CA MET A 24 -4.04 -8.02 -0.69
C MET A 24 -3.36 -9.25 -0.10
N ASP A 25 -2.08 -9.11 0.22
CA ASP A 25 -1.31 -10.21 0.80
C ASP A 25 -1.85 -10.59 2.17
N ILE A 26 -2.05 -9.60 3.02
CA ILE A 26 -2.57 -9.84 4.36
C ILE A 26 -4.06 -10.17 4.33
N ASN A 27 -4.77 -9.54 3.40
CA ASN A 27 -6.20 -9.77 3.26
C ASN A 27 -6.49 -11.14 2.66
N THR A 28 -5.58 -11.61 1.82
CA THR A 28 -5.73 -12.92 1.18
C THR A 28 -5.15 -14.02 2.06
N LEU A 29 -4.12 -13.69 2.83
CA LEU A 29 -3.49 -14.66 3.71
C LEU A 29 -4.51 -15.32 4.62
N ASN A 30 -5.46 -14.53 5.11
CA ASN A 30 -6.50 -15.03 6.01
C ASN A 30 -7.51 -13.94 6.33
N GLY A 31 -7.64 -12.97 5.43
CA GLY A 31 -8.57 -11.88 5.64
C GLY A 31 -10.02 -12.34 5.56
N GLY A 32 -10.25 -13.45 4.88
CA GLY A 32 -11.59 -13.97 4.75
C GLY A 32 -12.43 -13.18 3.75
N SER A 33 -11.75 -12.53 2.80
CA SER A 33 -12.44 -11.74 1.80
C SER A 33 -11.91 -12.07 0.40
N SER A 34 -12.53 -13.06 -0.24
CA SER A 34 -12.14 -13.48 -1.57
C SER A 34 -12.17 -12.30 -2.54
N ASP A 35 -13.05 -11.34 -2.28
CA ASP A 35 -13.18 -10.16 -3.12
C ASP A 35 -12.16 -9.10 -2.74
N THR A 36 -11.19 -9.48 -1.91
CA THR A 36 -10.15 -8.57 -1.46
C THR A 36 -9.59 -7.76 -2.63
N ALA A 37 -9.24 -8.46 -3.71
CA ALA A 37 -8.69 -7.80 -4.89
C ALA A 37 -9.49 -6.55 -5.24
N ASP A 38 -10.79 -6.60 -5.01
CA ASP A 38 -11.65 -5.47 -5.30
C ASP A 38 -11.57 -4.42 -4.20
N LYS A 39 -11.68 -4.87 -2.95
CA LYS A 39 -11.61 -3.97 -1.80
C LYS A 39 -10.25 -3.31 -1.71
N ILE A 40 -9.21 -4.03 -2.11
CA ILE A 40 -7.85 -3.51 -2.07
C ILE A 40 -7.59 -2.56 -3.23
N ARG A 41 -8.24 -2.82 -4.36
CA ARG A 41 -8.09 -1.98 -5.54
C ARG A 41 -8.65 -0.58 -5.29
N ILE A 42 -9.84 -0.53 -4.69
CA ILE A 42 -10.49 0.75 -4.41
C ILE A 42 -9.85 1.43 -3.19
N HIS A 43 -9.41 0.62 -2.24
CA HIS A 43 -8.77 1.14 -1.03
C HIS A 43 -7.38 1.65 -1.33
N ALA A 44 -6.55 0.81 -1.93
CA ALA A 44 -5.19 1.18 -2.28
C ALA A 44 -5.17 2.39 -3.20
N LYS A 45 -6.06 2.40 -4.18
CA LYS A 45 -6.15 3.51 -5.13
C LYS A 45 -6.54 4.79 -4.43
N ASN A 46 -7.67 4.76 -3.73
CA ASN A 46 -8.16 5.93 -3.01
C ASN A 46 -7.14 6.41 -1.98
N PHE A 47 -6.47 5.45 -1.35
CA PHE A 47 -5.46 5.77 -0.34
C PHE A 47 -4.25 6.48 -0.97
N GLU A 48 -3.74 5.89 -2.05
CA GLU A 48 -2.60 6.47 -2.74
C GLU A 48 -2.84 7.93 -3.11
N ALA A 49 -4.05 8.21 -3.59
CA ALA A 49 -4.42 9.58 -3.97
C ALA A 49 -4.51 10.48 -2.74
N ALA A 50 -4.87 9.90 -1.60
CA ALA A 50 -5.00 10.65 -0.36
C ALA A 50 -3.63 10.96 0.24
N LEU A 51 -2.78 9.93 0.33
CA LEU A 51 -1.44 10.10 0.88
C LEU A 51 -0.57 10.95 -0.05
N PHE A 52 -0.72 10.74 -1.35
CA PHE A 52 0.05 11.48 -2.33
C PHE A 52 -0.35 12.96 -2.33
N ALA A 53 -1.65 13.21 -2.28
CA ALA A 53 -2.16 14.58 -2.27
C ALA A 53 -1.91 15.25 -0.92
N LYS A 54 -2.06 14.48 0.16
CA LYS A 54 -1.85 15.00 1.50
C LYS A 54 -0.37 14.96 1.87
N SER A 55 0.44 14.43 0.96
CA SER A 55 1.88 14.33 1.21
C SER A 55 2.55 15.70 1.11
N SER A 56 2.47 16.31 -0.07
CA SER A 56 3.07 17.61 -0.30
C SER A 56 4.57 17.58 -0.06
N SER A 57 5.13 16.37 -0.09
CA SER A 57 6.57 16.19 0.13
C SER A 57 7.01 14.81 -0.33
N LYS A 58 8.17 14.76 -0.99
CA LYS A 58 8.72 13.50 -1.48
C LYS A 58 8.99 12.53 -0.34
N LYS A 59 9.41 13.08 0.80
CA LYS A 59 9.71 12.26 1.97
C LYS A 59 8.42 11.84 2.68
N GLU A 60 7.43 12.72 2.66
CA GLU A 60 6.14 12.43 3.29
C GLU A 60 5.33 11.44 2.46
N TYR A 61 5.51 11.50 1.14
CA TYR A 61 4.80 10.61 0.23
C TYR A 61 5.31 9.18 0.36
N MET A 62 6.61 9.01 0.19
CA MET A 62 7.23 7.69 0.28
C MET A 62 7.05 7.11 1.68
N ASP A 63 7.24 7.94 2.70
CA ASP A 63 7.10 7.51 4.08
C ASP A 63 5.66 7.08 4.38
N SER A 64 4.72 7.67 3.65
CA SER A 64 3.31 7.36 3.84
C SER A 64 2.98 5.98 3.30
N MET A 65 3.34 5.74 2.03
CA MET A 65 3.08 4.46 1.39
C MET A 65 3.97 3.37 1.98
N ASN A 66 5.24 3.69 2.18
CA ASN A 66 6.18 2.74 2.75
C ASN A 66 5.75 2.30 4.15
N GLU A 67 5.07 3.19 4.85
CA GLU A 67 4.60 2.89 6.20
C GLU A 67 3.35 2.02 6.17
N LYS A 68 2.47 2.27 5.19
CA LYS A 68 1.25 1.51 5.04
C LYS A 68 1.54 0.09 4.55
N VAL A 69 2.53 -0.02 3.66
CA VAL A 69 2.91 -1.32 3.12
C VAL A 69 3.77 -2.10 4.10
N ALA A 70 4.61 -1.39 4.84
CA ALA A 70 5.48 -2.02 5.83
C ALA A 70 4.67 -2.62 6.97
N VAL A 71 3.62 -1.93 7.38
CA VAL A 71 2.75 -2.40 8.46
C VAL A 71 1.83 -3.52 7.98
N MET A 72 1.27 -3.35 6.79
CA MET A 72 0.37 -4.33 6.21
C MET A 72 1.13 -5.61 5.85
N ARG A 73 2.19 -5.45 5.06
CA ARG A 73 2.99 -6.59 4.63
C ARG A 73 3.57 -7.33 5.83
N ASN A 74 4.01 -6.59 6.84
CA ASN A 74 4.57 -7.17 8.04
C ASN A 74 3.55 -8.07 8.73
N THR A 75 2.37 -7.52 9.02
CA THR A 75 1.31 -8.27 9.68
C THR A 75 0.97 -9.53 8.90
N TYR A 76 1.23 -9.52 7.60
CA TYR A 76 0.95 -10.67 6.75
C TYR A 76 1.98 -11.77 6.96
N ASN A 77 3.23 -11.38 7.13
CA ASN A 77 4.31 -12.34 7.34
C ASN A 77 4.22 -12.95 8.75
N THR A 78 3.55 -12.24 9.65
CA THR A 78 3.40 -12.72 11.02
C THR A 78 2.23 -13.71 11.13
N ARG A 79 1.12 -13.37 10.49
CA ARG A 79 -0.06 -14.22 10.51
C ARG A 79 0.18 -15.52 9.75
N LYS A 80 1.03 -15.44 8.74
CA LYS A 80 1.35 -16.62 7.92
C LYS A 80 2.36 -17.51 8.64
N ASN A 81 3.23 -16.89 9.43
CA ASN A 81 4.26 -17.64 10.17
C ASN A 81 3.61 -18.66 11.09
N ALA A 82 2.56 -18.24 11.79
CA ALA A 82 1.85 -19.12 12.71
C ALA A 82 1.12 -20.23 11.96
N VAL A 83 0.62 -19.91 10.78
CA VAL A 83 -0.10 -20.88 9.95
C VAL A 83 0.86 -21.92 9.37
N THR A 84 1.81 -21.45 8.56
CA THR A 84 2.78 -22.34 7.94
C THR A 84 3.52 -23.16 8.99
N ALA A 85 3.67 -22.59 10.18
CA ALA A 85 4.37 -23.27 11.27
C ALA A 85 3.80 -24.66 11.50
N VAL A 1 4.08 21.93 -3.67
CA VAL A 1 5.03 22.81 -3.01
C VAL A 1 6.32 22.93 -3.81
N GLN A 2 6.79 21.80 -4.33
CA GLN A 2 8.02 21.78 -5.12
C GLN A 2 8.35 20.36 -5.57
N ASP A 3 8.28 19.42 -4.65
CA ASP A 3 8.57 18.02 -4.95
C ASP A 3 7.54 17.45 -5.91
N LYS A 4 6.28 17.78 -5.68
CA LYS A 4 5.19 17.30 -6.54
C LYS A 4 5.31 17.88 -7.94
N ASP A 5 5.76 19.12 -8.02
CA ASP A 5 5.92 19.80 -9.31
C ASP A 5 6.88 19.01 -10.21
N THR A 6 7.69 18.16 -9.60
CA THR A 6 8.66 17.36 -10.34
C THR A 6 8.36 15.88 -10.23
N LEU A 7 7.48 15.54 -9.29
CA LEU A 7 7.10 14.13 -9.08
C LEU A 7 6.67 13.48 -10.39
N SER A 8 7.20 12.29 -10.64
CA SER A 8 6.88 11.56 -11.86
C SER A 8 5.83 10.49 -11.59
N ASN A 9 5.33 9.86 -12.65
CA ASN A 9 4.32 8.83 -12.53
C ASN A 9 4.95 7.51 -12.09
N ALA A 10 6.25 7.38 -12.31
CA ALA A 10 6.96 6.17 -11.94
C ALA A 10 6.73 5.82 -10.47
N GLU A 11 7.04 6.76 -9.58
CA GLU A 11 6.86 6.55 -8.15
C GLU A 11 5.42 6.17 -7.84
N ARG A 12 4.49 6.67 -8.64
CA ARG A 12 3.08 6.38 -8.45
C ARG A 12 2.76 4.93 -8.78
N ALA A 13 3.31 4.45 -9.89
CA ALA A 13 3.10 3.07 -10.32
C ALA A 13 3.65 2.08 -9.29
N LYS A 14 4.75 2.46 -8.66
CA LYS A 14 5.39 1.61 -7.65
C LYS A 14 4.59 1.62 -6.35
N ASN A 15 4.03 2.79 -6.01
CA ASN A 15 3.25 2.93 -4.79
C ASN A 15 2.03 2.03 -4.83
N VAL A 16 1.30 2.07 -5.94
CA VAL A 16 0.11 1.25 -6.10
C VAL A 16 0.45 -0.23 -6.17
N ASN A 17 1.50 -0.56 -6.93
CA ASN A 17 1.93 -1.94 -7.08
C ASN A 17 2.37 -2.52 -5.74
N GLY A 18 3.15 -1.74 -4.99
CA GLY A 18 3.62 -2.20 -3.70
C GLY A 18 2.50 -2.38 -2.70
N LEU A 19 1.57 -1.43 -2.68
CA LEU A 19 0.44 -1.50 -1.76
C LEU A 19 -0.47 -2.66 -2.10
N LEU A 20 -0.56 -2.99 -3.39
CA LEU A 20 -1.40 -4.11 -3.84
C LEU A 20 -0.84 -5.43 -3.36
N GLN A 21 0.42 -5.70 -3.68
CA GLN A 21 1.07 -6.94 -3.28
C GLN A 21 1.02 -7.12 -1.77
N VAL A 22 1.19 -6.01 -1.05
CA VAL A 22 1.17 -6.05 0.41
C VAL A 22 -0.26 -6.21 0.93
N LEU A 23 -1.11 -5.24 0.61
CA LEU A 23 -2.50 -5.28 1.04
C LEU A 23 -3.15 -6.63 0.70
N MET A 24 -2.93 -7.08 -0.53
CA MET A 24 -3.49 -8.35 -0.97
C MET A 24 -2.87 -9.52 -0.20
N ASP A 25 -1.63 -9.35 0.23
CA ASP A 25 -0.94 -10.38 0.98
C ASP A 25 -1.66 -10.69 2.29
N ILE A 26 -1.90 -9.64 3.08
CA ILE A 26 -2.59 -9.80 4.35
C ILE A 26 -4.09 -10.01 4.15
N ASN A 27 -4.65 -9.37 3.12
CA ASN A 27 -6.06 -9.49 2.82
C ASN A 27 -6.41 -10.91 2.40
N THR A 28 -5.41 -11.64 1.92
CA THR A 28 -5.61 -13.02 1.47
C THR A 28 -5.58 -13.98 2.64
N LEU A 29 -4.83 -13.62 3.68
CA LEU A 29 -4.72 -14.46 4.87
C LEU A 29 -6.07 -14.65 5.54
N ASN A 30 -6.79 -13.54 5.71
CA ASN A 30 -8.11 -13.58 6.34
C ASN A 30 -8.88 -12.30 6.05
N GLY A 31 -8.47 -11.59 5.01
CA GLY A 31 -9.14 -10.35 4.64
C GLY A 31 -10.28 -10.57 3.66
N GLY A 32 -10.45 -11.82 3.24
CA GLY A 32 -11.50 -12.13 2.29
C GLY A 32 -11.04 -13.08 1.20
N SER A 33 -9.86 -12.81 0.65
CA SER A 33 -9.31 -13.65 -0.40
C SER A 33 -10.04 -13.41 -1.73
N SER A 34 -11.30 -13.83 -1.77
CA SER A 34 -12.12 -13.65 -2.98
C SER A 34 -12.40 -12.18 -3.23
N ASP A 35 -12.84 -11.48 -2.20
CA ASP A 35 -13.15 -10.06 -2.31
C ASP A 35 -11.88 -9.22 -2.21
N THR A 36 -10.75 -9.88 -2.05
CA THR A 36 -9.47 -9.19 -1.93
C THR A 36 -9.26 -8.23 -3.09
N ALA A 37 -9.25 -8.76 -4.31
CA ALA A 37 -9.07 -7.94 -5.50
C ALA A 37 -9.92 -6.68 -5.44
N ASP A 38 -11.11 -6.81 -4.88
CA ASP A 38 -12.02 -5.67 -4.76
C ASP A 38 -11.58 -4.74 -3.64
N LYS A 39 -11.30 -5.32 -2.48
CA LYS A 39 -10.86 -4.54 -1.32
C LYS A 39 -9.56 -3.82 -1.62
N ILE A 40 -8.55 -4.57 -2.04
CA ILE A 40 -7.25 -3.99 -2.36
C ILE A 40 -7.35 -2.96 -3.47
N ARG A 41 -8.32 -3.16 -4.37
CA ARG A 41 -8.53 -2.25 -5.48
C ARG A 41 -8.94 -0.86 -4.98
N ILE A 42 -9.99 -0.83 -4.16
CA ILE A 42 -10.49 0.44 -3.61
C ILE A 42 -9.59 0.93 -2.47
N HIS A 43 -8.99 -0.01 -1.75
CA HIS A 43 -8.11 0.32 -0.64
C HIS A 43 -6.82 0.95 -1.15
N ALA A 44 -6.13 0.25 -2.04
CA ALA A 44 -4.88 0.73 -2.61
C ALA A 44 -5.09 2.04 -3.35
N LYS A 45 -6.08 2.07 -4.23
CA LYS A 45 -6.39 3.26 -5.01
C LYS A 45 -6.68 4.45 -4.11
N ASN A 46 -7.60 4.26 -3.16
CA ASN A 46 -7.98 5.31 -2.23
C ASN A 46 -6.77 5.73 -1.38
N PHE A 47 -6.04 4.75 -0.87
CA PHE A 47 -4.87 5.03 -0.04
C PHE A 47 -3.86 5.88 -0.80
N GLU A 48 -3.51 5.46 -2.00
CA GLU A 48 -2.55 6.19 -2.83
C GLU A 48 -2.98 7.65 -2.99
N ALA A 49 -4.26 7.86 -3.27
CA ALA A 49 -4.80 9.20 -3.45
C ALA A 49 -4.75 9.98 -2.14
N ALA A 50 -4.87 9.26 -1.03
CA ALA A 50 -4.85 9.89 0.29
C ALA A 50 -3.43 10.30 0.69
N LEU A 51 -2.50 9.36 0.54
CA LEU A 51 -1.10 9.61 0.89
C LEU A 51 -0.47 10.60 -0.09
N PHE A 52 -0.86 10.51 -1.35
CA PHE A 52 -0.34 11.39 -2.39
C PHE A 52 -0.88 12.81 -2.22
N ALA A 53 -2.17 12.91 -1.92
CA ALA A 53 -2.81 14.20 -1.73
C ALA A 53 -2.41 14.82 -0.40
N LYS A 54 -2.24 13.98 0.61
CA LYS A 54 -1.85 14.43 1.94
C LYS A 54 -0.33 14.47 2.09
N SER A 55 0.36 14.04 1.04
CA SER A 55 1.83 14.02 1.06
C SER A 55 2.38 15.44 1.12
N SER A 56 2.27 16.17 0.00
CA SER A 56 2.76 17.53 -0.07
C SER A 56 4.29 17.57 0.09
N SER A 57 4.91 16.41 -0.06
CA SER A 57 6.36 16.30 0.07
C SER A 57 6.86 15.00 -0.54
N LYS A 58 8.08 15.03 -1.07
CA LYS A 58 8.68 13.85 -1.68
C LYS A 58 8.99 12.78 -0.63
N LYS A 59 9.51 13.22 0.52
CA LYS A 59 9.84 12.30 1.60
C LYS A 59 8.58 11.85 2.33
N GLU A 60 7.56 12.69 2.33
CA GLU A 60 6.30 12.38 2.99
C GLU A 60 5.51 11.35 2.18
N TYR A 61 5.52 11.49 0.87
CA TYR A 61 4.81 10.58 -0.01
C TYR A 61 5.36 9.15 0.12
N MET A 62 6.68 9.03 0.05
CA MET A 62 7.33 7.73 0.15
C MET A 62 7.24 7.20 1.57
N ASP A 63 7.21 8.10 2.54
CA ASP A 63 7.12 7.72 3.95
C ASP A 63 5.72 7.21 4.29
N SER A 64 4.72 7.76 3.62
CA SER A 64 3.33 7.38 3.85
C SER A 64 3.04 6.02 3.23
N MET A 65 3.49 5.83 1.99
CA MET A 65 3.28 4.57 1.29
C MET A 65 4.13 3.45 1.89
N ASN A 66 5.33 3.81 2.33
CA ASN A 66 6.25 2.84 2.93
C ASN A 66 5.75 2.41 4.30
N GLU A 67 5.01 3.29 4.97
CA GLU A 67 4.47 2.99 6.29
C GLU A 67 3.26 2.07 6.19
N LYS A 68 2.35 2.39 5.27
CA LYS A 68 1.15 1.59 5.08
C LYS A 68 1.50 0.18 4.61
N VAL A 69 2.52 0.08 3.77
CA VAL A 69 2.95 -1.22 3.26
C VAL A 69 3.77 -1.97 4.30
N ALA A 70 4.55 -1.24 5.09
CA ALA A 70 5.38 -1.85 6.12
C ALA A 70 4.52 -2.46 7.22
N VAL A 71 3.43 -1.77 7.57
CA VAL A 71 2.52 -2.25 8.60
C VAL A 71 1.63 -3.37 8.08
N MET A 72 1.13 -3.20 6.86
CA MET A 72 0.27 -4.21 6.25
C MET A 72 1.06 -5.48 5.95
N ARG A 73 2.18 -5.33 5.25
CA ARG A 73 3.01 -6.48 4.89
C ARG A 73 3.49 -7.21 6.14
N ASN A 74 3.86 -6.45 7.16
CA ASN A 74 4.34 -7.03 8.41
C ASN A 74 3.28 -7.92 9.04
N THR A 75 2.05 -7.39 9.14
CA THR A 75 0.95 -8.12 9.73
C THR A 75 0.65 -9.40 8.93
N TYR A 76 1.03 -9.39 7.66
CA TYR A 76 0.80 -10.54 6.79
C TYR A 76 1.78 -11.66 7.11
N ASN A 77 3.05 -11.31 7.27
CA ASN A 77 4.09 -12.29 7.58
C ASN A 77 3.91 -12.85 8.99
N THR A 78 3.23 -12.07 9.84
CA THR A 78 2.99 -12.49 11.22
C THR A 78 1.75 -13.36 11.32
N ARG A 79 0.68 -12.95 10.65
CA ARG A 79 -0.57 -13.70 10.66
C ARG A 79 -0.41 -15.04 9.96
N LYS A 80 0.46 -15.08 8.94
CA LYS A 80 0.70 -16.31 8.19
C LYS A 80 1.77 -17.15 8.88
N ASN A 81 2.65 -16.50 9.63
CA ASN A 81 3.72 -17.19 10.33
C ASN A 81 3.16 -18.31 11.21
N ALA A 82 1.94 -18.11 11.70
CA ALA A 82 1.29 -19.10 12.55
C ALA A 82 0.54 -20.13 11.72
N VAL A 83 0.01 -19.70 10.59
CA VAL A 83 -0.73 -20.59 9.70
C VAL A 83 0.21 -21.56 8.99
N THR A 84 1.44 -21.12 8.75
CA THR A 84 2.44 -21.95 8.08
C THR A 84 2.96 -23.04 9.00
N ALA A 85 2.99 -22.74 10.30
CA ALA A 85 3.46 -23.72 11.29
C ALA A 85 2.49 -24.88 11.42
N VAL A 1 4.68 21.51 -4.78
CA VAL A 1 5.30 22.71 -4.22
C VAL A 1 6.78 22.79 -4.59
N GLN A 2 7.48 21.67 -4.44
CA GLN A 2 8.90 21.62 -4.75
C GLN A 2 9.31 20.23 -5.23
N ASP A 3 8.84 19.20 -4.52
CA ASP A 3 9.15 17.83 -4.87
C ASP A 3 7.87 17.03 -5.11
N LYS A 4 6.78 17.44 -4.46
CA LYS A 4 5.50 16.77 -4.59
C LYS A 4 4.81 17.17 -5.90
N ASP A 5 5.11 18.37 -6.37
CA ASP A 5 4.53 18.87 -7.61
C ASP A 5 5.30 18.36 -8.82
N THR A 6 6.56 18.03 -8.61
CA THR A 6 7.41 17.52 -9.69
C THR A 6 7.43 16.00 -9.71
N LEU A 7 6.40 15.40 -9.13
CA LEU A 7 6.29 13.94 -9.09
C LEU A 7 6.06 13.37 -10.49
N SER A 8 6.65 12.21 -10.75
CA SER A 8 6.51 11.56 -12.04
C SER A 8 5.46 10.45 -11.98
N ASN A 9 5.20 9.83 -13.12
CA ASN A 9 4.22 8.75 -13.21
C ASN A 9 4.79 7.47 -12.62
N ALA A 10 6.11 7.37 -12.57
CA ALA A 10 6.78 6.20 -12.04
C ALA A 10 6.33 5.92 -10.60
N GLU A 11 6.44 6.92 -9.75
CA GLU A 11 6.05 6.77 -8.35
C GLU A 11 4.60 6.31 -8.24
N ARG A 12 3.79 6.67 -9.23
CA ARG A 12 2.38 6.29 -9.24
C ARG A 12 2.23 4.79 -9.50
N ALA A 13 2.89 4.31 -10.55
CA ALA A 13 2.82 2.90 -10.90
C ALA A 13 3.49 2.04 -9.83
N LYS A 14 4.55 2.56 -9.23
CA LYS A 14 5.27 1.84 -8.19
C LYS A 14 4.48 1.83 -6.89
N ASN A 15 3.97 2.99 -6.49
CA ASN A 15 3.19 3.11 -5.26
C ASN A 15 2.02 2.14 -5.26
N VAL A 16 1.22 2.20 -6.33
CA VAL A 16 0.06 1.32 -6.46
C VAL A 16 0.48 -0.14 -6.53
N ASN A 17 1.54 -0.41 -7.27
CA ASN A 17 2.05 -1.76 -7.42
C ASN A 17 2.47 -2.35 -6.08
N GLY A 18 3.22 -1.56 -5.31
CA GLY A 18 3.68 -2.01 -4.01
C GLY A 18 2.54 -2.21 -3.03
N LEU A 19 1.58 -1.30 -3.05
CA LEU A 19 0.42 -1.38 -2.16
C LEU A 19 -0.51 -2.51 -2.57
N LEU A 20 -0.62 -2.73 -3.88
CA LEU A 20 -1.48 -3.78 -4.41
C LEU A 20 -0.99 -5.15 -3.97
N GLN A 21 0.32 -5.37 -4.03
CA GLN A 21 0.91 -6.63 -3.64
C GLN A 21 0.84 -6.83 -2.12
N VAL A 22 0.96 -5.72 -1.39
CA VAL A 22 0.90 -5.76 0.06
C VAL A 22 -0.52 -5.91 0.56
N LEU A 23 -1.37 -4.94 0.22
CA LEU A 23 -2.77 -4.98 0.63
C LEU A 23 -3.41 -6.32 0.30
N MET A 24 -3.05 -6.87 -0.86
CA MET A 24 -3.59 -8.15 -1.29
C MET A 24 -2.97 -9.30 -0.50
N ASP A 25 -1.74 -9.10 -0.05
CA ASP A 25 -1.03 -10.10 0.72
C ASP A 25 -1.76 -10.39 2.03
N ILE A 26 -2.09 -9.33 2.77
CA ILE A 26 -2.78 -9.46 4.03
C ILE A 26 -4.26 -9.80 3.82
N ASN A 27 -4.83 -9.28 2.75
CA ASN A 27 -6.23 -9.52 2.43
C ASN A 27 -6.44 -10.94 1.93
N THR A 28 -5.39 -11.52 1.38
CA THR A 28 -5.45 -12.88 0.86
C THR A 28 -5.22 -13.91 1.97
N LEU A 29 -4.42 -13.53 2.95
CA LEU A 29 -4.12 -14.41 4.08
C LEU A 29 -5.40 -14.81 4.82
N ASN A 30 -6.31 -13.85 4.97
CA ASN A 30 -7.57 -14.10 5.66
C ASN A 30 -8.48 -12.88 5.58
N GLY A 31 -8.28 -12.07 4.55
CA GLY A 31 -9.10 -10.88 4.38
C GLY A 31 -10.32 -11.13 3.53
N GLY A 32 -10.39 -12.32 2.92
CA GLY A 32 -11.52 -12.65 2.08
C GLY A 32 -11.12 -13.46 0.86
N SER A 33 -10.03 -13.04 0.20
CA SER A 33 -9.54 -13.72 -0.98
C SER A 33 -10.43 -13.42 -2.19
N SER A 34 -11.70 -13.79 -2.09
CA SER A 34 -12.65 -13.56 -3.17
C SER A 34 -12.90 -12.07 -3.36
N ASP A 35 -13.20 -11.38 -2.27
CA ASP A 35 -13.46 -9.94 -2.32
C ASP A 35 -12.15 -9.15 -2.28
N THR A 36 -11.04 -9.86 -2.35
CA THR A 36 -9.72 -9.23 -2.32
C THR A 36 -9.57 -8.22 -3.46
N ALA A 37 -9.67 -8.72 -4.69
CA ALA A 37 -9.54 -7.86 -5.87
C ALA A 37 -10.33 -6.57 -5.69
N ASP A 38 -11.49 -6.67 -5.06
CA ASP A 38 -12.34 -5.50 -4.82
C ASP A 38 -11.78 -4.64 -3.69
N LYS A 39 -11.41 -5.29 -2.59
CA LYS A 39 -10.86 -4.59 -1.43
C LYS A 39 -9.57 -3.88 -1.80
N ILE A 40 -8.63 -4.64 -2.35
CA ILE A 40 -7.33 -4.09 -2.75
C ILE A 40 -7.50 -3.00 -3.80
N ARG A 41 -8.54 -3.12 -4.62
CA ARG A 41 -8.81 -2.15 -5.67
C ARG A 41 -9.14 -0.78 -5.07
N ILE A 42 -10.09 -0.75 -4.16
CA ILE A 42 -10.50 0.49 -3.51
C ILE A 42 -9.49 0.91 -2.44
N HIS A 43 -8.88 -0.09 -1.79
CA HIS A 43 -7.90 0.16 -0.74
C HIS A 43 -6.63 0.78 -1.33
N ALA A 44 -6.05 0.12 -2.32
CA ALA A 44 -4.84 0.60 -2.96
C ALA A 44 -5.09 1.96 -3.64
N LYS A 45 -6.16 2.05 -4.41
CA LYS A 45 -6.50 3.29 -5.10
C LYS A 45 -6.68 4.43 -4.11
N ASN A 46 -7.56 4.23 -3.13
CA ASN A 46 -7.84 5.24 -2.13
C ASN A 46 -6.56 5.60 -1.36
N PHE A 47 -5.81 4.58 -0.97
CA PHE A 47 -4.58 4.78 -0.23
C PHE A 47 -3.65 5.74 -0.97
N GLU A 48 -3.36 5.43 -2.22
CA GLU A 48 -2.50 6.27 -3.04
C GLU A 48 -2.99 7.71 -3.07
N ALA A 49 -4.30 7.87 -3.27
CA ALA A 49 -4.90 9.19 -3.33
C ALA A 49 -4.81 9.89 -1.98
N ALA A 50 -4.82 9.10 -0.90
CA ALA A 50 -4.74 9.65 0.44
C ALA A 50 -3.31 10.08 0.78
N LEU A 51 -2.36 9.20 0.52
CA LEU A 51 -0.95 9.50 0.79
C LEU A 51 -0.43 10.57 -0.16
N PHE A 52 -0.97 10.58 -1.39
CA PHE A 52 -0.55 11.55 -2.39
C PHE A 52 -1.14 12.92 -2.10
N ALA A 53 -2.45 12.96 -1.85
CA ALA A 53 -3.13 14.21 -1.55
C ALA A 53 -2.67 14.78 -0.21
N LYS A 54 -2.36 13.89 0.73
CA LYS A 54 -1.90 14.31 2.05
C LYS A 54 -0.38 14.39 2.10
N SER A 55 0.27 14.04 1.00
CA SER A 55 1.72 14.06 0.92
C SER A 55 2.26 15.48 1.13
N SER A 56 3.11 15.64 2.14
CA SER A 56 3.68 16.94 2.45
C SER A 56 4.92 17.21 1.58
N SER A 57 5.45 16.14 0.99
CA SER A 57 6.63 16.26 0.14
C SER A 57 7.00 14.91 -0.47
N LYS A 58 8.10 14.89 -1.22
CA LYS A 58 8.56 13.66 -1.86
C LYS A 58 8.88 12.60 -0.80
N LYS A 59 9.38 13.04 0.34
CA LYS A 59 9.73 12.12 1.42
C LYS A 59 8.48 11.63 2.16
N GLU A 60 7.52 12.54 2.34
CA GLU A 60 6.28 12.21 3.02
C GLU A 60 5.45 11.23 2.18
N TYR A 61 5.57 11.34 0.86
CA TYR A 61 4.82 10.47 -0.04
C TYR A 61 5.38 9.06 -0.03
N MET A 62 6.69 8.95 -0.25
CA MET A 62 7.35 7.64 -0.27
C MET A 62 7.31 7.00 1.12
N ASP A 63 7.56 7.80 2.15
CA ASP A 63 7.55 7.32 3.52
C ASP A 63 6.14 6.89 3.93
N SER A 64 5.14 7.48 3.29
CA SER A 64 3.75 7.17 3.60
C SER A 64 3.36 5.80 3.06
N MET A 65 3.60 5.60 1.76
CA MET A 65 3.28 4.33 1.12
C MET A 65 4.21 3.23 1.60
N ASN A 66 5.49 3.55 1.72
CA ASN A 66 6.49 2.59 2.18
C ASN A 66 6.19 2.12 3.60
N GLU A 67 5.57 3.00 4.38
CA GLU A 67 5.24 2.68 5.76
C GLU A 67 3.98 1.81 5.83
N LYS A 68 3.05 2.06 4.91
CA LYS A 68 1.81 1.29 4.86
C LYS A 68 2.05 -0.10 4.31
N VAL A 69 2.99 -0.22 3.38
CA VAL A 69 3.32 -1.50 2.77
C VAL A 69 4.17 -2.35 3.71
N ALA A 70 5.08 -1.70 4.42
CA ALA A 70 5.96 -2.39 5.36
C ALA A 70 5.20 -2.87 6.58
N VAL A 71 4.23 -2.06 7.03
CA VAL A 71 3.42 -2.40 8.20
C VAL A 71 2.41 -3.47 7.85
N MET A 72 1.77 -3.33 6.69
CA MET A 72 0.77 -4.29 6.25
C MET A 72 1.41 -5.63 5.88
N ARG A 73 2.38 -5.58 4.97
CA ARG A 73 3.07 -6.78 4.53
C ARG A 73 3.67 -7.54 5.71
N ASN A 74 4.24 -6.78 6.65
CA ASN A 74 4.85 -7.38 7.84
C ASN A 74 3.82 -8.13 8.66
N THR A 75 2.72 -7.46 8.97
CA THR A 75 1.64 -8.07 9.75
C THR A 75 1.18 -9.38 9.13
N TYR A 76 1.34 -9.49 7.81
CA TYR A 76 0.94 -10.69 7.10
C TYR A 76 1.95 -11.82 7.31
N ASN A 77 3.22 -11.45 7.34
CA ASN A 77 4.29 -12.43 7.52
C ASN A 77 4.30 -12.96 8.96
N THR A 78 3.73 -12.18 9.87
CA THR A 78 3.66 -12.57 11.27
C THR A 78 2.46 -13.48 11.53
N ARG A 79 1.27 -13.02 11.16
CA ARG A 79 0.05 -13.78 11.36
C ARG A 79 0.14 -15.13 10.64
N LYS A 80 0.68 -15.12 9.43
CA LYS A 80 0.82 -16.34 8.65
C LYS A 80 1.75 -17.32 9.34
N ASN A 81 2.66 -16.81 10.16
CA ASN A 81 3.61 -17.64 10.88
C ASN A 81 3.05 -18.07 12.23
N ALA A 82 2.21 -17.21 12.81
CA ALA A 82 1.61 -17.50 14.10
C ALA A 82 0.46 -18.50 13.96
N VAL A 83 -0.40 -18.27 12.96
CA VAL A 83 -1.53 -19.16 12.72
C VAL A 83 -1.07 -20.56 12.34
N THR A 84 0.00 -20.63 11.56
CA THR A 84 0.55 -21.90 11.11
C THR A 84 1.31 -22.59 12.24
N ALA A 85 1.88 -21.79 13.14
CA ALA A 85 2.64 -22.33 14.26
C ALA A 85 1.71 -22.87 15.33
N VAL A 1 5.99 22.30 -3.57
CA VAL A 1 7.09 23.21 -3.25
C VAL A 1 8.29 22.97 -4.16
N GLN A 2 8.61 21.70 -4.37
CA GLN A 2 9.75 21.34 -5.22
C GLN A 2 9.91 19.82 -5.29
N ASP A 3 9.59 19.14 -4.19
CA ASP A 3 9.71 17.70 -4.11
C ASP A 3 8.39 17.03 -4.49
N LYS A 4 7.29 17.75 -4.32
CA LYS A 4 5.97 17.24 -4.65
C LYS A 4 5.70 17.32 -6.15
N ASP A 5 6.37 18.26 -6.81
CA ASP A 5 6.21 18.43 -8.25
C ASP A 5 7.25 17.63 -9.02
N THR A 6 8.27 17.15 -8.31
CA THR A 6 9.33 16.36 -8.92
C THR A 6 8.87 14.94 -9.18
N LEU A 7 7.79 14.53 -8.52
CA LEU A 7 7.26 13.19 -8.67
C LEU A 7 6.38 13.10 -9.92
N SER A 8 6.70 12.13 -10.79
CA SER A 8 5.95 11.94 -12.03
C SER A 8 4.97 10.79 -11.88
N ASN A 9 4.37 10.39 -12.99
CA ASN A 9 3.41 9.28 -13.00
C ASN A 9 4.07 7.99 -12.53
N ALA A 10 5.38 7.93 -12.64
CA ALA A 10 6.13 6.75 -12.22
C ALA A 10 5.85 6.41 -10.76
N GLU A 11 6.03 7.39 -9.89
CA GLU A 11 5.79 7.19 -8.46
C GLU A 11 4.39 6.66 -8.21
N ARG A 12 3.46 7.03 -9.08
CA ARG A 12 2.07 6.60 -8.96
C ARG A 12 1.94 5.11 -9.23
N ALA A 13 2.50 4.66 -10.36
CA ALA A 13 2.44 3.26 -10.73
C ALA A 13 3.21 2.40 -9.74
N LYS A 14 4.31 2.93 -9.21
CA LYS A 14 5.13 2.22 -8.25
C LYS A 14 4.47 2.18 -6.88
N ASN A 15 3.98 3.34 -6.44
CA ASN A 15 3.33 3.44 -5.14
C ASN A 15 2.19 2.43 -5.03
N VAL A 16 1.29 2.44 -6.01
CA VAL A 16 0.16 1.52 -6.01
C VAL A 16 0.62 0.08 -6.12
N ASN A 17 1.56 -0.17 -7.02
CA ASN A 17 2.10 -1.51 -7.23
C ASN A 17 2.53 -2.13 -5.90
N GLY A 18 3.31 -1.38 -5.12
CA GLY A 18 3.77 -1.87 -3.84
C GLY A 18 2.64 -2.09 -2.86
N LEU A 19 1.71 -1.15 -2.82
CA LEU A 19 0.57 -1.24 -1.90
C LEU A 19 -0.31 -2.43 -2.26
N LEU A 20 -0.45 -2.69 -3.55
CA LEU A 20 -1.26 -3.82 -4.03
C LEU A 20 -0.66 -5.15 -3.57
N GLN A 21 0.64 -5.30 -3.78
CA GLN A 21 1.33 -6.53 -3.40
C GLN A 21 1.20 -6.78 -1.90
N VAL A 22 1.29 -5.73 -1.11
CA VAL A 22 1.19 -5.83 0.33
C VAL A 22 -0.27 -6.06 0.76
N LEU A 23 -1.15 -5.14 0.37
CA LEU A 23 -2.57 -5.25 0.71
C LEU A 23 -3.12 -6.61 0.30
N MET A 24 -2.78 -7.04 -0.90
CA MET A 24 -3.24 -8.33 -1.40
C MET A 24 -2.66 -9.48 -0.59
N ASP A 25 -1.45 -9.27 -0.08
CA ASP A 25 -0.78 -10.30 0.72
C ASP A 25 -1.57 -10.59 1.99
N ILE A 26 -1.95 -9.54 2.71
CA ILE A 26 -2.71 -9.69 3.94
C ILE A 26 -4.16 -10.05 3.66
N ASN A 27 -4.69 -9.49 2.57
CA ASN A 27 -6.07 -9.75 2.18
C ASN A 27 -6.23 -11.18 1.67
N THR A 28 -5.16 -11.75 1.15
CA THR A 28 -5.18 -13.11 0.63
C THR A 28 -4.95 -14.13 1.74
N LEU A 29 -4.20 -13.73 2.76
CA LEU A 29 -3.91 -14.61 3.88
C LEU A 29 -5.19 -15.03 4.59
N ASN A 30 -6.11 -14.08 4.76
CA ASN A 30 -7.38 -14.36 5.42
C ASN A 30 -8.32 -13.17 5.29
N GLY A 31 -8.13 -12.38 4.24
CA GLY A 31 -8.97 -11.21 4.02
C GLY A 31 -10.10 -11.50 3.04
N GLY A 32 -10.13 -12.71 2.51
CA GLY A 32 -11.17 -13.09 1.57
C GLY A 32 -10.62 -13.86 0.38
N SER A 33 -9.48 -13.42 -0.13
CA SER A 33 -8.86 -14.07 -1.28
C SER A 33 -9.60 -13.74 -2.57
N SER A 34 -10.87 -14.13 -2.61
CA SER A 34 -11.70 -13.88 -3.79
C SER A 34 -11.97 -12.38 -3.96
N ASP A 35 -12.43 -11.75 -2.88
CA ASP A 35 -12.72 -10.33 -2.91
C ASP A 35 -11.45 -9.50 -2.68
N THR A 36 -10.32 -10.18 -2.57
CA THR A 36 -9.04 -9.52 -2.35
C THR A 36 -8.77 -8.48 -3.43
N ALA A 37 -8.68 -8.93 -4.68
CA ALA A 37 -8.43 -8.04 -5.80
C ALA A 37 -9.34 -6.83 -5.76
N ASP A 38 -10.57 -7.04 -5.27
CA ASP A 38 -11.55 -5.97 -5.18
C ASP A 38 -11.17 -4.98 -4.08
N LYS A 39 -10.90 -5.51 -2.89
CA LYS A 39 -10.51 -4.67 -1.75
C LYS A 39 -9.20 -3.96 -2.01
N ILE A 40 -8.26 -4.68 -2.63
CA ILE A 40 -6.95 -4.11 -2.94
C ILE A 40 -7.07 -2.97 -3.95
N ARG A 41 -8.05 -3.07 -4.83
CA ARG A 41 -8.27 -2.04 -5.84
C ARG A 41 -8.81 -0.76 -5.21
N ILE A 42 -9.85 -0.90 -4.40
CA ILE A 42 -10.45 0.24 -3.73
C ILE A 42 -9.57 0.76 -2.60
N HIS A 43 -8.83 -0.15 -1.97
CA HIS A 43 -7.94 0.19 -0.87
C HIS A 43 -6.69 0.90 -1.39
N ALA A 44 -5.98 0.23 -2.30
CA ALA A 44 -4.77 0.80 -2.88
C ALA A 44 -5.04 2.15 -3.54
N LYS A 45 -6.22 2.26 -4.16
CA LYS A 45 -6.60 3.50 -4.83
C LYS A 45 -6.99 4.57 -3.81
N ASN A 46 -7.85 4.21 -2.86
CA ASN A 46 -8.28 5.15 -1.83
C ASN A 46 -7.10 5.64 -1.01
N PHE A 47 -6.28 4.71 -0.53
CA PHE A 47 -5.12 5.06 0.27
C PHE A 47 -4.16 5.97 -0.52
N GLU A 48 -3.89 5.60 -1.76
CA GLU A 48 -3.00 6.37 -2.62
C GLU A 48 -3.44 7.83 -2.66
N ALA A 49 -4.73 8.05 -2.85
CA ALA A 49 -5.28 9.40 -2.93
C ALA A 49 -5.13 10.13 -1.59
N ALA A 50 -5.15 9.35 -0.50
CA ALA A 50 -5.02 9.92 0.84
C ALA A 50 -3.58 10.28 1.14
N LEU A 51 -2.67 9.35 0.88
CA LEU A 51 -1.24 9.57 1.13
C LEU A 51 -0.68 10.59 0.15
N PHE A 52 -1.17 10.56 -1.09
CA PHE A 52 -0.72 11.49 -2.12
C PHE A 52 -1.22 12.90 -1.84
N ALA A 53 -2.51 13.02 -1.53
CA ALA A 53 -3.10 14.32 -1.24
C ALA A 53 -2.58 14.88 0.08
N LYS A 54 -2.24 13.99 1.00
CA LYS A 54 -1.73 14.40 2.30
C LYS A 54 -0.20 14.41 2.31
N SER A 55 0.39 14.03 1.18
CA SER A 55 1.84 13.99 1.06
C SER A 55 2.42 15.39 0.92
N SER A 56 2.13 16.04 -0.21
CA SER A 56 2.62 17.38 -0.46
C SER A 56 4.14 17.40 -0.54
N SER A 57 4.74 16.23 -0.70
CA SER A 57 6.19 16.11 -0.79
C SER A 57 6.60 14.66 -1.06
N LYS A 58 7.67 14.49 -1.83
CA LYS A 58 8.16 13.17 -2.16
C LYS A 58 8.55 12.39 -0.91
N LYS A 59 9.05 13.12 0.08
CA LYS A 59 9.47 12.50 1.34
C LYS A 59 8.26 11.94 2.10
N GLU A 60 7.19 12.72 2.14
CA GLU A 60 5.97 12.30 2.83
C GLU A 60 5.21 11.27 2.01
N TYR A 61 5.33 11.37 0.68
CA TYR A 61 4.65 10.44 -0.21
C TYR A 61 5.18 9.03 -0.06
N MET A 62 6.49 8.87 -0.24
CA MET A 62 7.13 7.57 -0.11
C MET A 62 7.05 7.06 1.32
N ASP A 63 7.21 7.98 2.28
CA ASP A 63 7.17 7.62 3.69
C ASP A 63 5.77 7.13 4.08
N SER A 64 4.76 7.66 3.39
CA SER A 64 3.37 7.29 3.67
C SER A 64 3.07 5.88 3.14
N MET A 65 3.37 5.66 1.87
CA MET A 65 3.13 4.36 1.24
C MET A 65 4.06 3.31 1.83
N ASN A 66 5.22 3.74 2.32
CA ASN A 66 6.19 2.83 2.91
C ASN A 66 5.74 2.38 4.29
N GLU A 67 5.03 3.25 5.00
CA GLU A 67 4.55 2.94 6.33
C GLU A 67 3.31 2.04 6.27
N LYS A 68 2.48 2.25 5.25
CA LYS A 68 1.28 1.46 5.07
C LYS A 68 1.61 0.05 4.59
N VAL A 69 2.64 -0.06 3.74
CA VAL A 69 3.06 -1.34 3.20
C VAL A 69 3.86 -2.13 4.24
N ALA A 70 4.67 -1.41 5.02
CA ALA A 70 5.48 -2.05 6.05
C ALA A 70 4.62 -2.60 7.17
N VAL A 71 3.56 -1.87 7.52
CA VAL A 71 2.66 -2.30 8.58
C VAL A 71 1.71 -3.38 8.09
N MET A 72 1.20 -3.21 6.87
CA MET A 72 0.28 -4.17 6.29
C MET A 72 0.98 -5.48 5.99
N ARG A 73 2.10 -5.40 5.28
CA ARG A 73 2.87 -6.59 4.91
C ARG A 73 3.38 -7.29 6.16
N ASN A 74 3.74 -6.51 7.18
CA ASN A 74 4.24 -7.06 8.43
C ASN A 74 3.19 -7.93 9.11
N THR A 75 2.03 -7.34 9.39
CA THR A 75 0.95 -8.06 10.05
C THR A 75 0.56 -9.30 9.25
N TYR A 76 0.85 -9.28 7.94
CA TYR A 76 0.52 -10.41 7.07
C TYR A 76 1.44 -11.58 7.34
N ASN A 77 2.74 -11.33 7.38
CA ASN A 77 3.73 -12.37 7.62
C ASN A 77 3.77 -12.74 9.10
N THR A 78 3.34 -11.80 9.95
CA THR A 78 3.32 -12.03 11.39
C THR A 78 2.11 -12.85 11.81
N ARG A 79 0.94 -12.46 11.30
CA ARG A 79 -0.29 -13.16 11.64
C ARG A 79 -0.30 -14.56 11.02
N LYS A 80 0.26 -14.68 9.82
CA LYS A 80 0.32 -15.96 9.12
C LYS A 80 1.39 -16.86 9.73
N ASN A 81 2.39 -16.25 10.34
CA ASN A 81 3.47 -17.00 10.97
C ASN A 81 2.93 -18.00 11.99
N ALA A 82 2.02 -17.53 12.83
CA ALA A 82 1.41 -18.38 13.86
C ALA A 82 0.54 -19.45 13.22
N VAL A 83 -0.04 -19.14 12.08
CA VAL A 83 -0.92 -20.07 11.38
C VAL A 83 -0.12 -21.23 10.81
N THR A 84 0.80 -20.92 9.90
CA THR A 84 1.64 -21.95 9.27
C THR A 84 2.41 -22.74 10.31
N ALA A 85 2.69 -22.11 11.45
CA ALA A 85 3.42 -22.77 12.53
C ALA A 85 2.76 -24.07 12.93
N VAL A 1 6.44 21.12 -4.35
CA VAL A 1 7.16 22.25 -3.76
C VAL A 1 8.64 22.22 -4.16
N GLN A 2 9.26 21.05 -4.03
CA GLN A 2 10.67 20.89 -4.38
C GLN A 2 10.94 19.50 -4.94
N ASP A 3 10.38 18.48 -4.29
CA ASP A 3 10.56 17.10 -4.72
C ASP A 3 9.22 16.48 -5.14
N LYS A 4 8.15 16.94 -4.51
CA LYS A 4 6.81 16.44 -4.81
C LYS A 4 6.27 17.05 -6.10
N ASP A 5 6.74 18.26 -6.42
CA ASP A 5 6.31 18.94 -7.63
C ASP A 5 6.97 18.33 -8.87
N THR A 6 7.99 17.52 -8.63
CA THR A 6 8.71 16.87 -9.73
C THR A 6 8.46 15.37 -9.75
N LEU A 7 7.44 14.95 -9.03
CA LEU A 7 7.08 13.52 -8.96
C LEU A 7 6.70 13.00 -10.33
N SER A 8 7.16 11.80 -10.65
CA SER A 8 6.87 11.18 -11.95
C SER A 8 5.75 10.15 -11.81
N ASN A 9 5.37 9.54 -12.93
CA ASN A 9 4.31 8.55 -12.95
C ASN A 9 4.81 7.21 -12.40
N ALA A 10 6.13 7.02 -12.44
CA ALA A 10 6.74 5.79 -11.95
C ALA A 10 6.34 5.53 -10.50
N GLU A 11 6.58 6.51 -9.64
CA GLU A 11 6.25 6.39 -8.22
C GLU A 11 4.79 6.02 -8.03
N ARG A 12 3.95 6.44 -8.97
CA ARG A 12 2.51 6.16 -8.90
C ARG A 12 2.25 4.67 -9.14
N ALA A 13 2.81 4.14 -10.22
CA ALA A 13 2.64 2.73 -10.56
C ALA A 13 3.25 1.83 -9.50
N LYS A 14 4.39 2.25 -8.95
CA LYS A 14 5.07 1.48 -7.92
C LYS A 14 4.32 1.57 -6.59
N ASN A 15 3.92 2.78 -6.23
CA ASN A 15 3.19 3.00 -4.98
C ASN A 15 1.97 2.09 -4.89
N VAL A 16 1.13 2.13 -5.93
CA VAL A 16 -0.07 1.31 -5.97
C VAL A 16 0.28 -0.17 -6.03
N ASN A 17 1.36 -0.49 -6.75
CA ASN A 17 1.80 -1.87 -6.88
C ASN A 17 2.21 -2.45 -5.53
N GLY A 18 2.88 -1.64 -4.72
CA GLY A 18 3.31 -2.09 -3.41
C GLY A 18 2.17 -2.15 -2.40
N LEU A 19 1.21 -1.24 -2.55
CA LEU A 19 0.06 -1.20 -1.66
C LEU A 19 -0.91 -2.34 -1.95
N LEU A 20 -1.14 -2.60 -3.23
CA LEU A 20 -2.04 -3.67 -3.65
C LEU A 20 -1.45 -5.04 -3.31
N GLN A 21 -0.22 -5.26 -3.74
CA GLN A 21 0.46 -6.53 -3.48
C GLN A 21 0.54 -6.81 -1.98
N VAL A 22 0.76 -5.75 -1.21
CA VAL A 22 0.86 -5.88 0.24
C VAL A 22 -0.52 -6.06 0.88
N LEU A 23 -1.39 -5.07 0.67
CA LEU A 23 -2.73 -5.11 1.22
C LEU A 23 -3.44 -6.42 0.86
N MET A 24 -3.21 -6.89 -0.36
CA MET A 24 -3.81 -8.14 -0.82
C MET A 24 -3.12 -9.34 -0.20
N ASP A 25 -1.84 -9.17 0.15
CA ASP A 25 -1.06 -10.24 0.74
C ASP A 25 -1.63 -10.63 2.10
N ILE A 26 -1.90 -9.64 2.94
CA ILE A 26 -2.45 -9.89 4.27
C ILE A 26 -3.92 -10.24 4.19
N ASN A 27 -4.62 -9.64 3.24
CA ASN A 27 -6.05 -9.89 3.05
C ASN A 27 -6.29 -11.29 2.47
N THR A 28 -5.35 -11.74 1.64
CA THR A 28 -5.46 -13.05 1.01
C THR A 28 -4.87 -14.13 1.91
N LEU A 29 -3.84 -13.76 2.67
CA LEU A 29 -3.18 -14.71 3.57
C LEU A 29 -4.19 -15.39 4.49
N ASN A 30 -5.17 -14.62 4.96
CA ASN A 30 -6.20 -15.15 5.85
C ASN A 30 -7.25 -14.09 6.16
N GLY A 31 -7.40 -13.14 5.25
CA GLY A 31 -8.38 -12.07 5.44
C GLY A 31 -9.81 -12.57 5.37
N GLY A 32 -10.01 -13.71 4.71
CA GLY A 32 -11.33 -14.27 4.58
C GLY A 32 -12.21 -13.49 3.62
N SER A 33 -11.57 -12.74 2.72
CA SER A 33 -12.30 -11.94 1.74
C SER A 33 -11.80 -12.22 0.33
N SER A 34 -12.40 -13.23 -0.30
CA SER A 34 -12.03 -13.60 -1.66
C SER A 34 -12.14 -12.41 -2.61
N ASP A 35 -12.98 -11.45 -2.24
CA ASP A 35 -13.17 -10.26 -3.06
C ASP A 35 -12.09 -9.22 -2.77
N THR A 36 -11.05 -9.64 -2.04
CA THR A 36 -9.96 -8.73 -1.69
C THR A 36 -9.53 -7.90 -2.89
N ALA A 37 -9.35 -8.56 -4.03
CA ALA A 37 -8.94 -7.87 -5.24
C ALA A 37 -9.75 -6.60 -5.47
N ASP A 38 -11.04 -6.67 -5.16
CA ASP A 38 -11.91 -5.51 -5.32
C ASP A 38 -11.71 -4.50 -4.19
N LYS A 39 -11.67 -5.00 -2.96
CA LYS A 39 -11.47 -4.16 -1.80
C LYS A 39 -10.14 -3.42 -1.88
N ILE A 40 -9.06 -4.18 -2.04
CA ILE A 40 -7.72 -3.60 -2.14
C ILE A 40 -7.61 -2.66 -3.34
N ARG A 41 -8.37 -2.97 -4.39
CA ARG A 41 -8.36 -2.16 -5.60
C ARG A 41 -8.83 -0.74 -5.31
N ILE A 42 -10.02 -0.63 -4.70
CA ILE A 42 -10.58 0.67 -4.37
C ILE A 42 -9.92 1.26 -3.13
N HIS A 43 -9.54 0.40 -2.20
CA HIS A 43 -8.88 0.82 -0.97
C HIS A 43 -7.50 1.42 -1.26
N ALA A 44 -6.67 0.65 -1.96
CA ALA A 44 -5.33 1.10 -2.31
C ALA A 44 -5.38 2.35 -3.20
N LYS A 45 -6.22 2.31 -4.22
CA LYS A 45 -6.37 3.43 -5.14
C LYS A 45 -6.80 4.69 -4.40
N ASN A 46 -7.92 4.60 -3.68
CA ASN A 46 -8.44 5.72 -2.92
C ASN A 46 -7.42 6.20 -1.89
N PHE A 47 -6.68 5.27 -1.32
CA PHE A 47 -5.66 5.60 -0.32
C PHE A 47 -4.51 6.37 -0.95
N GLU A 48 -3.97 5.83 -2.05
CA GLU A 48 -2.86 6.46 -2.75
C GLU A 48 -3.18 7.91 -3.07
N ALA A 49 -4.40 8.15 -3.53
CA ALA A 49 -4.84 9.50 -3.88
C ALA A 49 -4.98 10.38 -2.64
N ALA A 50 -5.29 9.75 -1.51
CA ALA A 50 -5.44 10.47 -0.26
C ALA A 50 -4.08 10.83 0.34
N LEU A 51 -3.20 9.85 0.42
CA LEU A 51 -1.87 10.06 0.97
C LEU A 51 -1.05 10.97 0.08
N PHE A 52 -1.17 10.76 -1.24
CA PHE A 52 -0.44 11.56 -2.21
C PHE A 52 -0.91 13.01 -2.19
N ALA A 53 -2.22 13.19 -2.15
CA ALA A 53 -2.81 14.54 -2.12
C ALA A 53 -2.58 15.21 -0.78
N LYS A 54 -2.67 14.43 0.30
CA LYS A 54 -2.47 14.95 1.64
C LYS A 54 -0.99 14.97 2.01
N SER A 55 -0.16 14.49 1.08
CA SER A 55 1.29 14.45 1.31
C SER A 55 1.90 15.83 1.14
N SER A 56 1.84 16.35 -0.08
CA SER A 56 2.40 17.68 -0.37
C SER A 56 3.91 17.69 -0.16
N SER A 57 4.50 16.49 -0.09
CA SER A 57 5.93 16.36 0.10
C SER A 57 6.42 14.98 -0.33
N LYS A 58 7.48 14.95 -1.13
CA LYS A 58 8.05 13.71 -1.61
C LYS A 58 8.31 12.73 -0.46
N LYS A 59 8.69 13.28 0.69
CA LYS A 59 8.97 12.48 1.87
C LYS A 59 7.68 12.01 2.53
N GLU A 60 6.77 12.95 2.78
CA GLU A 60 5.49 12.63 3.40
C GLU A 60 4.71 11.62 2.56
N TYR A 61 4.92 11.66 1.25
CA TYR A 61 4.24 10.76 0.33
C TYR A 61 4.81 9.35 0.43
N MET A 62 6.11 9.23 0.20
CA MET A 62 6.79 7.93 0.27
C MET A 62 6.69 7.35 1.67
N ASP A 63 6.88 8.19 2.67
CA ASP A 63 6.81 7.75 4.06
C ASP A 63 5.40 7.27 4.41
N SER A 64 4.41 7.84 3.74
CA SER A 64 3.02 7.48 3.99
C SER A 64 2.73 6.07 3.48
N MET A 65 2.98 5.86 2.18
CA MET A 65 2.74 4.56 1.56
C MET A 65 3.69 3.51 2.13
N ASN A 66 4.94 3.89 2.32
CA ASN A 66 5.95 2.98 2.86
C ASN A 66 5.55 2.49 4.24
N GLU A 67 4.84 3.33 4.98
CA GLU A 67 4.40 2.99 6.33
C GLU A 67 3.19 2.05 6.28
N LYS A 68 2.30 2.30 5.32
CA LYS A 68 1.10 1.48 5.17
C LYS A 68 1.45 0.09 4.65
N VAL A 69 2.42 0.04 3.73
CA VAL A 69 2.85 -1.23 3.15
C VAL A 69 3.75 -2.00 4.11
N ALA A 70 4.58 -1.26 4.86
CA ALA A 70 5.48 -1.89 5.82
C ALA A 70 4.71 -2.55 6.96
N VAL A 71 3.64 -1.89 7.39
CA VAL A 71 2.81 -2.42 8.47
C VAL A 71 1.92 -3.55 7.98
N MET A 72 1.33 -3.36 6.81
CA MET A 72 0.44 -4.36 6.23
C MET A 72 1.22 -5.61 5.83
N ARG A 73 2.28 -5.42 5.04
CA ARG A 73 3.11 -6.53 4.59
C ARG A 73 3.73 -7.26 5.78
N ASN A 74 4.09 -6.50 6.81
CA ASN A 74 4.69 -7.09 8.00
C ASN A 74 3.73 -8.06 8.69
N THR A 75 2.54 -7.56 9.02
CA THR A 75 1.54 -8.38 9.68
C THR A 75 1.20 -9.61 8.85
N TYR A 76 1.44 -9.53 7.55
CA TYR A 76 1.17 -10.63 6.64
C TYR A 76 2.20 -11.75 6.82
N ASN A 77 3.48 -11.37 6.83
CA ASN A 77 4.56 -12.33 6.98
C ASN A 77 4.60 -12.88 8.41
N THR A 78 4.04 -12.12 9.35
CA THR A 78 4.01 -12.54 10.74
C THR A 78 2.86 -13.50 11.01
N ARG A 79 1.68 -13.16 10.50
CA ARG A 79 0.51 -14.00 10.68
C ARG A 79 0.68 -15.34 9.97
N LYS A 80 1.40 -15.32 8.85
CA LYS A 80 1.64 -16.54 8.08
C LYS A 80 2.79 -17.34 8.67
N ASN A 81 3.69 -16.66 9.37
CA ASN A 81 4.83 -17.32 10.00
C ASN A 81 4.39 -18.18 11.18
N ALA A 82 3.26 -17.82 11.77
CA ALA A 82 2.72 -18.56 12.91
C ALA A 82 1.85 -19.71 12.44
N VAL A 83 1.12 -19.50 11.35
CA VAL A 83 0.24 -20.53 10.80
C VAL A 83 1.04 -21.68 10.22
N THR A 84 2.24 -21.38 9.73
CA THR A 84 3.10 -22.39 9.13
C THR A 84 3.71 -23.29 10.20
N ALA A 85 3.89 -22.74 11.40
CA ALA A 85 4.46 -23.49 12.50
C ALA A 85 3.70 -24.80 12.73
N VAL A 1 4.86 20.79 -3.22
CA VAL A 1 5.57 21.81 -2.47
C VAL A 1 6.87 22.20 -3.16
N GLN A 2 7.74 21.21 -3.38
CA GLN A 2 9.02 21.45 -4.03
C GLN A 2 9.43 20.24 -4.87
N ASP A 3 9.26 19.05 -4.31
CA ASP A 3 9.62 17.83 -5.02
C ASP A 3 8.38 16.97 -5.28
N LYS A 4 7.40 17.07 -4.37
CA LYS A 4 6.17 16.31 -4.51
C LYS A 4 5.23 16.95 -5.53
N ASP A 5 5.35 18.27 -5.68
CA ASP A 5 4.52 19.00 -6.63
C ASP A 5 4.92 18.68 -8.07
N THR A 6 6.18 18.27 -8.24
CA THR A 6 6.68 17.93 -9.57
C THR A 6 6.67 16.42 -9.80
N LEU A 7 5.89 15.72 -8.99
CA LEU A 7 5.78 14.26 -9.10
C LEU A 7 5.00 13.87 -10.35
N SER A 8 5.45 12.83 -11.03
CA SER A 8 4.80 12.34 -12.24
C SER A 8 3.92 11.14 -11.93
N ASN A 9 3.42 10.49 -12.98
CA ASN A 9 2.57 9.33 -12.84
C ASN A 9 3.39 8.09 -12.44
N ALA A 10 4.69 8.14 -12.75
CA ALA A 10 5.58 7.04 -12.43
C ALA A 10 5.52 6.69 -10.94
N GLU A 11 5.76 7.70 -10.10
CA GLU A 11 5.74 7.50 -8.65
C GLU A 11 4.40 6.90 -8.20
N ARG A 12 3.35 7.20 -8.96
CA ARG A 12 2.01 6.69 -8.64
C ARG A 12 1.92 5.20 -8.94
N ALA A 13 2.52 4.79 -10.05
CA ALA A 13 2.51 3.38 -10.45
C ALA A 13 3.34 2.53 -9.51
N LYS A 14 4.42 3.11 -9.00
CA LYS A 14 5.31 2.40 -8.08
C LYS A 14 4.64 2.21 -6.73
N ASN A 15 4.13 3.28 -6.15
CA ASN A 15 3.46 3.22 -4.86
C ASN A 15 2.28 2.27 -4.90
N VAL A 16 1.62 2.20 -6.05
CA VAL A 16 0.47 1.32 -6.23
C VAL A 16 0.89 -0.14 -6.28
N ASN A 17 1.92 -0.42 -7.08
CA ASN A 17 2.42 -1.79 -7.22
C ASN A 17 2.79 -2.37 -5.86
N GLY A 18 3.50 -1.58 -5.05
CA GLY A 18 3.89 -2.04 -3.73
C GLY A 18 2.72 -2.26 -2.81
N LEU A 19 1.79 -1.31 -2.80
CA LEU A 19 0.61 -1.40 -1.95
C LEU A 19 -0.28 -2.56 -2.38
N LEU A 20 -0.32 -2.82 -3.69
CA LEU A 20 -1.13 -3.91 -4.23
C LEU A 20 -0.61 -5.26 -3.75
N GLN A 21 0.69 -5.49 -3.92
CA GLN A 21 1.30 -6.74 -3.50
C GLN A 21 1.12 -6.97 -2.00
N VAL A 22 1.20 -5.88 -1.24
CA VAL A 22 1.05 -5.95 0.21
C VAL A 22 -0.41 -6.17 0.60
N LEU A 23 -1.27 -5.24 0.21
CA LEU A 23 -2.70 -5.33 0.52
C LEU A 23 -3.24 -6.71 0.16
N MET A 24 -2.90 -7.19 -1.04
CA MET A 24 -3.36 -8.50 -1.49
C MET A 24 -2.77 -9.61 -0.63
N ASP A 25 -1.56 -9.38 -0.13
CA ASP A 25 -0.89 -10.37 0.71
C ASP A 25 -1.71 -10.67 1.96
N ILE A 26 -2.15 -9.62 2.65
CA ILE A 26 -2.94 -9.79 3.86
C ILE A 26 -4.38 -10.16 3.52
N ASN A 27 -4.94 -9.50 2.51
CA ASN A 27 -6.31 -9.77 2.09
C ASN A 27 -6.46 -11.21 1.62
N THR A 28 -5.35 -11.79 1.16
CA THR A 28 -5.36 -13.17 0.68
C THR A 28 -5.21 -14.16 1.83
N LEU A 29 -4.51 -13.74 2.87
CA LEU A 29 -4.30 -14.59 4.03
C LEU A 29 -5.63 -14.97 4.69
N ASN A 30 -6.55 -14.02 4.74
CA ASN A 30 -7.86 -14.26 5.33
C ASN A 30 -8.76 -13.04 5.15
N GLY A 31 -8.50 -12.26 4.11
CA GLY A 31 -9.30 -11.08 3.85
C GLY A 31 -10.31 -11.30 2.74
N GLY A 32 -10.34 -12.51 2.20
CA GLY A 32 -11.28 -12.82 1.14
C GLY A 32 -10.70 -13.79 0.13
N SER A 33 -9.44 -13.57 -0.25
CA SER A 33 -8.78 -14.45 -1.22
C SER A 33 -9.27 -14.16 -2.63
N SER A 34 -10.58 -14.35 -2.84
CA SER A 34 -11.18 -14.11 -4.14
C SER A 34 -11.53 -12.63 -4.33
N ASP A 35 -12.05 -12.02 -3.27
CA ASP A 35 -12.42 -10.62 -3.31
C ASP A 35 -11.21 -9.72 -3.07
N THR A 36 -10.03 -10.32 -3.07
CA THR A 36 -8.79 -9.58 -2.84
C THR A 36 -8.57 -8.53 -3.94
N ALA A 37 -8.82 -8.93 -5.18
CA ALA A 37 -8.65 -8.02 -6.31
C ALA A 37 -9.54 -6.79 -6.17
N ASP A 38 -10.72 -6.98 -5.59
CA ASP A 38 -11.66 -5.88 -5.40
C ASP A 38 -11.20 -4.98 -4.26
N LYS A 39 -10.92 -5.57 -3.11
CA LYS A 39 -10.46 -4.83 -1.94
C LYS A 39 -9.15 -4.12 -2.22
N ILE A 40 -8.21 -4.84 -2.83
CA ILE A 40 -6.90 -4.29 -3.16
C ILE A 40 -7.03 -3.15 -4.17
N ARG A 41 -8.03 -3.24 -5.04
CA ARG A 41 -8.26 -2.22 -6.06
C ARG A 41 -8.68 -0.90 -5.42
N ILE A 42 -9.67 -0.97 -4.54
CA ILE A 42 -10.17 0.22 -3.86
C ILE A 42 -9.23 0.66 -2.75
N HIS A 43 -8.58 -0.32 -2.11
CA HIS A 43 -7.63 -0.03 -1.04
C HIS A 43 -6.38 0.64 -1.58
N ALA A 44 -5.74 0.00 -2.55
CA ALA A 44 -4.53 0.54 -3.15
C ALA A 44 -4.79 1.88 -3.80
N LYS A 45 -5.89 1.98 -4.55
CA LYS A 45 -6.26 3.21 -5.23
C LYS A 45 -6.53 4.32 -4.22
N ASN A 46 -7.43 4.07 -3.29
CA ASN A 46 -7.77 5.05 -2.27
C ASN A 46 -6.55 5.47 -1.48
N PHE A 47 -5.78 4.48 -1.02
CA PHE A 47 -4.57 4.75 -0.24
C PHE A 47 -3.64 5.69 -1.00
N GLU A 48 -3.36 5.34 -2.25
CA GLU A 48 -2.47 6.16 -3.09
C GLU A 48 -2.94 7.60 -3.14
N ALA A 49 -4.24 7.79 -3.33
CA ALA A 49 -4.82 9.13 -3.40
C ALA A 49 -4.69 9.84 -2.05
N ALA A 50 -4.72 9.07 -0.98
CA ALA A 50 -4.60 9.62 0.37
C ALA A 50 -3.17 10.05 0.67
N LEU A 51 -2.23 9.15 0.41
CA LEU A 51 -0.82 9.42 0.66
C LEU A 51 -0.29 10.46 -0.33
N PHE A 52 -0.84 10.46 -1.54
CA PHE A 52 -0.42 11.41 -2.57
C PHE A 52 -0.99 12.80 -2.30
N ALA A 53 -2.29 12.86 -2.03
CA ALA A 53 -2.96 14.12 -1.74
C ALA A 53 -2.46 14.72 -0.43
N LYS A 54 -2.17 13.86 0.54
CA LYS A 54 -1.69 14.30 1.84
C LYS A 54 -0.17 14.41 1.85
N SER A 55 0.46 13.90 0.79
CA SER A 55 1.92 13.93 0.68
C SER A 55 2.45 15.34 0.90
N SER A 56 3.32 15.50 1.89
CA SER A 56 3.89 16.80 2.21
C SER A 56 5.15 17.04 1.38
N SER A 57 5.72 15.98 0.84
CA SER A 57 6.93 16.08 0.03
C SER A 57 7.33 14.71 -0.52
N LYS A 58 8.30 14.71 -1.43
CA LYS A 58 8.78 13.47 -2.03
C LYS A 58 9.14 12.45 -0.96
N LYS A 59 9.65 12.93 0.18
CA LYS A 59 10.04 12.07 1.28
C LYS A 59 8.80 11.59 2.05
N GLU A 60 7.78 12.45 2.12
CA GLU A 60 6.56 12.11 2.83
C GLU A 60 5.72 11.11 2.03
N TYR A 61 5.81 11.20 0.70
CA TYR A 61 5.07 10.31 -0.18
C TYR A 61 5.63 8.89 -0.11
N MET A 62 6.94 8.76 -0.32
CA MET A 62 7.58 7.45 -0.29
C MET A 62 7.51 6.85 1.10
N ASP A 63 7.73 7.68 2.12
CA ASP A 63 7.68 7.22 3.51
C ASP A 63 6.25 6.83 3.90
N SER A 64 5.28 7.43 3.23
CA SER A 64 3.88 7.15 3.51
C SER A 64 3.48 5.77 3.01
N MET A 65 3.78 5.50 1.74
CA MET A 65 3.46 4.21 1.13
C MET A 65 4.37 3.12 1.67
N ASN A 66 5.65 3.44 1.79
CA ASN A 66 6.63 2.47 2.30
C ASN A 66 6.30 2.04 3.72
N GLU A 67 5.70 2.95 4.48
CA GLU A 67 5.32 2.67 5.86
C GLU A 67 4.02 1.87 5.92
N LYS A 68 3.15 2.11 4.95
CA LYS A 68 1.87 1.41 4.89
C LYS A 68 2.05 0.00 4.37
N VAL A 69 2.95 -0.17 3.41
CA VAL A 69 3.22 -1.48 2.82
C VAL A 69 4.05 -2.34 3.76
N ALA A 70 5.02 -1.72 4.43
CA ALA A 70 5.88 -2.43 5.37
C ALA A 70 5.10 -2.87 6.60
N VAL A 71 4.20 -2.01 7.07
CA VAL A 71 3.40 -2.30 8.25
C VAL A 71 2.30 -3.32 7.92
N MET A 72 1.72 -3.19 6.74
CA MET A 72 0.66 -4.08 6.29
C MET A 72 1.21 -5.47 6.00
N ARG A 73 2.21 -5.54 5.12
CA ARG A 73 2.83 -6.80 4.76
C ARG A 73 3.39 -7.52 5.99
N ASN A 74 3.88 -6.74 6.94
CA ASN A 74 4.44 -7.29 8.17
C ASN A 74 3.35 -7.94 9.02
N THR A 75 2.21 -7.27 9.13
CA THR A 75 1.09 -7.78 9.92
C THR A 75 0.58 -9.09 9.35
N TYR A 76 0.75 -9.27 8.04
CA TYR A 76 0.30 -10.48 7.37
C TYR A 76 1.25 -11.64 7.65
N ASN A 77 2.54 -11.38 7.52
CA ASN A 77 3.56 -12.41 7.76
C ASN A 77 3.64 -12.76 9.24
N THR A 78 3.20 -11.84 10.09
CA THR A 78 3.23 -12.05 11.54
C THR A 78 1.97 -12.79 11.99
N ARG A 79 0.82 -12.34 11.53
CA ARG A 79 -0.45 -12.96 11.89
C ARG A 79 -0.52 -14.40 11.39
N LYS A 80 0.04 -14.64 10.21
CA LYS A 80 0.05 -15.97 9.62
C LYS A 80 1.12 -16.84 10.26
N ASN A 81 2.16 -16.20 10.78
CA ASN A 81 3.26 -16.93 11.41
C ASN A 81 2.75 -17.81 12.54
N ALA A 82 1.72 -17.33 13.25
CA ALA A 82 1.14 -18.08 14.34
C ALA A 82 0.06 -19.04 13.85
N VAL A 83 -0.68 -18.61 12.82
CA VAL A 83 -1.75 -19.43 12.26
C VAL A 83 -1.18 -20.72 11.66
N THR A 84 -0.12 -20.59 10.88
CA THR A 84 0.51 -21.74 10.25
C THR A 84 1.16 -22.65 11.29
N ALA A 85 1.61 -22.06 12.39
CA ALA A 85 2.26 -22.81 13.46
C ALA A 85 1.27 -23.77 14.11
#